data_4UMC
#
_entry.id   4UMC
#
_cell.length_a   73.421
_cell.length_b   137.013
_cell.length_c   76.476
_cell.angle_alpha   90.00
_cell.angle_beta   96.48
_cell.angle_gamma   90.00
#
_symmetry.space_group_name_H-M   'P 1 21 1'
#
loop_
_entity.id
_entity.type
_entity.pdbx_description
1 polymer 'PHOSPHO-2-DEHYDRO-3-DEOXYHEPTONATE ALDOLASE'
2 non-polymer 'MANGANESE (II) ION'
3 non-polymer 'PHOSPHATE ION'
4 non-polymer L-PHOSPHOLACTATE
5 water water
#
_entity_poly.entity_id   1
_entity_poly.type   'polypeptide(L)'
_entity_poly.pdbx_seq_one_letter_code
;MTHHYPTDDIKIKEVKELLPPIAHLYELPISKEASGLVHRTRQEISDLVHGRDKRLLVIIGPCSIHDPKAALEYAERLLK
LRKQYENELLIVMRVYFEKPRTTVGWKGLINDPHLDGTFDINFGLRQARSLLLSLNNMGMPASTEFLDMITPQYYADLIS
WGAIGARTTESQVHRELASGLSCPVGFKNGTDGNLKIAIDAIGAASHSHHFLSVTKAGHSAIVHTGGNPDCHVILRGGKE
PNYDAEHVSEAAEQLRAAGVTDKLMIDCSHANSRKDYTRQMEVAQDIAAQLEQDGGNIMGVMVESHLVEGRQDKPEVYGK
SITDACIGWGATEELLALLAGANKKRMARAS
;
_entity_poly.pdbx_strand_id   A,B,C,D
#
# COMPACT_ATOMS: atom_id res chain seq x y z
N LYS A 16 -4.51 14.01 -1.59
CA LYS A 16 -5.09 13.77 -0.23
C LYS A 16 -5.09 12.24 0.23
N GLU A 17 -5.24 12.02 1.56
CA GLU A 17 -5.12 10.67 2.19
C GLU A 17 -6.39 9.83 2.16
N LEU A 18 -6.58 9.06 1.09
CA LEU A 18 -7.73 8.17 0.95
C LEU A 18 -7.71 6.97 1.86
N LEU A 19 -8.78 6.77 2.61
CA LEU A 19 -8.93 5.56 3.42
C LEU A 19 -9.31 4.41 2.52
N PRO A 20 -8.73 3.24 2.77
CA PRO A 20 -9.04 2.08 1.96
C PRO A 20 -10.39 1.51 2.31
N PRO A 21 -10.98 0.72 1.41
CA PRO A 21 -12.25 0.05 1.71
C PRO A 21 -12.28 -0.66 3.05
N ILE A 22 -11.24 -1.41 3.43
CA ILE A 22 -11.29 -2.10 4.73
C ILE A 22 -11.58 -1.20 5.93
N ALA A 23 -11.29 0.10 5.83
CA ALA A 23 -11.50 0.98 6.95
C ALA A 23 -13.01 1.17 7.13
N HIS A 24 -13.70 1.36 6.02
CA HIS A 24 -15.13 1.52 6.03
C HIS A 24 -15.83 0.23 6.30
N LEU A 25 -15.29 -0.89 5.80
CA LEU A 25 -15.90 -2.20 6.11
C LEU A 25 -15.80 -2.56 7.59
N TYR A 26 -14.75 -2.07 8.25
CA TYR A 26 -14.56 -2.32 9.67
C TYR A 26 -15.60 -1.56 10.52
N GLU A 27 -15.89 -0.31 10.15
CA GLU A 27 -16.84 0.50 10.87
C GLU A 27 -18.26 0.09 10.56
N LEU A 28 -18.47 -0.36 9.33
CA LEU A 28 -19.80 -0.68 8.88
C LEU A 28 -19.82 -2.02 8.20
N PRO A 29 -19.60 -3.08 8.96
CA PRO A 29 -19.70 -4.38 8.35
C PRO A 29 -21.11 -4.69 7.88
N ILE A 30 -21.22 -5.43 6.80
CA ILE A 30 -22.53 -5.85 6.34
C ILE A 30 -23.13 -6.76 7.39
N SER A 31 -24.43 -6.65 7.61
CA SER A 31 -25.12 -7.46 8.62
C SER A 31 -25.63 -8.76 8.00
N LYS A 32 -25.96 -9.76 8.84
CA LYS A 32 -26.65 -10.99 8.36
C LYS A 32 -27.87 -10.63 7.51
N GLU A 33 -28.66 -9.64 7.96
CA GLU A 33 -29.89 -9.29 7.29
C GLU A 33 -29.65 -8.64 5.93
N ALA A 34 -28.75 -7.67 5.89
CA ALA A 34 -28.46 -6.97 4.64
C ALA A 34 -27.85 -7.95 3.66
N SER A 35 -26.97 -8.77 4.17
CA SER A 35 -26.30 -9.74 3.34
C SER A 35 -27.29 -10.65 2.67
N GLY A 36 -28.30 -11.08 3.44
CA GLY A 36 -29.31 -12.01 2.94
C GLY A 36 -30.21 -11.34 1.93
N LEU A 37 -30.55 -10.08 2.17
CA LEU A 37 -31.41 -9.33 1.25
C LEU A 37 -30.71 -9.11 -0.10
N VAL A 38 -29.44 -8.77 -0.05
CA VAL A 38 -28.68 -8.56 -1.26
C VAL A 38 -28.61 -9.87 -2.04
N HIS A 39 -28.16 -10.92 -1.37
CA HIS A 39 -28.02 -12.21 -2.00
C HIS A 39 -29.31 -12.63 -2.68
N ARG A 40 -30.40 -12.56 -1.93
N ARG A 40 -30.40 -12.57 -1.93
CA ARG A 40 -31.73 -12.89 -2.42
CA ARG A 40 -31.71 -12.97 -2.42
C ARG A 40 -32.15 -12.09 -3.64
C ARG A 40 -32.17 -12.10 -3.61
N THR A 41 -32.03 -10.79 -3.49
CA THR A 41 -32.51 -9.87 -4.51
C THR A 41 -31.72 -10.04 -5.82
N ARG A 42 -30.42 -10.29 -5.72
CA ARG A 42 -29.64 -10.52 -6.92
C ARG A 42 -30.13 -11.77 -7.65
N GLN A 43 -30.41 -12.83 -6.89
CA GLN A 43 -30.98 -14.05 -7.47
C GLN A 43 -32.32 -13.78 -8.16
N GLU A 44 -33.18 -13.06 -7.45
CA GLU A 44 -34.53 -12.82 -7.93
C GLU A 44 -34.47 -12.04 -9.25
N ILE A 45 -33.49 -11.16 -9.34
CA ILE A 45 -33.30 -10.37 -10.56
C ILE A 45 -32.74 -11.22 -11.69
N SER A 46 -31.75 -12.03 -11.36
CA SER A 46 -31.22 -13.02 -12.27
C SER A 46 -32.37 -13.78 -12.94
N ASP A 47 -33.30 -14.28 -12.13
CA ASP A 47 -34.47 -14.97 -12.65
C ASP A 47 -35.30 -14.17 -13.67
N LEU A 48 -35.34 -12.85 -13.50
CA LEU A 48 -36.10 -12.01 -14.42
C LEU A 48 -35.38 -11.85 -15.72
N VAL A 49 -34.06 -11.68 -15.61
CA VAL A 49 -33.21 -11.50 -16.75
C VAL A 49 -33.21 -12.70 -17.68
N HIS A 50 -33.28 -13.90 -17.10
CA HIS A 50 -33.23 -15.10 -17.89
C HIS A 50 -34.60 -15.72 -18.15
N GLY A 51 -35.65 -14.95 -17.90
CA GLY A 51 -37.01 -15.41 -18.21
C GLY A 51 -37.63 -16.48 -17.32
N ARG A 52 -37.07 -16.73 -16.14
CA ARG A 52 -37.60 -17.73 -15.24
C ARG A 52 -38.72 -17.19 -14.31
N ASP A 53 -38.95 -15.88 -14.32
CA ASP A 53 -39.99 -15.27 -13.50
C ASP A 53 -40.49 -14.03 -14.21
N LYS A 54 -41.79 -13.80 -14.15
CA LYS A 54 -42.43 -12.81 -14.98
C LYS A 54 -42.79 -11.53 -14.21
N ARG A 55 -42.35 -11.46 -12.97
CA ARG A 55 -42.48 -10.22 -12.22
C ARG A 55 -41.71 -9.13 -12.94
N LEU A 56 -42.04 -7.90 -12.64
CA LEU A 56 -41.43 -6.78 -13.32
C LEU A 56 -40.48 -6.06 -12.39
N LEU A 57 -39.20 -6.07 -12.69
CA LEU A 57 -38.23 -5.31 -11.87
C LEU A 57 -38.52 -3.82 -12.01
N VAL A 58 -38.55 -3.09 -10.89
CA VAL A 58 -38.73 -1.66 -10.97
C VAL A 58 -37.67 -0.92 -10.18
N ILE A 59 -36.80 -0.25 -10.93
CA ILE A 59 -35.71 0.54 -10.39
C ILE A 59 -36.22 1.96 -10.30
N ILE A 60 -36.44 2.42 -9.09
CA ILE A 60 -37.19 3.65 -8.87
C ILE A 60 -36.65 4.41 -7.67
N GLY A 61 -36.59 5.72 -7.81
CA GLY A 61 -35.99 6.56 -6.80
C GLY A 61 -35.43 7.81 -7.44
N PRO A 62 -34.68 8.61 -6.68
CA PRO A 62 -34.09 9.84 -7.16
C PRO A 62 -33.09 9.69 -8.28
N CYS A 63 -32.94 10.75 -9.05
CA CYS A 63 -31.91 10.76 -10.09
C CYS A 63 -30.59 10.61 -9.35
N SER A 64 -30.41 11.38 -8.26
CA SER A 64 -29.22 11.31 -7.45
C SER A 64 -29.56 11.48 -6.00
N ILE A 65 -28.80 10.83 -5.14
CA ILE A 65 -28.91 11.05 -3.70
C ILE A 65 -28.05 12.23 -3.32
N HIS A 66 -28.66 13.29 -2.81
CA HIS A 66 -27.89 14.37 -2.21
C HIS A 66 -28.11 14.54 -0.70
N ASP A 67 -29.18 13.93 -0.17
CA ASP A 67 -29.41 13.95 1.26
C ASP A 67 -29.91 12.59 1.79
N PRO A 68 -29.15 11.97 2.69
CA PRO A 68 -29.53 10.68 3.23
C PRO A 68 -30.82 10.70 4.02
N LYS A 69 -31.10 11.78 4.74
CA LYS A 69 -32.35 11.83 5.58
C LYS A 69 -33.57 11.60 4.71
N ALA A 70 -33.65 12.37 3.65
CA ALA A 70 -34.72 12.27 2.71
C ALA A 70 -34.78 10.91 2.06
N ALA A 71 -33.63 10.34 1.81
CA ALA A 71 -33.57 9.09 1.09
C ALA A 71 -34.11 8.02 1.98
N LEU A 72 -33.74 8.07 3.26
CA LEU A 72 -34.31 7.13 4.24
C LEU A 72 -35.83 7.28 4.36
N GLU A 73 -36.33 8.53 4.32
CA GLU A 73 -37.76 8.74 4.39
C GLU A 73 -38.46 8.19 3.14
N TYR A 74 -37.88 8.46 1.96
CA TYR A 74 -38.36 7.93 0.69
C TYR A 74 -38.42 6.40 0.76
N ALA A 75 -37.34 5.79 1.22
CA ALA A 75 -37.25 4.35 1.28
C ALA A 75 -38.35 3.77 2.14
N GLU A 76 -38.57 4.41 3.30
CA GLU A 76 -39.64 4.01 4.24
C GLU A 76 -41.00 3.89 3.51
N ARG A 77 -41.35 4.91 2.74
CA ARG A 77 -42.60 4.88 1.99
C ARG A 77 -42.61 3.81 0.91
N LEU A 78 -41.51 3.71 0.17
CA LEU A 78 -41.42 2.81 -0.97
C LEU A 78 -41.47 1.38 -0.48
N LEU A 79 -40.88 1.14 0.68
CA LEU A 79 -40.90 -0.18 1.27
C LEU A 79 -42.30 -0.77 1.38
N LYS A 80 -43.30 0.04 1.72
CA LYS A 80 -44.68 -0.45 1.81
C LYS A 80 -45.25 -0.87 0.46
N LEU A 81 -44.90 -0.15 -0.59
CA LEU A 81 -45.32 -0.55 -1.92
C LEU A 81 -44.54 -1.77 -2.44
N ARG A 82 -43.27 -1.86 -2.10
CA ARG A 82 -42.49 -3.05 -2.44
C ARG A 82 -43.14 -4.32 -1.85
N LYS A 83 -43.61 -4.25 -0.58
CA LYS A 83 -44.29 -5.38 0.08
C LYS A 83 -45.68 -5.61 -0.55
N GLN A 84 -46.43 -4.52 -0.72
CA GLN A 84 -47.78 -4.62 -1.25
C GLN A 84 -47.81 -5.30 -2.60
N TYR A 85 -46.84 -4.98 -3.45
CA TYR A 85 -46.87 -5.38 -4.84
C TYR A 85 -45.88 -6.52 -5.16
N GLU A 86 -45.37 -7.16 -4.11
CA GLU A 86 -44.27 -8.12 -4.26
C GLU A 86 -44.58 -9.32 -5.18
N ASN A 87 -45.85 -9.59 -5.45
CA ASN A 87 -46.22 -10.71 -6.33
C ASN A 87 -46.19 -10.37 -7.80
N GLU A 88 -46.25 -9.07 -8.08
CA GLU A 88 -46.26 -8.53 -9.44
C GLU A 88 -45.00 -7.77 -9.78
N LEU A 89 -44.49 -7.01 -8.82
CA LEU A 89 -43.31 -6.19 -9.01
C LEU A 89 -42.20 -6.55 -8.03
N LEU A 90 -40.96 -6.34 -8.48
CA LEU A 90 -39.80 -6.43 -7.62
C LEU A 90 -39.24 -5.05 -7.59
N ILE A 91 -39.52 -4.34 -6.51
CA ILE A 91 -39.13 -2.94 -6.34
C ILE A 91 -37.79 -2.82 -5.64
N VAL A 92 -36.94 -1.99 -6.24
CA VAL A 92 -35.58 -1.73 -5.81
C VAL A 92 -35.31 -0.23 -5.97
N MET A 93 -34.69 0.37 -4.96
CA MET A 93 -34.53 1.80 -4.96
C MET A 93 -33.32 2.24 -5.77
N ARG A 94 -33.48 3.33 -6.53
CA ARG A 94 -32.36 4.04 -7.12
C ARG A 94 -31.64 4.76 -5.99
N VAL A 95 -30.40 4.38 -5.75
CA VAL A 95 -29.59 5.06 -4.78
C VAL A 95 -28.30 5.45 -5.51
N TYR A 96 -28.39 6.45 -6.38
CA TYR A 96 -27.26 6.84 -7.26
C TYR A 96 -26.28 7.81 -6.59
N PHE A 97 -25.04 7.35 -6.43
CA PHE A 97 -24.00 8.11 -5.78
C PHE A 97 -23.00 8.79 -6.73
N GLU A 98 -23.02 8.39 -8.01
CA GLU A 98 -22.07 8.88 -9.03
C GLU A 98 -22.84 9.34 -10.28
N LYS A 99 -22.62 10.60 -10.68
CA LYS A 99 -23.36 11.21 -11.79
C LYS A 99 -22.39 11.64 -12.94
N PRO A 100 -22.69 11.22 -14.17
CA PRO A 100 -21.90 11.64 -15.33
C PRO A 100 -22.43 12.90 -15.92
N ARG A 101 -21.60 13.93 -15.89
CA ARG A 101 -21.92 15.24 -16.46
C ARG A 101 -21.66 15.34 -17.96
N THR A 102 -22.44 16.20 -18.60
CA THR A 102 -22.34 16.53 -20.02
C THR A 102 -21.03 17.22 -20.25
N THR A 103 -20.73 18.22 -19.42
CA THR A 103 -19.40 18.81 -19.39
C THR A 103 -18.81 18.70 -17.99
N VAL A 104 -19.14 19.67 -17.15
CA VAL A 104 -18.74 19.67 -15.76
C VAL A 104 -19.98 19.84 -14.90
N GLY A 105 -19.78 19.69 -13.59
CA GLY A 105 -20.87 19.70 -12.63
C GLY A 105 -20.63 18.77 -11.43
N TRP A 106 -21.60 18.80 -10.53
CA TRP A 106 -21.54 18.03 -9.30
C TRP A 106 -21.66 16.57 -9.69
N LYS A 107 -20.66 15.78 -9.32
CA LYS A 107 -20.61 14.35 -9.75
C LYS A 107 -21.27 13.38 -8.78
N GLY A 108 -21.86 13.90 -7.71
CA GLY A 108 -22.62 13.07 -6.80
C GLY A 108 -22.11 13.10 -5.38
N LEU A 109 -22.75 12.33 -4.53
CA LEU A 109 -22.54 12.45 -3.08
C LEU A 109 -21.13 12.00 -2.68
N ILE A 110 -20.67 10.93 -3.29
CA ILE A 110 -19.35 10.44 -2.97
C ILE A 110 -18.32 11.51 -3.29
N ASN A 111 -18.36 12.04 -4.51
CA ASN A 111 -17.37 13.03 -4.94
C ASN A 111 -17.41 14.34 -4.16
N ASP A 112 -18.61 14.85 -3.91
CA ASP A 112 -18.80 16.11 -3.19
C ASP A 112 -19.95 16.05 -2.19
N PRO A 113 -19.76 15.39 -1.05
CA PRO A 113 -20.88 15.17 -0.11
C PRO A 113 -21.51 16.46 0.44
N HIS A 114 -20.68 17.45 0.74
CA HIS A 114 -21.12 18.71 1.31
C HIS A 114 -21.79 19.64 0.30
N LEU A 115 -21.73 19.26 -0.97
CA LEU A 115 -22.32 20.04 -2.06
C LEU A 115 -21.72 21.44 -2.24
N ASP A 116 -20.49 21.63 -1.80
CA ASP A 116 -19.87 22.96 -1.81
C ASP A 116 -18.52 23.07 -2.52
N GLY A 117 -18.14 22.06 -3.28
CA GLY A 117 -16.81 22.00 -3.87
C GLY A 117 -15.64 21.78 -2.93
N THR A 118 -15.87 21.02 -1.87
CA THR A 118 -14.79 20.64 -0.95
C THR A 118 -14.27 19.22 -1.26
N PHE A 119 -15.04 18.45 -2.00
CA PHE A 119 -14.58 17.15 -2.45
C PHE A 119 -14.06 16.29 -1.32
N ASP A 120 -14.87 16.15 -0.28
CA ASP A 120 -14.52 15.39 0.91
C ASP A 120 -14.90 13.93 0.71
N ILE A 121 -14.10 13.25 -0.10
CA ILE A 121 -14.45 11.94 -0.61
C ILE A 121 -14.47 10.87 0.46
N ASN A 122 -13.61 11.01 1.45
CA ASN A 122 -13.60 10.07 2.54
C ASN A 122 -14.95 10.08 3.27
N PHE A 123 -15.48 11.26 3.53
CA PHE A 123 -16.78 11.41 4.14
C PHE A 123 -17.85 10.86 3.20
N GLY A 124 -17.77 11.22 1.95
CA GLY A 124 -18.77 10.81 0.98
C GLY A 124 -18.94 9.33 0.94
N LEU A 125 -17.83 8.63 0.94
CA LEU A 125 -17.86 7.17 0.84
C LEU A 125 -18.41 6.54 2.10
N ARG A 126 -18.03 7.12 3.22
CA ARG A 126 -18.60 6.70 4.50
C ARG A 126 -20.11 6.88 4.52
N GLN A 127 -20.56 8.07 4.10
CA GLN A 127 -21.98 8.36 4.11
C GLN A 127 -22.76 7.46 3.16
N ALA A 128 -22.17 7.17 2.01
CA ALA A 128 -22.79 6.29 1.06
C ALA A 128 -22.95 4.88 1.61
N ARG A 129 -21.91 4.37 2.23
CA ARG A 129 -21.98 3.01 2.76
C ARG A 129 -23.02 2.95 3.87
N SER A 130 -23.01 3.95 4.74
CA SER A 130 -23.94 4.01 5.89
C SER A 130 -25.37 3.96 5.42
N LEU A 131 -25.66 4.82 4.45
CA LEU A 131 -27.00 4.86 3.89
C LEU A 131 -27.40 3.53 3.29
N LEU A 132 -26.49 2.92 2.55
CA LEU A 132 -26.79 1.65 1.90
C LEU A 132 -27.01 0.56 2.92
N LEU A 133 -26.21 0.58 3.98
CA LEU A 133 -26.37 -0.41 5.03
C LEU A 133 -27.76 -0.25 5.68
N SER A 134 -28.13 1.01 6.00
CA SER A 134 -29.41 1.30 6.63
C SER A 134 -30.56 0.87 5.74
N LEU A 135 -30.46 1.17 4.45
CA LEU A 135 -31.47 0.77 3.49
C LEU A 135 -31.70 -0.73 3.45
N ASN A 136 -30.60 -1.47 3.33
CA ASN A 136 -30.74 -2.91 3.30
C ASN A 136 -31.25 -3.43 4.61
N ASN A 137 -30.80 -2.85 5.71
CA ASN A 137 -31.28 -3.25 7.03
C ASN A 137 -32.78 -3.06 7.23
N MET A 138 -33.39 -2.08 6.58
CA MET A 138 -34.82 -1.84 6.76
C MET A 138 -35.66 -2.67 5.80
N GLY A 139 -35.02 -3.33 4.85
CA GLY A 139 -35.69 -4.20 3.89
C GLY A 139 -35.70 -3.71 2.44
N MET A 140 -35.02 -2.59 2.17
CA MET A 140 -35.03 -1.97 0.85
C MET A 140 -33.73 -2.22 0.12
N PRO A 141 -33.78 -2.97 -0.99
CA PRO A 141 -32.58 -3.16 -1.76
C PRO A 141 -32.20 -1.94 -2.59
N ALA A 142 -30.91 -1.86 -2.91
CA ALA A 142 -30.39 -0.68 -3.54
C ALA A 142 -29.74 -0.97 -4.88
N SER A 143 -29.78 0.03 -5.74
CA SER A 143 -29.19 -0.01 -7.03
C SER A 143 -28.46 1.30 -7.25
N THR A 144 -27.46 1.29 -8.13
CA THR A 144 -26.74 2.53 -8.42
C THR A 144 -26.13 2.42 -9.79
N GLU A 145 -25.63 3.54 -10.31
CA GLU A 145 -24.82 3.49 -11.52
C GLU A 145 -23.39 3.35 -11.10
N PHE A 146 -22.68 2.43 -11.71
CA PHE A 146 -21.25 2.30 -11.45
C PHE A 146 -20.49 3.11 -12.48
N LEU A 147 -19.95 4.24 -12.05
CA LEU A 147 -19.23 5.15 -12.93
C LEU A 147 -17.72 5.10 -12.70
N ASP A 148 -17.27 5.28 -11.45
N ASP A 148 -17.28 5.27 -11.46
CA ASP A 148 -15.83 5.32 -11.09
CA ASP A 148 -15.89 5.34 -11.11
C ASP A 148 -15.30 3.89 -10.97
C ASP A 148 -15.31 3.91 -10.94
N MET A 149 -14.01 3.72 -11.18
CA MET A 149 -13.39 2.37 -11.15
C MET A 149 -13.00 1.90 -9.77
N ILE A 150 -12.80 2.84 -8.86
CA ILE A 150 -12.19 2.52 -7.57
C ILE A 150 -13.18 2.57 -6.39
N THR A 151 -14.23 3.38 -6.52
CA THR A 151 -15.24 3.47 -5.48
C THR A 151 -16.04 2.19 -5.23
N PRO A 152 -16.32 1.37 -6.25
CA PRO A 152 -17.18 0.19 -5.99
C PRO A 152 -16.72 -0.73 -4.85
N GLN A 153 -15.43 -0.86 -4.64
CA GLN A 153 -14.95 -1.71 -3.56
C GLN A 153 -15.51 -1.28 -2.17
N TYR A 154 -15.80 0.00 -2.03
CA TYR A 154 -16.40 0.53 -0.79
C TYR A 154 -17.84 0.10 -0.47
N TYR A 155 -18.71 0.05 -1.48
CA TYR A 155 -20.12 -0.20 -1.25
C TYR A 155 -20.79 -1.29 -2.10
N ALA A 156 -20.02 -2.00 -2.93
CA ALA A 156 -20.60 -2.90 -3.92
C ALA A 156 -21.40 -4.03 -3.27
N ASP A 157 -20.90 -4.50 -2.14
CA ASP A 157 -21.50 -5.60 -1.39
C ASP A 157 -22.92 -5.28 -0.94
N LEU A 158 -23.30 -4.01 -0.97
CA LEU A 158 -24.63 -3.60 -0.57
C LEU A 158 -25.52 -3.30 -1.75
N ILE A 159 -25.12 -3.65 -2.97
CA ILE A 159 -25.89 -3.28 -4.15
C ILE A 159 -26.47 -4.51 -4.79
N SER A 160 -27.74 -4.44 -5.18
CA SER A 160 -28.45 -5.57 -5.72
C SER A 160 -28.57 -5.49 -7.22
N TRP A 161 -28.38 -4.31 -7.78
CA TRP A 161 -28.39 -4.13 -9.22
C TRP A 161 -27.66 -2.88 -9.62
N GLY A 162 -27.01 -2.94 -10.76
CA GLY A 162 -26.09 -1.89 -11.17
C GLY A 162 -26.40 -1.45 -12.56
N ALA A 163 -26.24 -0.16 -12.83
CA ALA A 163 -26.32 0.31 -14.19
C ALA A 163 -25.00 0.82 -14.67
N ILE A 164 -24.75 0.59 -15.96
CA ILE A 164 -23.68 1.26 -16.67
C ILE A 164 -24.32 2.23 -17.61
N GLY A 165 -23.96 3.49 -17.44
CA GLY A 165 -24.67 4.58 -18.11
C GLY A 165 -24.51 4.65 -19.61
N ALA A 166 -25.37 5.44 -20.22
CA ALA A 166 -25.40 5.60 -21.66
C ALA A 166 -24.02 6.07 -22.18
N ARG A 167 -23.35 6.88 -21.39
CA ARG A 167 -22.09 7.51 -21.76
C ARG A 167 -20.89 6.65 -21.55
N THR A 168 -21.08 5.51 -20.88
CA THR A 168 -19.98 4.61 -20.56
C THR A 168 -20.19 3.16 -21.00
N THR A 169 -21.30 2.87 -21.65
CA THR A 169 -21.61 1.52 -22.08
C THR A 169 -20.58 0.99 -23.07
N GLU A 170 -20.12 1.86 -23.95
CA GLU A 170 -19.17 1.49 -25.00
C GLU A 170 -17.76 1.36 -24.43
N SER A 171 -17.53 1.83 -23.21
CA SER A 171 -16.20 1.82 -22.61
C SER A 171 -15.78 0.47 -22.07
N GLN A 172 -14.57 0.06 -22.44
CA GLN A 172 -14.10 -1.27 -22.12
C GLN A 172 -13.80 -1.41 -20.66
N VAL A 173 -13.38 -0.33 -19.99
CA VAL A 173 -13.04 -0.41 -18.59
C VAL A 173 -14.34 -0.62 -17.74
N HIS A 174 -15.45 -0.09 -18.23
CA HIS A 174 -16.75 -0.29 -17.59
C HIS A 174 -17.28 -1.67 -17.85
N ARG A 175 -17.05 -2.18 -19.04
CA ARG A 175 -17.40 -3.57 -19.31
C ARG A 175 -16.58 -4.54 -18.47
N GLU A 176 -15.32 -4.20 -18.25
CA GLU A 176 -14.43 -4.97 -17.39
C GLU A 176 -14.98 -5.01 -15.96
N LEU A 177 -15.26 -3.83 -15.44
CA LEU A 177 -15.84 -3.66 -14.07
C LEU A 177 -17.09 -4.49 -13.90
N ALA A 178 -17.99 -4.38 -14.87
CA ALA A 178 -19.22 -5.14 -14.90
C ALA A 178 -18.96 -6.61 -14.85
N SER A 179 -17.95 -7.06 -15.57
CA SER A 179 -17.64 -8.47 -15.66
C SER A 179 -17.33 -9.07 -14.31
N GLY A 180 -16.95 -8.23 -13.36
CA GLY A 180 -16.55 -8.68 -12.02
C GLY A 180 -17.54 -8.35 -10.90
N LEU A 181 -18.63 -7.66 -11.22
CA LEU A 181 -19.63 -7.40 -10.22
C LEU A 181 -20.43 -8.66 -9.97
N SER A 182 -20.81 -8.85 -8.72
CA SER A 182 -21.62 -10.00 -8.34
C SER A 182 -23.10 -9.75 -8.50
N CYS A 183 -23.48 -8.54 -8.92
CA CYS A 183 -24.89 -8.24 -9.12
C CYS A 183 -25.21 -8.16 -10.60
N PRO A 184 -26.48 -8.35 -10.95
CA PRO A 184 -26.89 -8.11 -12.30
C PRO A 184 -26.61 -6.69 -12.71
N VAL A 185 -26.45 -6.48 -14.01
CA VAL A 185 -26.06 -5.18 -14.53
C VAL A 185 -26.87 -4.85 -15.79
N GLY A 186 -27.35 -3.61 -15.85
CA GLY A 186 -28.05 -3.11 -17.01
C GLY A 186 -27.14 -2.18 -17.79
N PHE A 187 -27.03 -2.42 -19.09
CA PHE A 187 -26.29 -1.53 -19.95
C PHE A 187 -27.26 -0.70 -20.77
N LYS A 188 -27.08 0.61 -20.70
CA LYS A 188 -27.96 1.53 -21.39
C LYS A 188 -27.51 1.77 -22.80
N ASN A 189 -28.46 1.96 -23.71
CA ASN A 189 -28.12 2.36 -25.04
C ASN A 189 -27.48 3.73 -25.03
N GLY A 190 -26.77 4.06 -26.11
CA GLY A 190 -25.99 5.29 -26.18
C GLY A 190 -26.86 6.55 -26.25
N THR A 191 -26.25 7.71 -26.00
CA THR A 191 -27.02 8.93 -25.84
C THR A 191 -27.72 9.35 -27.12
N ASP A 192 -27.28 8.87 -28.28
CA ASP A 192 -28.01 9.13 -29.52
C ASP A 192 -28.85 7.94 -29.99
N GLY A 193 -28.99 6.91 -29.16
CA GLY A 193 -29.91 5.82 -29.45
C GLY A 193 -29.27 4.53 -29.94
N ASN A 194 -27.93 4.46 -29.91
CA ASN A 194 -27.27 3.24 -30.39
C ASN A 194 -27.53 2.08 -29.41
N LEU A 195 -28.26 1.07 -29.86
CA LEU A 195 -28.47 -0.11 -29.08
C LEU A 195 -27.37 -1.17 -29.20
N LYS A 196 -26.74 -1.28 -30.35
CA LYS A 196 -25.71 -2.32 -30.52
C LYS A 196 -24.60 -2.24 -29.47
N ILE A 197 -24.23 -1.04 -29.03
CA ILE A 197 -23.18 -0.95 -28.04
C ILE A 197 -23.56 -1.66 -26.73
N ALA A 198 -24.85 -1.68 -26.42
CA ALA A 198 -25.28 -2.33 -25.19
C ALA A 198 -25.28 -3.85 -25.33
N ILE A 199 -25.68 -4.32 -26.50
CA ILE A 199 -25.63 -5.73 -26.82
C ILE A 199 -24.16 -6.19 -26.82
N ASP A 200 -23.29 -5.44 -27.48
CA ASP A 200 -21.84 -5.74 -27.46
C ASP A 200 -21.36 -5.78 -26.01
N ALA A 201 -21.83 -4.83 -25.21
CA ALA A 201 -21.44 -4.78 -23.80
C ALA A 201 -21.83 -6.02 -22.99
N ILE A 202 -22.97 -6.62 -23.26
CA ILE A 202 -23.33 -7.87 -22.58
C ILE A 202 -22.38 -9.01 -22.97
N GLY A 203 -22.09 -9.10 -24.26
CA GLY A 203 -21.12 -10.03 -24.75
C GLY A 203 -19.87 -9.86 -23.93
N ALA A 204 -19.36 -8.64 -23.91
CA ALA A 204 -18.09 -8.37 -23.25
C ALA A 204 -18.14 -8.75 -21.80
N ALA A 205 -19.13 -8.22 -21.09
CA ALA A 205 -19.17 -8.37 -19.64
C ALA A 205 -19.45 -9.80 -19.22
N SER A 206 -20.08 -10.59 -20.08
CA SER A 206 -20.33 -11.97 -19.74
C SER A 206 -19.07 -12.82 -19.75
N HIS A 207 -17.99 -12.33 -20.35
CA HIS A 207 -16.74 -13.13 -20.43
C HIS A 207 -15.86 -12.75 -19.26
N SER A 208 -14.89 -13.61 -18.99
CA SER A 208 -13.84 -13.37 -18.04
C SER A 208 -12.87 -12.32 -18.55
N HIS A 209 -12.33 -11.48 -17.67
CA HIS A 209 -11.37 -10.46 -18.06
C HIS A 209 -10.21 -10.41 -17.10
N HIS A 210 -9.10 -9.88 -17.58
CA HIS A 210 -7.96 -9.58 -16.74
C HIS A 210 -7.64 -8.12 -16.87
N PHE A 211 -7.50 -7.42 -15.76
CA PHE A 211 -7.22 -5.99 -15.83
C PHE A 211 -6.80 -5.51 -14.47
N LEU A 212 -6.38 -4.25 -14.43
CA LEU A 212 -5.91 -3.65 -13.19
C LEU A 212 -7.09 -3.02 -12.44
N SER A 213 -7.06 -3.20 -11.12
CA SER A 213 -8.08 -2.71 -10.19
C SER A 213 -7.45 -2.55 -8.82
N VAL A 214 -8.20 -2.04 -7.85
CA VAL A 214 -7.65 -1.80 -6.51
C VAL A 214 -8.29 -2.71 -5.48
N THR A 215 -7.49 -3.23 -4.57
CA THR A 215 -7.96 -4.17 -3.56
C THR A 215 -8.71 -3.46 -2.40
N LYS A 216 -9.28 -4.28 -1.52
CA LYS A 216 -9.94 -3.76 -0.33
C LYS A 216 -8.94 -3.01 0.55
N ALA A 217 -7.66 -3.32 0.37
CA ALA A 217 -6.63 -2.67 1.14
C ALA A 217 -6.10 -1.37 0.55
N GLY A 218 -6.63 -0.97 -0.58
CA GLY A 218 -6.18 0.25 -1.22
C GLY A 218 -4.93 0.13 -2.11
N HIS A 219 -4.52 -1.09 -2.47
CA HIS A 219 -3.37 -1.29 -3.36
C HIS A 219 -3.82 -1.78 -4.74
N SER A 220 -3.14 -1.31 -5.78
CA SER A 220 -3.44 -1.76 -7.16
C SER A 220 -3.03 -3.19 -7.35
N ALA A 221 -3.79 -3.88 -8.18
CA ALA A 221 -3.59 -5.28 -8.40
C ALA A 221 -4.20 -5.74 -9.70
N ILE A 222 -3.77 -6.91 -10.13
CA ILE A 222 -4.30 -7.56 -11.32
C ILE A 222 -5.47 -8.38 -10.82
N VAL A 223 -6.65 -8.21 -11.45
CA VAL A 223 -7.79 -9.04 -11.10
C VAL A 223 -8.22 -9.88 -12.26
N HIS A 224 -8.77 -11.04 -11.95
CA HIS A 224 -9.20 -11.97 -12.95
C HIS A 224 -10.68 -12.23 -12.70
N THR A 225 -11.56 -11.69 -13.55
CA THR A 225 -12.99 -11.80 -13.28
C THR A 225 -13.56 -13.04 -13.94
N GLY A 226 -14.66 -13.54 -13.39
CA GLY A 226 -15.33 -14.75 -13.90
C GLY A 226 -16.38 -14.51 -14.98
N GLY A 227 -16.72 -13.24 -15.22
CA GLY A 227 -17.78 -12.91 -16.16
C GLY A 227 -19.08 -12.73 -15.41
N ASN A 228 -19.91 -11.84 -15.91
CA ASN A 228 -21.22 -11.61 -15.35
C ASN A 228 -22.34 -12.16 -16.22
N PRO A 229 -22.98 -13.23 -15.79
CA PRO A 229 -23.95 -13.90 -16.64
C PRO A 229 -25.31 -13.27 -16.62
N ASP A 230 -25.46 -12.22 -15.82
CA ASP A 230 -26.77 -11.61 -15.59
C ASP A 230 -26.96 -10.21 -16.19
N CYS A 231 -26.16 -9.86 -17.19
CA CYS A 231 -26.31 -8.59 -17.89
C CYS A 231 -27.51 -8.52 -18.84
N HIS A 232 -28.03 -7.31 -19.04
CA HIS A 232 -29.12 -7.06 -19.94
C HIS A 232 -29.06 -5.63 -20.42
N VAL A 233 -29.91 -5.34 -21.38
CA VAL A 233 -29.99 -4.05 -22.00
C VAL A 233 -31.05 -3.14 -21.35
N ILE A 234 -30.87 -1.82 -21.48
CA ILE A 234 -31.84 -0.84 -21.07
C ILE A 234 -32.12 0.16 -22.18
N LEU A 235 -33.38 0.34 -22.52
CA LEU A 235 -33.78 1.30 -23.54
C LEU A 235 -34.08 2.60 -22.86
N ARG A 236 -33.23 3.60 -23.09
CA ARG A 236 -33.37 4.92 -22.45
C ARG A 236 -33.64 6.11 -23.37
N GLY A 237 -33.98 5.84 -24.63
CA GLY A 237 -34.13 6.86 -25.65
C GLY A 237 -32.82 7.30 -26.34
N GLY A 238 -32.96 7.97 -27.48
CA GLY A 238 -31.84 8.66 -28.09
C GLY A 238 -32.30 9.92 -28.75
N LYS A 239 -32.07 10.03 -30.06
CA LYS A 239 -32.59 11.16 -30.81
C LYS A 239 -34.09 11.12 -30.70
N GLU A 240 -34.63 9.91 -30.71
CA GLU A 240 -36.05 9.64 -30.51
C GLU A 240 -36.22 8.62 -29.39
N PRO A 241 -37.40 8.59 -28.78
CA PRO A 241 -37.66 7.59 -27.74
C PRO A 241 -37.68 6.18 -28.31
N ASN A 242 -37.16 5.21 -27.55
CA ASN A 242 -37.20 3.80 -27.97
C ASN A 242 -38.04 2.84 -27.12
N TYR A 243 -38.94 3.39 -26.31
CA TYR A 243 -39.81 2.59 -25.43
C TYR A 243 -40.86 1.65 -26.06
N ASP A 244 -41.46 2.04 -27.18
CA ASP A 244 -42.70 1.44 -27.70
C ASP A 244 -42.50 -0.02 -28.22
N ALA A 245 -43.61 -0.66 -28.56
CA ALA A 245 -43.62 -2.08 -28.95
C ALA A 245 -42.73 -2.37 -30.15
N GLU A 246 -42.80 -1.52 -31.18
CA GLU A 246 -41.98 -1.68 -32.41
C GLU A 246 -40.50 -1.71 -31.99
N HIS A 247 -40.10 -0.72 -31.19
CA HIS A 247 -38.73 -0.63 -30.67
C HIS A 247 -38.27 -1.82 -29.79
N VAL A 248 -39.18 -2.34 -28.99
CA VAL A 248 -38.85 -3.45 -28.11
C VAL A 248 -38.63 -4.71 -28.94
N SER A 249 -39.55 -4.92 -29.86
CA SER A 249 -39.51 -6.08 -30.75
C SER A 249 -38.22 -6.11 -31.56
N GLU A 250 -37.87 -4.95 -32.13
CA GLU A 250 -36.66 -4.75 -32.93
C GLU A 250 -35.44 -5.10 -32.05
N ALA A 251 -35.44 -4.58 -30.83
CA ALA A 251 -34.36 -4.85 -29.91
C ALA A 251 -34.24 -6.32 -29.55
N ALA A 252 -35.38 -6.99 -29.34
CA ALA A 252 -35.36 -8.40 -28.95
C ALA A 252 -34.81 -9.30 -30.05
N GLU A 253 -35.14 -8.93 -31.29
CA GLU A 253 -34.63 -9.63 -32.47
C GLU A 253 -33.09 -9.48 -32.51
N GLN A 254 -32.57 -8.27 -32.31
CA GLN A 254 -31.11 -8.06 -32.27
C GLN A 254 -30.42 -8.79 -31.13
N LEU A 255 -31.06 -8.85 -29.98
CA LEU A 255 -30.53 -9.56 -28.84
C LEU A 255 -30.42 -11.06 -29.15
N ARG A 256 -31.51 -11.65 -29.64
CA ARG A 256 -31.51 -13.07 -30.01
C ARG A 256 -30.44 -13.35 -31.06
N ALA A 257 -30.35 -12.48 -32.06
CA ALA A 257 -29.31 -12.60 -33.10
C ALA A 257 -27.91 -12.67 -32.49
N ALA A 258 -27.64 -11.91 -31.43
CA ALA A 258 -26.34 -11.96 -30.79
C ALA A 258 -26.17 -13.11 -29.79
N GLY A 259 -27.18 -13.95 -29.64
CA GLY A 259 -27.11 -15.07 -28.66
C GLY A 259 -27.19 -14.69 -27.17
N VAL A 260 -27.75 -13.55 -26.87
CA VAL A 260 -27.86 -13.09 -25.48
C VAL A 260 -29.31 -12.94 -25.13
N THR A 261 -29.60 -12.73 -23.84
CA THR A 261 -30.97 -12.59 -23.38
C THR A 261 -31.76 -11.48 -24.10
N ASP A 262 -32.98 -11.85 -24.52
CA ASP A 262 -33.93 -10.94 -25.17
C ASP A 262 -34.94 -10.33 -24.17
N LYS A 263 -34.62 -10.40 -22.88
CA LYS A 263 -35.41 -9.72 -21.87
C LYS A 263 -34.71 -8.43 -21.55
N LEU A 264 -35.44 -7.33 -21.61
CA LEU A 264 -34.83 -6.01 -21.44
C LEU A 264 -35.59 -5.10 -20.48
N MET A 265 -34.99 -3.95 -20.20
CA MET A 265 -35.54 -2.98 -19.30
C MET A 265 -35.78 -1.69 -20.05
N ILE A 266 -36.81 -0.96 -19.65
CA ILE A 266 -37.15 0.30 -20.29
C ILE A 266 -37.10 1.40 -19.28
N ASP A 267 -36.33 2.43 -19.58
CA ASP A 267 -36.24 3.61 -18.74
C ASP A 267 -37.36 4.58 -19.14
N CYS A 268 -38.22 4.94 -18.20
CA CYS A 268 -39.28 5.91 -18.42
C CYS A 268 -38.75 7.33 -18.48
N SER A 269 -37.58 7.54 -17.90
CA SER A 269 -36.96 8.86 -17.79
C SER A 269 -35.98 9.19 -18.92
N HIS A 270 -35.30 10.31 -18.77
CA HIS A 270 -34.22 10.71 -19.67
C HIS A 270 -34.68 10.89 -21.11
N ALA A 271 -34.00 10.26 -22.07
CA ALA A 271 -34.35 10.55 -23.45
C ALA A 271 -35.70 9.96 -23.84
N ASN A 272 -36.24 9.03 -23.05
CA ASN A 272 -37.58 8.51 -23.34
C ASN A 272 -38.72 9.47 -22.91
N SER A 273 -38.43 10.36 -21.97
CA SER A 273 -39.39 11.37 -21.52
C SER A 273 -39.05 12.72 -22.13
N ARG A 274 -37.97 12.76 -22.92
CA ARG A 274 -37.46 14.00 -23.51
C ARG A 274 -37.19 15.02 -22.42
N LYS A 275 -36.57 14.52 -21.36
CA LYS A 275 -36.15 15.35 -20.20
C LYS A 275 -37.34 16.16 -19.57
N ASP A 276 -38.56 15.58 -19.63
CA ASP A 276 -39.82 16.17 -19.10
C ASP A 276 -40.41 15.19 -18.11
N TYR A 277 -40.23 15.49 -16.83
CA TYR A 277 -40.58 14.51 -15.82
C TYR A 277 -42.04 14.09 -15.88
N THR A 278 -42.93 14.95 -16.35
CA THR A 278 -44.37 14.62 -16.40
C THR A 278 -44.70 13.57 -17.46
N ARG A 279 -43.72 13.15 -18.26
CA ARG A 279 -43.98 12.18 -19.33
C ARG A 279 -43.65 10.75 -18.95
N GLN A 280 -43.00 10.57 -17.83
CA GLN A 280 -42.67 9.24 -17.39
C GLN A 280 -43.93 8.42 -17.28
N MET A 281 -45.03 9.08 -16.91
CA MET A 281 -46.31 8.41 -16.77
C MET A 281 -46.85 7.92 -18.12
N GLU A 282 -46.79 8.76 -19.15
CA GLU A 282 -47.14 8.31 -20.51
C GLU A 282 -46.37 7.05 -20.88
N VAL A 283 -45.07 7.05 -20.61
CA VAL A 283 -44.22 5.94 -20.99
C VAL A 283 -44.63 4.70 -20.22
N ALA A 284 -44.91 4.89 -18.94
CA ALA A 284 -45.40 3.81 -18.11
C ALA A 284 -46.71 3.24 -18.62
N GLN A 285 -47.59 4.12 -19.09
CA GLN A 285 -48.88 3.69 -19.62
C GLN A 285 -48.69 2.88 -20.89
N ASP A 286 -47.75 3.30 -21.73
CA ASP A 286 -47.44 2.58 -22.97
C ASP A 286 -46.89 1.17 -22.62
N ILE A 287 -45.98 1.13 -21.66
CA ILE A 287 -45.45 -0.14 -21.16
C ILE A 287 -46.57 -1.03 -20.56
N ALA A 288 -47.46 -0.42 -19.79
CA ALA A 288 -48.60 -1.16 -19.22
C ALA A 288 -49.45 -1.80 -20.32
N ALA A 289 -49.72 -1.04 -21.35
CA ALA A 289 -50.48 -1.55 -22.50
C ALA A 289 -49.77 -2.76 -23.15
N GLN A 290 -48.45 -2.69 -23.27
CA GLN A 290 -47.66 -3.80 -23.87
C GLN A 290 -47.75 -5.03 -23.00
N LEU A 291 -47.64 -4.82 -21.70
CA LEU A 291 -47.76 -5.93 -20.75
C LEU A 291 -49.12 -6.60 -20.84
N GLU A 292 -50.16 -5.80 -21.06
CA GLU A 292 -51.50 -6.32 -21.31
C GLU A 292 -51.61 -7.10 -22.63
N GLN A 293 -51.20 -6.51 -23.75
CA GLN A 293 -51.28 -7.18 -25.06
C GLN A 293 -50.35 -8.40 -25.15
N ASP A 294 -49.08 -8.22 -24.80
CA ASP A 294 -48.11 -9.30 -24.82
C ASP A 294 -46.93 -8.97 -23.92
N GLY A 295 -46.03 -8.14 -24.45
CA GLY A 295 -44.92 -7.59 -23.67
C GLY A 295 -43.97 -8.61 -23.10
N GLY A 296 -43.87 -9.75 -23.76
CA GLY A 296 -43.06 -10.88 -23.29
C GLY A 296 -41.56 -10.60 -23.14
N ASN A 297 -41.06 -9.60 -23.87
CA ASN A 297 -39.65 -9.28 -23.81
C ASN A 297 -39.27 -8.27 -22.71
N ILE A 298 -40.24 -7.80 -21.94
CA ILE A 298 -39.96 -6.80 -20.91
C ILE A 298 -39.74 -7.45 -19.55
N MET A 299 -38.62 -7.13 -18.90
CA MET A 299 -38.36 -7.65 -17.56
C MET A 299 -38.21 -6.55 -16.51
N GLY A 300 -38.24 -5.28 -16.91
CA GLY A 300 -38.02 -4.23 -15.95
C GLY A 300 -38.31 -2.86 -16.47
N VAL A 301 -38.47 -1.91 -15.54
CA VAL A 301 -38.53 -0.51 -15.87
C VAL A 301 -37.78 0.30 -14.87
N MET A 302 -37.54 1.54 -15.27
CA MET A 302 -36.74 2.48 -14.49
C MET A 302 -37.55 3.76 -14.40
N VAL A 303 -37.65 4.32 -13.20
CA VAL A 303 -38.40 5.54 -12.99
C VAL A 303 -37.64 6.51 -12.07
N GLU A 304 -37.59 7.79 -12.47
CA GLU A 304 -36.99 8.83 -11.63
C GLU A 304 -38.07 9.51 -10.77
N SER A 305 -38.01 9.24 -9.47
CA SER A 305 -39.07 9.58 -8.52
C SER A 305 -38.44 10.14 -7.26
N HIS A 306 -39.16 11.05 -6.59
CA HIS A 306 -38.72 11.58 -5.28
C HIS A 306 -39.96 11.93 -4.43
N LEU A 307 -39.73 12.48 -3.24
CA LEU A 307 -40.78 12.89 -2.36
C LEU A 307 -41.59 14.00 -3.01
N VAL A 308 -40.87 14.95 -3.56
CA VAL A 308 -41.43 16.16 -4.13
C VAL A 308 -40.97 16.20 -5.57
N GLU A 309 -41.85 16.61 -6.46
CA GLU A 309 -41.57 16.62 -7.90
C GLU A 309 -40.68 17.79 -8.35
N GLY A 310 -40.13 17.63 -9.57
CA GLY A 310 -39.34 18.67 -10.21
C GLY A 310 -37.88 18.63 -9.82
N ARG A 311 -37.23 19.79 -9.91
CA ARG A 311 -35.81 19.91 -9.64
C ARG A 311 -35.49 21.30 -9.16
N GLN A 312 -34.26 21.51 -8.73
CA GLN A 312 -33.83 22.82 -8.24
C GLN A 312 -32.30 22.87 -8.36
N ASP A 313 -31.76 24.06 -8.59
CA ASP A 313 -30.33 24.18 -8.74
C ASP A 313 -29.67 24.06 -7.39
N LYS A 314 -30.24 24.66 -6.37
CA LYS A 314 -29.64 24.62 -5.03
C LYS A 314 -30.51 23.73 -4.16
N PRO A 315 -29.91 23.01 -3.21
CA PRO A 315 -30.64 22.07 -2.33
C PRO A 315 -31.47 22.71 -1.20
N GLU A 316 -32.40 23.57 -1.58
CA GLU A 316 -33.15 24.40 -0.62
C GLU A 316 -34.43 23.68 -0.12
N VAL A 317 -35.20 23.07 -1.02
CA VAL A 317 -36.37 22.27 -0.67
C VAL A 317 -36.00 20.80 -0.39
N TYR A 318 -36.45 20.31 0.77
CA TYR A 318 -36.30 18.93 1.20
C TYR A 318 -36.93 17.94 0.24
N GLY A 319 -36.26 16.80 0.01
CA GLY A 319 -36.77 15.74 -0.88
C GLY A 319 -37.10 16.15 -2.31
N LYS A 320 -36.41 17.16 -2.81
CA LYS A 320 -36.51 17.59 -4.22
C LYS A 320 -35.15 17.50 -4.92
N SER A 321 -35.14 16.92 -6.12
CA SER A 321 -33.88 16.62 -6.88
C SER A 321 -33.06 17.87 -7.20
N ILE A 322 -31.75 17.75 -7.11
CA ILE A 322 -30.85 18.81 -7.62
C ILE A 322 -30.20 18.44 -8.97
N THR A 323 -30.45 17.22 -9.40
CA THR A 323 -30.11 16.72 -10.73
C THR A 323 -31.37 16.65 -11.58
N ASP A 324 -31.56 15.58 -12.35
CA ASP A 324 -32.70 15.52 -13.25
C ASP A 324 -34.02 15.59 -12.45
N ALA A 325 -35.03 16.20 -13.06
CA ALA A 325 -36.34 16.36 -12.43
C ALA A 325 -37.00 15.02 -12.21
N CYS A 326 -37.63 14.83 -11.06
CA CYS A 326 -38.34 13.58 -10.77
C CYS A 326 -39.84 13.80 -10.60
N ILE A 327 -40.62 12.75 -10.81
CA ILE A 327 -42.02 12.78 -10.34
C ILE A 327 -42.04 12.72 -8.85
N GLY A 328 -43.12 13.21 -8.27
CA GLY A 328 -43.30 13.22 -6.79
C GLY A 328 -43.92 11.94 -6.26
N TRP A 329 -44.21 11.96 -4.97
CA TRP A 329 -44.72 10.75 -4.32
C TRP A 329 -46.12 10.33 -4.80
N GLY A 330 -47.03 11.30 -4.98
CA GLY A 330 -48.38 10.98 -5.48
C GLY A 330 -48.35 10.27 -6.82
N ALA A 331 -47.71 10.89 -7.79
CA ALA A 331 -47.54 10.28 -9.11
C ALA A 331 -46.84 8.90 -9.02
N THR A 332 -45.93 8.77 -8.08
CA THR A 332 -45.23 7.51 -7.90
C THR A 332 -46.21 6.41 -7.49
N GLU A 333 -47.11 6.69 -6.55
CA GLU A 333 -48.17 5.73 -6.19
C GLU A 333 -49.05 5.34 -7.37
N GLU A 334 -49.43 6.31 -8.19
CA GLU A 334 -50.22 6.03 -9.41
C GLU A 334 -49.48 5.07 -10.32
N LEU A 335 -48.22 5.38 -10.59
CA LEU A 335 -47.45 4.65 -11.57
C LEU A 335 -47.22 3.23 -11.15
N LEU A 336 -46.87 3.02 -9.89
CA LEU A 336 -46.70 1.65 -9.43
C LEU A 336 -47.99 0.83 -9.50
N ALA A 337 -49.12 1.40 -9.10
CA ALA A 337 -50.40 0.71 -9.21
C ALA A 337 -50.68 0.33 -10.65
N LEU A 338 -50.41 1.25 -11.57
CA LEU A 338 -50.62 1.02 -12.98
C LEU A 338 -49.84 -0.21 -13.46
N LEU A 339 -48.55 -0.21 -13.17
CA LEU A 339 -47.67 -1.30 -13.58
C LEU A 339 -48.00 -2.60 -12.89
N ALA A 340 -48.31 -2.54 -11.60
CA ALA A 340 -48.70 -3.74 -10.89
C ALA A 340 -49.95 -4.39 -11.51
N GLY A 341 -50.97 -3.57 -11.80
CA GLY A 341 -52.23 -4.09 -12.31
C GLY A 341 -51.99 -4.75 -13.66
N ALA A 342 -51.23 -4.05 -14.49
CA ALA A 342 -50.93 -4.54 -15.84
C ALA A 342 -50.12 -5.83 -15.79
N ASN A 343 -49.11 -5.88 -14.93
CA ASN A 343 -48.31 -7.09 -14.90
C ASN A 343 -49.01 -8.32 -14.25
N LYS A 344 -49.97 -8.09 -13.37
CA LYS A 344 -50.76 -9.19 -12.79
C LYS A 344 -51.44 -9.96 -13.91
N LYS A 345 -51.92 -9.23 -14.92
CA LYS A 345 -52.55 -9.83 -16.10
C LYS A 345 -51.56 -10.62 -16.95
N ARG A 346 -50.38 -10.05 -17.19
CA ARG A 346 -49.36 -10.77 -17.96
C ARG A 346 -49.00 -12.10 -17.29
N MET A 347 -48.84 -12.06 -15.98
CA MET A 347 -48.51 -13.27 -15.21
C MET A 347 -49.62 -14.33 -15.22
N ALA A 348 -50.87 -13.91 -15.36
CA ALA A 348 -52.01 -14.83 -15.47
C ALA A 348 -52.01 -15.62 -16.77
N ARG A 349 -51.47 -15.05 -17.84
CA ARG A 349 -51.26 -15.81 -19.07
C ARG A 349 -50.05 -16.75 -18.91
N GLU B 17 0.60 -10.69 -9.08
CA GLU B 17 0.88 -9.67 -8.02
C GLU B 17 1.53 -8.42 -8.64
N LEU B 18 0.80 -7.30 -8.71
CA LEU B 18 1.24 -6.17 -9.49
C LEU B 18 2.37 -5.34 -8.90
N LEU B 19 3.42 -5.14 -9.69
CA LEU B 19 4.47 -4.22 -9.32
C LEU B 19 4.02 -2.78 -9.51
N PRO B 20 4.39 -1.90 -8.58
CA PRO B 20 4.00 -0.52 -8.72
C PRO B 20 4.83 0.22 -9.72
N PRO B 21 4.34 1.35 -10.23
CA PRO B 21 5.13 2.17 -11.14
C PRO B 21 6.57 2.42 -10.70
N ILE B 22 6.82 2.74 -9.45
CA ILE B 22 8.22 2.99 -9.04
C ILE B 22 9.20 1.87 -9.31
N ALA B 23 8.73 0.63 -9.44
CA ALA B 23 9.64 -0.48 -9.64
C ALA B 23 10.18 -0.38 -11.08
N HIS B 24 9.30 -0.07 -12.01
CA HIS B 24 9.65 0.10 -13.38
C HIS B 24 10.39 1.40 -13.57
N LEU B 25 10.05 2.47 -12.86
CA LEU B 25 10.80 3.72 -13.00
C LEU B 25 12.25 3.59 -12.49
N TYR B 26 12.46 2.70 -11.52
CA TYR B 26 13.77 2.45 -11.00
C TYR B 26 14.68 1.73 -12.03
N GLU B 27 14.10 0.76 -12.74
CA GLU B 27 14.87 -0.01 -13.72
C GLU B 27 15.08 0.77 -14.98
N LEU B 28 14.11 1.61 -15.31
CA LEU B 28 14.12 2.32 -16.56
C LEU B 28 13.83 3.78 -16.32
N PRO B 29 14.74 4.48 -15.66
CA PRO B 29 14.49 5.92 -15.50
C PRO B 29 14.52 6.65 -16.83
N ILE B 30 13.75 7.70 -16.95
CA ILE B 30 13.79 8.49 -18.13
C ILE B 30 15.18 9.14 -18.23
N SER B 31 15.74 9.25 -19.43
CA SER B 31 17.05 9.85 -19.66
C SER B 31 16.92 11.34 -19.90
N LYS B 32 18.02 12.07 -19.74
CA LYS B 32 18.07 13.50 -20.11
C LYS B 32 17.49 13.69 -21.51
N GLU B 33 17.90 12.84 -22.45
CA GLU B 33 17.55 13.01 -23.87
C GLU B 33 16.06 12.76 -24.12
N ALA B 34 15.54 11.66 -23.57
CA ALA B 34 14.13 11.32 -23.73
C ALA B 34 13.28 12.38 -23.05
N SER B 35 13.70 12.81 -21.90
CA SER B 35 12.99 13.82 -21.17
C SER B 35 12.89 15.10 -21.97
N GLY B 36 13.98 15.50 -22.60
CA GLY B 36 14.02 16.73 -23.39
C GLY B 36 13.16 16.63 -24.63
N LEU B 37 13.18 15.46 -25.29
CA LEU B 37 12.39 15.23 -26.50
C LEU B 37 10.90 15.31 -26.18
N VAL B 38 10.51 14.68 -25.07
CA VAL B 38 9.11 14.70 -24.66
C VAL B 38 8.69 16.13 -24.38
N HIS B 39 9.46 16.79 -23.53
CA HIS B 39 9.15 18.15 -23.14
C HIS B 39 8.97 19.06 -24.39
N ARG B 40 9.96 19.02 -25.27
CA ARG B 40 9.97 19.81 -26.48
C ARG B 40 8.81 19.44 -27.41
N THR B 41 8.58 18.16 -27.63
CA THR B 41 7.53 17.73 -28.53
C THR B 41 6.14 18.14 -28.02
N ARG B 42 5.93 18.08 -26.71
CA ARG B 42 4.65 18.48 -26.15
C ARG B 42 4.40 19.96 -26.42
N GLN B 43 5.44 20.76 -26.23
CA GLN B 43 5.34 22.17 -26.54
C GLN B 43 5.06 22.43 -27.99
N GLU B 44 5.78 21.74 -28.88
CA GLU B 44 5.63 21.95 -30.30
C GLU B 44 4.20 21.63 -30.71
N ILE B 45 3.62 20.63 -30.06
CA ILE B 45 2.24 20.23 -30.37
C ILE B 45 1.24 21.22 -29.83
N SER B 46 1.48 21.66 -28.60
CA SER B 46 0.72 22.78 -28.02
C SER B 46 0.62 23.94 -29.01
N ASP B 47 1.74 24.33 -29.59
CA ASP B 47 1.78 25.38 -30.58
C ASP B 47 0.88 25.13 -31.78
N LEU B 48 0.73 23.89 -32.19
CA LEU B 48 -0.11 23.56 -33.34
C LEU B 48 -1.57 23.67 -32.98
N VAL B 49 -1.89 23.19 -31.78
CA VAL B 49 -3.24 23.19 -31.25
C VAL B 49 -3.78 24.60 -31.14
N HIS B 50 -2.93 25.52 -30.73
CA HIS B 50 -3.37 26.90 -30.47
C HIS B 50 -3.06 27.84 -31.61
N GLY B 51 -2.73 27.28 -32.76
CA GLY B 51 -2.51 28.09 -33.96
C GLY B 51 -1.27 28.97 -34.02
N ARG B 52 -0.26 28.70 -33.18
CA ARG B 52 1.03 29.42 -33.22
C ARG B 52 2.06 28.87 -34.23
N ASP B 53 1.78 27.72 -34.83
CA ASP B 53 2.65 27.13 -35.83
C ASP B 53 1.81 26.32 -36.83
N LYS B 54 2.19 26.36 -38.10
CA LYS B 54 1.34 25.84 -39.16
C LYS B 54 1.83 24.48 -39.68
N ARG B 55 2.83 23.92 -39.02
CA ARG B 55 3.25 22.57 -39.37
C ARG B 55 2.08 21.63 -39.13
N LEU B 56 2.15 20.47 -39.73
CA LEU B 56 1.08 19.54 -39.62
C LEU B 56 1.53 18.37 -38.72
N LEU B 57 0.89 18.18 -37.57
CA LEU B 57 1.18 17.03 -36.73
C LEU B 57 0.77 15.75 -37.46
N VAL B 58 1.63 14.74 -37.43
CA VAL B 58 1.26 13.48 -38.03
C VAL B 58 1.51 12.33 -37.07
N ILE B 59 0.41 11.75 -36.60
CA ILE B 59 0.41 10.62 -35.76
C ILE B 59 0.30 9.41 -36.66
N ILE B 60 1.38 8.64 -36.75
CA ILE B 60 1.47 7.59 -37.76
C ILE B 60 2.23 6.40 -37.23
N GLY B 61 1.73 5.22 -37.55
CA GLY B 61 2.30 4.00 -37.00
C GLY B 61 1.25 2.94 -36.94
N PRO B 62 1.58 1.80 -36.34
CA PRO B 62 0.66 0.67 -36.30
C PRO B 62 -0.63 0.94 -35.55
N CYS B 63 -1.67 0.17 -35.87
CA CYS B 63 -2.90 0.24 -35.10
C CYS B 63 -2.56 -0.17 -33.68
N SER B 64 -1.81 -1.26 -33.52
CA SER B 64 -1.35 -1.71 -32.21
C SER B 64 0.06 -2.24 -32.28
N ILE B 65 0.82 -2.06 -31.20
CA ILE B 65 2.16 -2.66 -31.08
C ILE B 65 2.01 -4.08 -30.52
N HIS B 66 2.44 -5.08 -31.29
CA HIS B 66 2.50 -6.43 -30.76
C HIS B 66 3.91 -7.03 -30.76
N ASP B 67 4.84 -6.38 -31.44
CA ASP B 67 6.23 -6.81 -31.46
C ASP B 67 7.17 -5.62 -31.36
N PRO B 68 7.98 -5.54 -30.32
CA PRO B 68 8.90 -4.40 -30.17
C PRO B 68 9.99 -4.36 -31.21
N LYS B 69 10.46 -5.53 -31.66
CA LYS B 69 11.50 -5.58 -32.68
C LYS B 69 11.06 -4.85 -33.94
N ALA B 70 9.90 -5.24 -34.44
CA ALA B 70 9.32 -4.60 -35.61
C ALA B 70 9.05 -3.12 -35.40
N ALA B 71 8.66 -2.77 -34.19
CA ALA B 71 8.32 -1.38 -33.90
C ALA B 71 9.57 -0.52 -33.89
N LEU B 72 10.64 -1.05 -33.32
CA LEU B 72 11.91 -0.36 -33.40
C LEU B 72 12.38 -0.22 -34.86
N GLU B 73 12.13 -1.24 -35.69
CA GLU B 73 12.55 -1.19 -37.10
C GLU B 73 11.76 -0.12 -37.82
N TYR B 74 10.46 -0.11 -37.58
CA TYR B 74 9.54 0.90 -38.14
C TYR B 74 9.99 2.29 -37.74
N ALA B 75 10.26 2.47 -36.47
CA ALA B 75 10.72 3.75 -35.98
C ALA B 75 11.94 4.23 -36.74
N GLU B 76 12.91 3.32 -36.91
CA GLU B 76 14.20 3.61 -37.59
C GLU B 76 13.98 4.22 -38.98
N ARG B 77 13.12 3.59 -39.75
CA ARG B 77 12.72 4.13 -41.03
C ARG B 77 11.95 5.48 -40.91
N LEU B 78 10.99 5.57 -39.98
CA LEU B 78 10.16 6.77 -39.84
C LEU B 78 10.99 7.96 -39.39
N LEU B 79 11.98 7.68 -38.56
CA LEU B 79 12.83 8.73 -38.06
C LEU B 79 13.43 9.54 -39.18
N LYS B 80 13.82 8.89 -40.28
CA LYS B 80 14.43 9.62 -41.40
C LYS B 80 13.45 10.55 -42.07
N LEU B 81 12.21 10.14 -42.15
CA LEU B 81 11.20 11.02 -42.71
C LEU B 81 10.82 12.15 -41.76
N ARG B 82 10.79 11.86 -40.47
CA ARG B 82 10.54 12.90 -39.45
C ARG B 82 11.56 14.02 -39.59
N LYS B 83 12.82 13.66 -39.83
CA LYS B 83 13.87 14.64 -39.98
C LYS B 83 13.76 15.34 -41.34
N GLN B 84 13.56 14.55 -42.39
CA GLN B 84 13.48 15.10 -43.73
C GLN B 84 12.39 16.17 -43.84
N TYR B 85 11.24 15.93 -43.20
CA TYR B 85 10.06 16.73 -43.39
C TYR B 85 9.81 17.67 -42.21
N GLU B 86 10.81 17.84 -41.35
CA GLU B 86 10.62 18.54 -40.09
C GLU B 86 10.13 20.01 -40.22
N ASN B 87 10.29 20.61 -41.38
CA ASN B 87 9.87 22.01 -41.57
C ASN B 87 8.41 22.15 -41.97
N GLU B 88 7.84 21.05 -42.44
CA GLU B 88 6.46 20.94 -42.86
C GLU B 88 5.57 20.08 -41.94
N LEU B 89 6.12 18.96 -41.47
CA LEU B 89 5.41 18.02 -40.64
C LEU B 89 6.13 17.80 -39.32
N LEU B 90 5.34 17.47 -38.29
CA LEU B 90 5.85 17.06 -37.01
C LEU B 90 5.37 15.67 -36.85
N ILE B 91 6.28 14.74 -37.11
CA ILE B 91 5.97 13.32 -37.12
C ILE B 91 6.20 12.69 -35.75
N VAL B 92 5.20 11.91 -35.32
CA VAL B 92 5.17 11.26 -34.03
C VAL B 92 4.57 9.86 -34.24
N MET B 93 5.18 8.85 -33.63
CA MET B 93 4.80 7.48 -33.93
C MET B 93 3.62 7.07 -33.11
N ARG B 94 2.72 6.29 -33.73
CA ARG B 94 1.67 5.64 -32.98
C ARG B 94 2.34 4.46 -32.31
N VAL B 95 2.27 4.44 -30.99
CA VAL B 95 2.80 3.35 -30.22
C VAL B 95 1.67 2.94 -29.26
N TYR B 96 0.63 2.31 -29.80
CA TYR B 96 -0.56 1.97 -29.06
C TYR B 96 -0.42 0.64 -28.30
N PHE B 97 -0.52 0.73 -26.98
CA PHE B 97 -0.42 -0.41 -26.08
C PHE B 97 -1.76 -0.97 -25.56
N GLU B 98 -2.85 -0.21 -25.74
CA GLU B 98 -4.16 -0.56 -25.18
C GLU B 98 -5.21 -0.45 -26.28
N LYS B 99 -5.94 -1.53 -26.52
CA LYS B 99 -6.92 -1.59 -27.61
C LYS B 99 -8.36 -1.85 -27.11
N PRO B 100 -9.32 -0.99 -27.53
CA PRO B 100 -10.70 -1.21 -27.18
C PRO B 100 -11.36 -2.12 -28.20
N ARG B 101 -11.90 -3.23 -27.73
CA ARG B 101 -12.62 -4.15 -28.59
C ARG B 101 -14.09 -3.85 -28.65
N THR B 102 -14.69 -4.33 -29.74
CA THR B 102 -16.10 -4.22 -29.99
C THR B 102 -16.84 -5.07 -28.98
N THR B 103 -16.40 -6.31 -28.78
CA THR B 103 -16.89 -7.13 -27.68
C THR B 103 -15.73 -7.61 -26.82
N VAL B 104 -15.14 -8.72 -27.23
CA VAL B 104 -13.95 -9.27 -26.60
C VAL B 104 -12.84 -9.41 -27.63
N GLY B 105 -11.64 -9.72 -27.14
CA GLY B 105 -10.45 -9.78 -27.97
C GLY B 105 -9.19 -9.38 -27.23
N TRP B 106 -8.08 -9.48 -27.95
CA TRP B 106 -6.77 -9.12 -27.42
C TRP B 106 -6.75 -7.60 -27.17
N LYS B 107 -6.50 -7.18 -25.93
CA LYS B 107 -6.59 -5.76 -25.57
C LYS B 107 -5.30 -5.00 -25.72
N GLY B 108 -4.25 -5.68 -26.18
CA GLY B 108 -2.96 -5.01 -26.42
C GLY B 108 -1.78 -5.59 -25.66
N LEU B 109 -0.62 -4.99 -25.87
CA LEU B 109 0.64 -5.59 -25.41
C LEU B 109 0.74 -5.60 -23.89
N ILE B 110 0.31 -4.51 -23.26
CA ILE B 110 0.32 -4.44 -21.80
C ILE B 110 -0.54 -5.53 -21.21
N ASN B 111 -1.77 -5.64 -21.64
CA ASN B 111 -2.67 -6.64 -21.08
C ASN B 111 -2.24 -8.09 -21.31
N ASP B 112 -1.82 -8.41 -22.53
CA ASP B 112 -1.34 -9.75 -22.87
C ASP B 112 -0.10 -9.74 -23.76
N PRO B 113 1.08 -9.52 -23.20
CA PRO B 113 2.28 -9.35 -24.00
C PRO B 113 2.64 -10.58 -24.84
N HIS B 114 2.45 -11.76 -24.27
CA HIS B 114 2.80 -13.02 -24.91
C HIS B 114 1.85 -13.44 -26.04
N LEU B 115 0.71 -12.78 -26.13
CA LEU B 115 -0.29 -13.05 -27.19
C LEU B 115 -0.92 -14.45 -27.08
N ASP B 116 -0.90 -15.03 -25.88
CA ASP B 116 -1.41 -16.39 -25.66
C ASP B 116 -2.51 -16.57 -24.59
N GLY B 117 -3.06 -15.48 -24.08
CA GLY B 117 -3.97 -15.52 -22.95
C GLY B 117 -3.35 -15.85 -21.59
N THR B 118 -2.11 -15.40 -21.36
CA THR B 118 -1.44 -15.54 -20.04
C THR B 118 -1.52 -14.25 -19.23
N PHE B 119 -1.85 -13.14 -19.89
CA PHE B 119 -2.14 -11.90 -19.21
C PHE B 119 -1.00 -11.53 -18.24
N ASP B 120 0.24 -11.56 -18.75
CA ASP B 120 1.43 -11.28 -17.94
C ASP B 120 1.68 -9.79 -17.93
N ILE B 121 0.85 -9.09 -17.17
CA ILE B 121 0.78 -7.64 -17.21
C ILE B 121 2.00 -6.96 -16.66
N ASN B 122 2.65 -7.57 -15.69
CA ASN B 122 3.91 -7.03 -15.20
C ASN B 122 4.93 -6.95 -16.34
N PHE B 123 5.03 -8.01 -17.12
CA PHE B 123 5.97 -8.08 -18.25
C PHE B 123 5.55 -7.11 -19.35
N GLY B 124 4.26 -7.09 -19.65
CA GLY B 124 3.73 -6.15 -20.60
C GLY B 124 4.13 -4.71 -20.30
N LEU B 125 3.97 -4.28 -19.04
CA LEU B 125 4.22 -2.90 -18.67
C LEU B 125 5.70 -2.58 -18.73
N ARG B 126 6.51 -3.55 -18.35
CA ARG B 126 7.95 -3.42 -18.48
C ARG B 126 8.33 -3.24 -19.92
N GLN B 127 7.81 -4.12 -20.76
CA GLN B 127 8.16 -4.09 -22.19
C GLN B 127 7.72 -2.76 -22.83
N ALA B 128 6.55 -2.29 -22.43
CA ALA B 128 6.02 -1.04 -22.96
C ALA B 128 6.88 0.14 -22.58
N ARG B 129 7.26 0.20 -21.32
CA ARG B 129 8.16 1.27 -20.91
C ARG B 129 9.51 1.20 -21.63
N SER B 130 10.07 0.01 -21.73
CA SER B 130 11.39 -0.20 -22.36
C SER B 130 11.38 0.28 -23.83
N LEU B 131 10.35 -0.15 -24.57
CA LEU B 131 10.19 0.27 -25.93
C LEU B 131 10.06 1.77 -26.05
N LEU B 132 9.27 2.37 -25.18
CA LEU B 132 9.07 3.82 -25.22
C LEU B 132 10.34 4.58 -24.89
N LEU B 133 11.10 4.07 -23.94
CA LEU B 133 12.35 4.70 -23.59
C LEU B 133 13.29 4.63 -24.81
N SER B 134 13.39 3.44 -25.43
CA SER B 134 14.27 3.25 -26.59
C SER B 134 13.87 4.18 -27.74
N LEU B 135 12.58 4.27 -27.99
CA LEU B 135 12.09 5.15 -29.04
C LEU B 135 12.49 6.59 -28.82
N ASN B 136 12.28 7.08 -27.62
CA ASN B 136 12.62 8.47 -27.33
C ASN B 136 14.10 8.67 -27.40
N ASN B 137 14.84 7.67 -26.93
CA ASN B 137 16.29 7.75 -26.97
C ASN B 137 16.88 7.85 -28.40
N MET B 138 16.21 7.25 -29.38
CA MET B 138 16.70 7.28 -30.75
C MET B 138 16.26 8.53 -31.49
N GLY B 139 15.35 9.30 -30.88
CA GLY B 139 14.83 10.55 -31.48
C GLY B 139 13.38 10.53 -31.94
N MET B 140 12.67 9.44 -31.69
CA MET B 140 11.28 9.27 -32.12
C MET B 140 10.29 9.45 -30.95
N PRO B 141 9.45 10.49 -31.00
CA PRO B 141 8.45 10.66 -29.97
C PRO B 141 7.28 9.71 -30.14
N ALA B 142 6.59 9.47 -29.04
CA ALA B 142 5.57 8.47 -29.03
C ALA B 142 4.21 9.02 -28.62
N SER B 143 3.18 8.38 -29.15
CA SER B 143 1.82 8.70 -28.83
C SER B 143 1.10 7.38 -28.58
N THR B 144 0.02 7.42 -27.79
CA THR B 144 -0.76 6.21 -27.53
C THR B 144 -2.19 6.60 -27.22
N GLU B 145 -3.09 5.61 -27.19
CA GLU B 145 -4.42 5.86 -26.69
C GLU B 145 -4.37 5.54 -25.23
N PHE B 146 -4.90 6.43 -24.41
CA PHE B 146 -5.04 6.13 -22.99
C PHE B 146 -6.43 5.54 -22.75
N LEU B 147 -6.45 4.23 -22.48
CA LEU B 147 -7.68 3.53 -22.26
C LEU B 147 -7.87 3.17 -20.80
N ASP B 148 -6.88 2.52 -20.17
N ASP B 148 -6.89 2.54 -20.18
CA ASP B 148 -6.98 2.06 -18.78
CA ASP B 148 -7.00 2.03 -18.83
C ASP B 148 -6.69 3.21 -17.83
C ASP B 148 -6.67 3.17 -17.83
N MET B 149 -7.21 3.12 -16.61
CA MET B 149 -7.03 4.20 -15.62
C MET B 149 -5.74 4.13 -14.80
N ILE B 150 -5.18 2.94 -14.67
CA ILE B 150 -4.07 2.72 -13.77
C ILE B 150 -2.72 2.53 -14.49
N THR B 151 -2.73 2.09 -15.73
CA THR B 151 -1.51 1.89 -16.47
C THR B 151 -0.73 3.17 -16.78
N PRO B 152 -1.40 4.31 -17.03
CA PRO B 152 -0.61 5.51 -17.42
C PRO B 152 0.53 5.91 -16.49
N GLN B 153 0.38 5.71 -15.19
CA GLN B 153 1.44 6.05 -14.26
C GLN B 153 2.77 5.32 -14.59
N TYR B 154 2.67 4.16 -15.21
CA TYR B 154 3.86 3.43 -15.65
C TYR B 154 4.69 4.06 -16.78
N TYR B 155 4.03 4.57 -17.81
CA TYR B 155 4.71 5.03 -19.01
C TYR B 155 4.41 6.43 -19.52
N ALA B 156 3.58 7.18 -18.81
CA ALA B 156 3.05 8.45 -19.32
C ALA B 156 4.14 9.46 -19.61
N ASP B 157 5.19 9.42 -18.81
CA ASP B 157 6.29 10.40 -18.86
C ASP B 157 7.00 10.31 -20.20
N LEU B 158 6.77 9.22 -20.92
CA LEU B 158 7.42 8.99 -22.17
C LEU B 158 6.50 9.27 -23.34
N ILE B 159 5.35 9.88 -23.11
CA ILE B 159 4.38 10.07 -24.18
C ILE B 159 4.22 11.55 -24.48
N SER B 160 4.20 11.87 -25.77
CA SER B 160 4.19 13.24 -26.19
C SER B 160 2.80 13.67 -26.62
N TRP B 161 1.94 12.71 -26.92
CA TRP B 161 0.56 13.00 -27.32
C TRP B 161 -0.32 11.79 -27.07
N GLY B 162 -1.56 12.07 -26.66
CA GLY B 162 -2.46 11.03 -26.17
C GLY B 162 -3.78 11.13 -26.87
N ALA B 163 -4.36 10.00 -27.17
CA ALA B 163 -5.71 9.99 -27.68
C ALA B 163 -6.64 9.39 -26.65
N ILE B 164 -7.85 9.93 -26.62
CA ILE B 164 -8.98 9.28 -26.01
C ILE B 164 -9.91 8.80 -27.14
N GLY B 165 -10.18 7.50 -27.14
CA GLY B 165 -10.87 6.84 -28.23
C GLY B 165 -12.31 7.18 -28.42
N ALA B 166 -12.83 6.81 -29.58
CA ALA B 166 -14.20 7.14 -29.96
C ALA B 166 -15.15 6.58 -28.96
N ARG B 167 -14.79 5.43 -28.42
CA ARG B 167 -15.63 4.70 -27.48
C ARG B 167 -15.62 5.20 -26.03
N THR B 168 -14.68 6.08 -25.71
CA THR B 168 -14.49 6.56 -24.35
C THR B 168 -14.46 8.07 -24.21
N THR B 169 -14.70 8.78 -25.31
CA THR B 169 -14.65 10.23 -25.31
C THR B 169 -15.74 10.81 -24.40
N GLU B 170 -16.90 10.16 -24.42
CA GLU B 170 -18.06 10.62 -23.64
C GLU B 170 -17.90 10.24 -22.14
N SER B 171 -16.95 9.35 -21.83
CA SER B 171 -16.76 8.85 -20.49
C SER B 171 -16.07 9.87 -19.56
N GLN B 172 -16.68 10.08 -18.39
CA GLN B 172 -16.21 11.07 -17.47
C GLN B 172 -14.89 10.68 -16.85
N VAL B 173 -14.64 9.38 -16.67
CA VAL B 173 -13.39 8.97 -16.02
C VAL B 173 -12.19 9.21 -16.97
N HIS B 174 -12.45 9.09 -18.28
CA HIS B 174 -11.43 9.38 -19.29
C HIS B 174 -11.21 10.88 -19.40
N ARG B 175 -12.29 11.67 -19.26
CA ARG B 175 -12.13 13.12 -19.26
C ARG B 175 -11.35 13.56 -18.01
N GLU B 176 -11.56 12.87 -16.90
CA GLU B 176 -10.83 13.13 -15.68
C GLU B 176 -9.34 12.84 -15.85
N LEU B 177 -9.05 11.64 -16.33
CA LEU B 177 -7.65 11.25 -16.68
C LEU B 177 -6.93 12.27 -17.59
N ALA B 178 -7.62 12.67 -18.63
CA ALA B 178 -7.08 13.63 -19.58
C ALA B 178 -6.74 14.91 -18.88
N SER B 179 -7.63 15.32 -17.98
CA SER B 179 -7.50 16.59 -17.26
C SER B 179 -6.20 16.69 -16.47
N GLY B 180 -5.57 15.54 -16.21
CA GLY B 180 -4.32 15.46 -15.43
C GLY B 180 -3.10 15.00 -16.22
N LEU B 181 -3.25 14.70 -17.53
CA LEU B 181 -2.08 14.37 -18.36
C LEU B 181 -1.30 15.63 -18.72
N SER B 182 0.01 15.48 -18.74
CA SER B 182 0.89 16.61 -19.06
C SER B 182 1.09 16.80 -20.56
N CYS B 183 0.50 15.91 -21.37
CA CYS B 183 0.65 15.98 -22.80
C CYS B 183 -0.64 16.40 -23.44
N PRO B 184 -0.54 16.99 -24.64
CA PRO B 184 -1.76 17.30 -25.40
C PRO B 184 -2.56 16.04 -25.66
N VAL B 185 -3.88 16.21 -25.83
CA VAL B 185 -4.79 15.08 -25.94
C VAL B 185 -5.81 15.34 -27.02
N GLY B 186 -6.04 14.34 -27.83
CA GLY B 186 -7.03 14.41 -28.88
C GLY B 186 -8.24 13.58 -28.49
N PHE B 187 -9.43 14.16 -28.58
CA PHE B 187 -10.65 13.44 -28.31
C PHE B 187 -11.35 13.14 -29.60
N LYS B 188 -11.64 11.87 -29.82
CA LYS B 188 -12.24 11.44 -31.07
C LYS B 188 -13.73 11.54 -31.04
N ASN B 189 -14.35 11.86 -32.16
CA ASN B 189 -15.80 11.82 -32.24
C ASN B 189 -16.29 10.40 -32.04
N GLY B 190 -17.56 10.26 -31.72
CA GLY B 190 -18.15 8.96 -31.36
C GLY B 190 -18.27 8.02 -32.53
N THR B 191 -18.46 6.74 -32.25
CA THR B 191 -18.41 5.74 -33.31
C THR B 191 -19.52 5.91 -34.34
N ASP B 192 -20.61 6.58 -34.01
CA ASP B 192 -21.62 6.91 -35.01
C ASP B 192 -21.50 8.33 -35.57
N GLY B 193 -20.43 9.04 -35.22
CA GLY B 193 -20.19 10.36 -35.82
C GLY B 193 -20.48 11.55 -34.95
N ASN B 194 -20.81 11.32 -33.69
CA ASN B 194 -21.19 12.43 -32.81
C ASN B 194 -19.96 13.26 -32.52
N LEU B 195 -19.95 14.51 -32.98
CA LEU B 195 -18.85 15.40 -32.70
C LEU B 195 -19.00 16.18 -31.41
N LYS B 196 -20.21 16.50 -31.03
CA LYS B 196 -20.42 17.27 -29.79
C LYS B 196 -19.79 16.63 -28.54
N ILE B 197 -19.77 15.29 -28.45
CA ILE B 197 -19.16 14.67 -27.29
C ILE B 197 -17.67 14.98 -27.18
N ALA B 198 -17.00 15.20 -28.30
CA ALA B 198 -15.59 15.53 -28.25
C ALA B 198 -15.35 16.98 -27.85
N ILE B 199 -16.20 17.85 -28.34
CA ILE B 199 -16.20 19.26 -27.92
C ILE B 199 -16.52 19.39 -26.41
N ASP B 200 -17.55 18.68 -25.96
CA ASP B 200 -17.87 18.62 -24.54
C ASP B 200 -16.65 18.13 -23.79
N ALA B 201 -15.98 17.12 -24.36
CA ALA B 201 -14.85 16.56 -23.67
C ALA B 201 -13.72 17.54 -23.46
N ILE B 202 -13.51 18.44 -24.40
CA ILE B 202 -12.41 19.41 -24.23
C ILE B 202 -12.79 20.35 -23.09
N GLY B 203 -14.06 20.75 -23.07
CA GLY B 203 -14.58 21.58 -21.99
C GLY B 203 -14.29 20.91 -20.66
N ALA B 204 -14.72 19.65 -20.53
CA ALA B 204 -14.47 18.89 -19.34
C ALA B 204 -13.00 18.79 -18.97
N ALA B 205 -12.17 18.32 -19.91
CA ALA B 205 -10.76 18.04 -19.59
C ALA B 205 -9.95 19.30 -19.36
N SER B 206 -10.41 20.43 -19.89
CA SER B 206 -9.69 21.68 -19.64
C SER B 206 -9.90 22.20 -18.21
N HIS B 207 -10.90 21.68 -17.49
CA HIS B 207 -11.14 22.12 -16.10
C HIS B 207 -10.41 21.21 -15.13
N SER B 208 -10.24 21.72 -13.93
CA SER B 208 -9.68 20.96 -12.83
C SER B 208 -10.69 19.89 -12.38
N HIS B 209 -10.22 18.75 -11.91
CA HIS B 209 -11.08 17.69 -11.39
C HIS B 209 -10.54 17.10 -10.10
N HIS B 210 -11.41 16.48 -9.34
CA HIS B 210 -11.03 15.70 -8.14
C HIS B 210 -11.56 14.30 -8.31
N PHE B 211 -10.70 13.30 -8.17
CA PHE B 211 -11.17 11.95 -8.34
C PHE B 211 -10.17 10.99 -7.77
N LEU B 212 -10.53 9.71 -7.78
CA LEU B 212 -9.63 8.68 -7.29
C LEU B 212 -8.71 8.18 -8.39
N SER B 213 -7.45 7.95 -8.02
CA SER B 213 -6.38 7.46 -8.89
C SER B 213 -5.33 6.73 -8.07
N VAL B 214 -4.34 6.12 -8.72
CA VAL B 214 -3.33 5.35 -8.03
C VAL B 214 -1.97 5.98 -8.16
N THR B 215 -1.23 6.00 -7.09
CA THR B 215 0.07 6.69 -7.03
C THR B 215 1.17 5.86 -7.70
N LYS B 216 2.35 6.46 -7.81
CA LYS B 216 3.50 5.78 -8.32
C LYS B 216 3.86 4.59 -7.41
N ALA B 217 3.40 4.64 -6.17
CA ALA B 217 3.70 3.56 -5.24
C ALA B 217 2.67 2.43 -5.24
N GLY B 218 1.65 2.56 -6.06
CA GLY B 218 0.65 1.50 -6.18
C GLY B 218 -0.49 1.58 -5.17
N HIS B 219 -0.64 2.72 -4.48
CA HIS B 219 -1.77 2.91 -3.54
C HIS B 219 -2.79 3.90 -4.11
N SER B 220 -4.06 3.67 -3.81
CA SER B 220 -5.12 4.56 -4.25
C SER B 220 -5.01 5.86 -3.49
N ALA B 221 -5.42 6.93 -4.15
CA ALA B 221 -5.39 8.26 -3.59
C ALA B 221 -6.33 9.22 -4.32
N ILE B 222 -6.60 10.33 -3.67
CA ILE B 222 -7.44 11.38 -4.22
C ILE B 222 -6.50 12.29 -4.94
N VAL B 223 -6.78 12.59 -6.21
CA VAL B 223 -5.96 13.51 -6.96
C VAL B 223 -6.77 14.74 -7.35
N HIS B 224 -6.09 15.86 -7.42
CA HIS B 224 -6.68 17.11 -7.78
C HIS B 224 -5.89 17.59 -9.04
N THR B 225 -6.52 17.53 -10.22
CA THR B 225 -5.84 17.90 -11.46
C THR B 225 -6.01 19.36 -11.76
N GLY B 226 -5.08 19.92 -12.54
CA GLY B 226 -5.08 21.35 -12.89
C GLY B 226 -5.81 21.68 -14.17
N GLY B 227 -6.23 20.67 -14.92
CA GLY B 227 -6.87 20.91 -16.21
C GLY B 227 -5.85 20.84 -17.32
N ASN B 228 -6.26 20.33 -18.47
CA ASN B 228 -5.39 20.22 -19.66
C ASN B 228 -5.76 21.23 -20.72
N PRO B 229 -4.97 22.28 -20.87
CA PRO B 229 -5.31 23.35 -21.83
C PRO B 229 -5.06 23.02 -23.32
N ASP B 230 -4.50 21.85 -23.59
CA ASP B 230 -4.04 21.49 -24.92
C ASP B 230 -4.85 20.42 -25.65
N CYS B 231 -6.09 20.22 -25.23
CA CYS B 231 -6.98 19.28 -25.90
C CYS B 231 -7.53 19.78 -27.22
N HIS B 232 -7.86 18.83 -28.11
CA HIS B 232 -8.45 19.14 -29.38
C HIS B 232 -9.25 17.98 -29.86
N VAL B 233 -9.99 18.21 -30.94
CA VAL B 233 -10.84 17.13 -31.48
C VAL B 233 -10.17 16.38 -32.62
N ILE B 234 -10.67 15.18 -32.86
CA ILE B 234 -10.27 14.38 -33.96
C ILE B 234 -11.47 13.87 -34.76
N LEU B 235 -11.47 14.08 -36.08
CA LEU B 235 -12.53 13.58 -36.94
C LEU B 235 -12.15 12.21 -37.45
N ARG B 236 -12.89 11.18 -37.10
CA ARG B 236 -12.51 9.80 -37.44
C ARG B 236 -13.65 9.03 -38.10
N GLY B 237 -14.61 9.76 -38.63
CA GLY B 237 -15.78 9.16 -39.27
C GLY B 237 -16.87 8.64 -38.31
N GLY B 238 -18.04 8.40 -38.88
CA GLY B 238 -19.10 7.73 -38.15
C GLY B 238 -19.89 6.88 -39.09
N LYS B 239 -21.18 7.15 -39.19
CA LYS B 239 -22.01 6.46 -40.16
C LYS B 239 -21.46 6.79 -41.54
N GLU B 240 -21.03 8.04 -41.68
CA GLU B 240 -20.39 8.52 -42.88
C GLU B 240 -19.08 9.19 -42.52
N PRO B 241 -18.16 9.30 -43.47
CA PRO B 241 -16.88 9.97 -43.21
C PRO B 241 -17.07 11.46 -42.91
N ASN B 242 -16.27 12.00 -42.01
CA ASN B 242 -16.28 13.43 -41.72
C ASN B 242 -15.03 14.22 -42.10
N TYR B 243 -14.18 13.64 -42.93
CA TYR B 243 -12.90 14.25 -43.35
C TYR B 243 -12.93 15.53 -44.22
N ASP B 244 -13.94 15.67 -45.07
CA ASP B 244 -13.92 16.66 -46.14
C ASP B 244 -14.09 18.12 -45.65
N ALA B 245 -13.93 19.06 -46.57
CA ALA B 245 -13.94 20.48 -46.25
C ALA B 245 -15.23 20.92 -45.59
N GLU B 246 -16.37 20.49 -46.12
CA GLU B 246 -17.68 20.89 -45.57
C GLU B 246 -17.69 20.47 -44.10
N HIS B 247 -17.32 19.22 -43.84
CA HIS B 247 -17.28 18.68 -42.48
C HIS B 247 -16.32 19.39 -41.54
N VAL B 248 -15.18 19.81 -42.06
CA VAL B 248 -14.17 20.49 -41.25
C VAL B 248 -14.69 21.84 -40.85
N SER B 249 -15.24 22.53 -41.83
CA SER B 249 -15.74 23.87 -41.64
C SER B 249 -16.85 23.88 -40.59
N GLU B 250 -17.74 22.92 -40.73
CA GLU B 250 -18.89 22.75 -39.84
C GLU B 250 -18.37 22.48 -38.42
N ALA B 251 -17.36 21.64 -38.30
CA ALA B 251 -16.76 21.36 -37.01
C ALA B 251 -16.10 22.59 -36.41
N ALA B 252 -15.42 23.38 -37.21
CA ALA B 252 -14.69 24.55 -36.70
C ALA B 252 -15.67 25.57 -36.14
N GLU B 253 -16.79 25.72 -36.84
CA GLU B 253 -17.82 26.61 -36.42
C GLU B 253 -18.37 26.16 -35.04
N GLN B 254 -18.63 24.87 -34.86
CA GLN B 254 -19.07 24.35 -33.55
C GLN B 254 -18.03 24.54 -32.46
N LEU B 255 -16.76 24.37 -32.80
CA LEU B 255 -15.67 24.53 -31.86
C LEU B 255 -15.63 25.98 -31.37
N ARG B 256 -15.63 26.92 -32.31
CA ARG B 256 -15.62 28.34 -31.97
C ARG B 256 -16.83 28.70 -31.10
N ALA B 257 -18.00 28.19 -31.47
CA ALA B 257 -19.21 28.42 -30.69
C ALA B 257 -19.06 27.97 -29.24
N ALA B 258 -18.34 26.88 -29.00
CA ALA B 258 -18.11 26.40 -27.63
C ALA B 258 -16.93 27.08 -26.93
N GLY B 259 -16.28 28.06 -27.58
CA GLY B 259 -15.15 28.77 -26.97
C GLY B 259 -13.86 27.96 -26.81
N VAL B 260 -13.70 26.93 -27.62
CA VAL B 260 -12.47 26.10 -27.59
C VAL B 260 -11.77 26.16 -28.95
N THR B 261 -10.54 25.65 -29.01
CA THR B 261 -9.76 25.72 -30.22
C THR B 261 -10.47 25.10 -31.43
N ASP B 262 -10.40 25.84 -32.56
CA ASP B 262 -10.95 25.40 -33.86
C ASP B 262 -9.88 24.78 -34.78
N LYS B 263 -8.76 24.38 -34.20
CA LYS B 263 -7.76 23.59 -34.93
C LYS B 263 -8.00 22.13 -34.57
N LEU B 264 -8.16 21.30 -35.58
CA LEU B 264 -8.49 19.91 -35.35
C LEU B 264 -7.59 18.94 -36.11
N MET B 265 -7.78 17.66 -35.82
CA MET B 265 -7.03 16.62 -36.44
C MET B 265 -8.00 15.72 -37.19
N ILE B 266 -7.54 15.13 -38.28
CA ILE B 266 -8.35 14.23 -39.11
C ILE B 266 -7.69 12.87 -39.18
N ASP B 267 -8.42 11.84 -38.83
CA ASP B 267 -7.94 10.47 -38.90
C ASP B 267 -8.26 9.97 -40.30
N CYS B 268 -7.21 9.55 -41.01
CA CYS B 268 -7.36 8.91 -42.32
C CYS B 268 -7.91 7.49 -42.27
N SER B 269 -7.75 6.85 -41.11
CA SER B 269 -8.17 5.48 -40.86
C SER B 269 -9.56 5.33 -40.23
N HIS B 270 -9.89 4.11 -39.84
CA HIS B 270 -11.14 3.78 -39.16
C HIS B 270 -12.39 4.15 -39.97
N ALA B 271 -13.31 4.88 -39.36
CA ALA B 271 -14.59 5.21 -39.98
C ALA B 271 -14.40 6.02 -41.27
N ASN B 272 -13.44 6.93 -41.26
CA ASN B 272 -13.15 7.75 -42.42
C ASN B 272 -12.69 6.93 -43.63
N SER B 273 -11.91 5.89 -43.37
CA SER B 273 -11.44 4.99 -44.42
C SER B 273 -12.47 3.89 -44.68
N ARG B 274 -13.54 3.90 -43.91
CA ARG B 274 -14.57 2.88 -43.99
C ARG B 274 -13.99 1.51 -43.67
N LYS B 275 -13.00 1.51 -42.79
CA LYS B 275 -12.34 0.28 -42.36
C LYS B 275 -11.60 -0.40 -43.50
N ASP B 276 -11.20 0.38 -44.50
CA ASP B 276 -10.40 -0.13 -45.60
C ASP B 276 -9.07 0.60 -45.63
N TYR B 277 -7.97 -0.15 -45.54
CA TYR B 277 -6.64 0.44 -45.49
C TYR B 277 -6.24 1.19 -46.75
N THR B 278 -6.66 0.68 -47.90
CA THR B 278 -6.37 1.30 -49.20
C THR B 278 -6.96 2.70 -49.27
N ARG B 279 -8.12 2.89 -48.66
CA ARG B 279 -8.87 4.14 -48.70
C ARG B 279 -8.17 5.34 -48.04
N GLN B 280 -7.22 5.08 -47.14
CA GLN B 280 -6.60 6.16 -46.38
C GLN B 280 -5.90 7.19 -47.27
N MET B 281 -5.22 6.70 -48.30
N MET B 281 -5.21 6.70 -48.31
CA MET B 281 -4.55 7.56 -49.26
CA MET B 281 -4.55 7.57 -49.26
C MET B 281 -5.53 8.55 -49.89
C MET B 281 -5.52 8.55 -49.90
N GLU B 282 -6.71 8.08 -50.29
CA GLU B 282 -7.76 8.99 -50.77
C GLU B 282 -8.03 10.13 -49.78
N VAL B 283 -8.14 9.78 -48.48
CA VAL B 283 -8.42 10.74 -47.47
C VAL B 283 -7.27 11.72 -47.35
N ALA B 284 -6.05 11.20 -47.38
CA ALA B 284 -4.87 12.05 -47.34
C ALA B 284 -4.86 13.02 -48.52
N GLN B 285 -5.28 12.54 -49.69
CA GLN B 285 -5.31 13.37 -50.91
C GLN B 285 -6.31 14.48 -50.78
N ASP B 286 -7.46 14.17 -50.18
CA ASP B 286 -8.49 15.17 -49.95
C ASP B 286 -7.98 16.24 -48.96
N ILE B 287 -7.34 15.78 -47.89
CA ILE B 287 -6.70 16.69 -46.92
C ILE B 287 -5.62 17.57 -47.60
N ALA B 288 -4.78 16.95 -48.44
CA ALA B 288 -3.76 17.68 -49.16
C ALA B 288 -4.38 18.80 -50.00
N ALA B 289 -5.47 18.48 -50.68
CA ALA B 289 -6.18 19.45 -51.49
C ALA B 289 -6.70 20.62 -50.62
N GLN B 290 -7.20 20.33 -49.42
CA GLN B 290 -7.67 21.36 -48.50
C GLN B 290 -6.54 22.24 -48.06
N LEU B 291 -5.41 21.63 -47.74
CA LEU B 291 -4.23 22.39 -47.34
C LEU B 291 -3.77 23.35 -48.43
N GLU B 292 -3.85 22.91 -49.68
CA GLU B 292 -3.53 23.76 -50.82
C GLU B 292 -4.53 24.91 -50.95
N GLN B 293 -5.83 24.63 -50.96
CA GLN B 293 -6.85 25.67 -51.10
C GLN B 293 -6.90 26.65 -49.91
N ASP B 294 -7.00 26.11 -48.71
CA ASP B 294 -7.05 26.91 -47.49
C ASP B 294 -6.63 26.07 -46.30
N GLY B 295 -7.55 25.23 -45.83
CA GLY B 295 -7.26 24.23 -44.81
C GLY B 295 -6.70 24.81 -43.53
N GLY B 296 -7.09 26.05 -43.23
CA GLY B 296 -6.63 26.76 -42.01
C GLY B 296 -6.99 26.13 -40.69
N ASN B 297 -8.04 25.32 -40.66
CA ASN B 297 -8.48 24.69 -39.40
C ASN B 297 -7.83 23.34 -39.11
N ILE B 298 -6.96 22.87 -40.00
CA ILE B 298 -6.34 21.58 -39.83
C ILE B 298 -4.95 21.69 -39.18
N MET B 299 -4.75 20.93 -38.11
CA MET B 299 -3.46 20.95 -37.42
C MET B 299 -2.80 19.59 -37.38
N GLY B 300 -3.50 18.55 -37.82
CA GLY B 300 -2.94 17.23 -37.67
C GLY B 300 -3.72 16.18 -38.40
N VAL B 301 -3.03 15.07 -38.65
CA VAL B 301 -3.66 13.89 -39.23
C VAL B 301 -3.12 12.65 -38.57
N MET B 302 -3.85 11.57 -38.77
CA MET B 302 -3.59 10.31 -38.14
C MET B 302 -3.61 9.26 -39.23
N VAL B 303 -2.61 8.38 -39.23
CA VAL B 303 -2.49 7.35 -40.26
C VAL B 303 -2.06 6.01 -39.67
N GLU B 304 -2.75 4.95 -40.08
CA GLU B 304 -2.43 3.61 -39.62
C GLU B 304 -1.52 2.96 -40.66
N SER B 305 -0.26 2.79 -40.27
CA SER B 305 0.81 2.42 -41.15
C SER B 305 1.69 1.38 -40.47
N HIS B 306 2.28 0.47 -41.25
CA HIS B 306 3.22 -0.54 -40.73
C HIS B 306 4.22 -0.90 -41.84
N LEU B 307 5.12 -1.83 -41.55
CA LEU B 307 6.13 -2.27 -42.51
C LEU B 307 5.44 -2.90 -43.70
N VAL B 308 4.47 -3.75 -43.40
CA VAL B 308 3.78 -4.54 -44.39
C VAL B 308 2.30 -4.23 -44.27
N GLU B 309 1.61 -4.16 -45.40
CA GLU B 309 0.20 -3.78 -45.42
C GLU B 309 -0.78 -4.89 -45.03
N GLY B 310 -2.00 -4.49 -44.73
CA GLY B 310 -3.09 -5.40 -44.36
C GLY B 310 -3.14 -5.80 -42.88
N ARG B 311 -3.71 -6.97 -42.61
CA ARG B 311 -3.88 -7.48 -41.25
C ARG B 311 -3.91 -9.00 -41.26
N GLN B 312 -3.88 -9.59 -40.08
CA GLN B 312 -3.85 -11.03 -39.93
C GLN B 312 -4.36 -11.36 -38.51
N ASP B 313 -5.04 -12.49 -38.36
CA ASP B 313 -5.56 -12.87 -37.06
C ASP B 313 -4.43 -13.37 -36.15
N LYS B 314 -3.50 -14.16 -36.69
CA LYS B 314 -2.37 -14.70 -35.91
C LYS B 314 -1.14 -13.90 -36.33
N PRO B 315 -0.18 -13.71 -35.42
CA PRO B 315 1.08 -12.94 -35.69
C PRO B 315 2.16 -13.70 -36.48
N GLU B 316 1.78 -14.20 -37.65
CA GLU B 316 2.60 -15.10 -38.47
C GLU B 316 3.63 -14.28 -39.29
N VAL B 317 3.16 -13.23 -39.97
CA VAL B 317 4.01 -12.36 -40.77
C VAL B 317 4.54 -11.19 -39.93
N TYR B 318 5.85 -11.03 -39.93
CA TYR B 318 6.59 -9.90 -39.31
C TYR B 318 6.14 -8.56 -39.80
N GLY B 319 6.04 -7.59 -38.90
CA GLY B 319 5.62 -6.22 -39.24
C GLY B 319 4.25 -6.03 -39.93
N LYS B 320 3.33 -6.96 -39.67
CA LYS B 320 1.98 -6.91 -40.22
C LYS B 320 0.98 -6.91 -39.05
N SER B 321 0.01 -5.99 -39.10
CA SER B 321 -0.94 -5.76 -37.99
C SER B 321 -1.78 -6.98 -37.65
N ILE B 322 -2.02 -7.19 -36.33
CA ILE B 322 -2.98 -8.19 -35.88
C ILE B 322 -4.31 -7.57 -35.44
N THR B 323 -4.35 -6.24 -35.45
CA THR B 323 -5.55 -5.42 -35.23
C THR B 323 -5.98 -4.78 -36.56
N ASP B 324 -6.42 -3.53 -36.55
CA ASP B 324 -6.88 -2.92 -37.80
C ASP B 324 -5.78 -2.98 -38.91
N ALA B 325 -6.24 -3.15 -40.15
CA ALA B 325 -5.35 -3.24 -41.31
C ALA B 325 -4.61 -1.91 -41.51
N CYS B 326 -3.32 -1.97 -41.84
CA CYS B 326 -2.53 -0.77 -42.07
C CYS B 326 -2.05 -0.70 -43.50
N ILE B 327 -1.72 0.52 -43.98
CA ILE B 327 -0.93 0.63 -45.20
C ILE B 327 0.49 0.21 -44.90
N GLY B 328 1.21 -0.18 -45.94
CA GLY B 328 2.61 -0.62 -45.83
C GLY B 328 3.62 0.52 -45.94
N TRP B 329 4.89 0.16 -45.96
CA TRP B 329 5.94 1.17 -45.94
C TRP B 329 6.00 2.02 -47.20
N GLY B 330 5.84 1.39 -48.35
CA GLY B 330 5.84 2.13 -49.58
C GLY B 330 4.78 3.20 -49.56
N ALA B 331 3.55 2.77 -49.35
CA ALA B 331 2.42 3.70 -49.33
C ALA B 331 2.62 4.81 -48.27
N THR B 332 3.29 4.45 -47.19
CA THR B 332 3.63 5.38 -46.18
C THR B 332 4.55 6.48 -46.71
N GLU B 333 5.61 6.12 -47.44
CA GLU B 333 6.47 7.14 -48.09
C GLU B 333 5.71 8.06 -49.04
N GLU B 334 4.80 7.49 -49.84
CA GLU B 334 3.95 8.30 -50.75
C GLU B 334 3.10 9.32 -49.99
N LEU B 335 2.43 8.84 -48.95
CA LEU B 335 1.50 9.66 -48.17
C LEU B 335 2.22 10.81 -47.50
N LEU B 336 3.35 10.55 -46.87
CA LEU B 336 4.07 11.61 -46.21
C LEU B 336 4.59 12.67 -47.19
N ALA B 337 5.13 12.25 -48.32
CA ALA B 337 5.56 13.21 -49.35
C ALA B 337 4.39 14.08 -49.85
N LEU B 338 3.23 13.45 -50.05
CA LEU B 338 2.03 14.14 -50.43
C LEU B 338 1.67 15.26 -49.42
N LEU B 339 1.58 14.89 -48.15
CA LEU B 339 1.23 15.84 -47.10
C LEU B 339 2.29 16.91 -46.90
N ALA B 340 3.54 16.53 -46.96
CA ALA B 340 4.62 17.51 -46.82
C ALA B 340 4.57 18.54 -47.94
N GLY B 341 4.37 18.09 -49.18
CA GLY B 341 4.36 19.00 -50.33
C GLY B 341 3.22 19.98 -50.20
N ALA B 342 2.06 19.45 -49.85
CA ALA B 342 0.86 20.26 -49.68
C ALA B 342 1.01 21.26 -48.55
N ASN B 343 1.53 20.83 -47.40
CA ASN B 343 1.62 21.76 -46.28
C ASN B 343 2.71 22.82 -46.44
N LYS B 344 3.75 22.53 -47.24
CA LYS B 344 4.77 23.52 -47.56
C LYS B 344 4.16 24.75 -48.23
N LYS B 345 3.19 24.51 -49.11
CA LYS B 345 2.41 25.58 -49.74
C LYS B 345 1.55 26.38 -48.77
N ARG B 346 0.83 25.69 -47.89
CA ARG B 346 0.03 26.37 -46.87
C ARG B 346 0.91 27.30 -46.01
N MET B 347 2.07 26.81 -45.59
CA MET B 347 3.00 27.59 -44.77
C MET B 347 3.59 28.80 -45.50
N ALA B 348 3.74 28.71 -46.82
CA ALA B 348 4.20 29.84 -47.63
C ALA B 348 3.23 31.02 -47.68
N ARG B 349 1.94 30.80 -47.52
CA ARG B 349 1.00 31.89 -47.62
C ARG B 349 1.28 32.86 -46.48
N ALA B 350 2.11 32.42 -45.54
CA ALA B 350 2.29 33.07 -44.26
C ALA B 350 3.72 32.91 -43.75
N VAL C 15 -0.45 -14.20 7.99
CA VAL C 15 -0.81 -12.88 7.35
C VAL C 15 -2.37 -12.58 7.39
N LYS C 16 -2.79 -11.64 8.28
CA LYS C 16 -4.21 -11.15 8.49
C LYS C 16 -4.37 -9.54 8.43
N GLU C 17 -5.58 -9.07 8.08
CA GLU C 17 -5.74 -7.70 7.63
C GLU C 17 -5.51 -6.71 8.75
N LEU C 18 -4.71 -5.70 8.46
CA LEU C 18 -4.41 -4.68 9.44
C LEU C 18 -4.84 -3.33 8.90
N LEU C 19 -5.65 -2.63 9.67
CA LEU C 19 -6.04 -1.27 9.31
C LEU C 19 -4.88 -0.34 9.53
N PRO C 20 -4.68 0.59 8.61
CA PRO C 20 -3.60 1.53 8.78
C PRO C 20 -3.90 2.57 9.83
N PRO C 21 -2.87 3.24 10.35
CA PRO C 21 -3.10 4.36 11.26
C PRO C 21 -4.16 5.36 10.82
N ILE C 22 -4.18 5.79 9.58
CA ILE C 22 -5.17 6.77 9.15
C ILE C 22 -6.60 6.37 9.39
N ALA C 23 -6.87 5.07 9.48
CA ALA C 23 -8.24 4.65 9.71
C ALA C 23 -8.64 5.04 11.13
N HIS C 24 -7.74 4.81 12.07
CA HIS C 24 -7.99 5.10 13.45
C HIS C 24 -7.94 6.60 13.71
N LEU C 25 -7.06 7.30 12.99
CA LEU C 25 -7.01 8.77 13.15
C LEU C 25 -8.28 9.44 12.65
N TYR C 26 -8.94 8.81 11.68
CA TYR C 26 -10.18 9.33 11.14
C TYR C 26 -11.36 9.21 12.14
N GLU C 27 -11.44 8.07 12.83
CA GLU C 27 -12.47 7.85 13.82
C GLU C 27 -12.22 8.60 15.12
N LEU C 28 -10.96 8.75 15.46
CA LEU C 28 -10.60 9.38 16.71
C LEU C 28 -9.54 10.42 16.49
N PRO C 29 -9.89 11.52 15.86
CA PRO C 29 -8.90 12.56 15.67
C PRO C 29 -8.54 13.17 17.01
N ILE C 30 -7.29 13.60 17.14
CA ILE C 30 -6.90 14.29 18.35
C ILE C 30 -7.70 15.59 18.46
N SER C 31 -8.09 15.97 19.66
CA SER C 31 -8.87 17.20 19.89
C SER C 31 -7.94 18.40 20.18
N LYS C 32 -8.43 19.63 20.04
CA LYS C 32 -7.66 20.83 20.41
C LYS C 32 -7.09 20.64 21.82
N GLU C 33 -7.90 20.13 22.73
CA GLU C 33 -7.52 20.06 24.14
C GLU C 33 -6.43 19.03 24.35
N ALA C 34 -6.62 17.84 23.80
CA ALA C 34 -5.64 16.77 23.97
C ALA C 34 -4.34 17.15 23.31
N SER C 35 -4.44 17.77 22.16
CA SER C 35 -3.27 18.23 21.46
C SER C 35 -2.48 19.24 22.28
N GLY C 36 -3.17 20.17 22.91
CA GLY C 36 -2.56 21.20 23.72
C GLY C 36 -1.94 20.65 24.99
N LEU C 37 -2.60 19.67 25.61
CA LEU C 37 -2.08 19.02 26.79
C LEU C 37 -0.78 18.28 26.46
N VAL C 38 -0.79 17.55 25.36
CA VAL C 38 0.38 16.78 24.95
C VAL C 38 1.55 17.72 24.67
N HIS C 39 1.27 18.71 23.84
CA HIS C 39 2.28 19.69 23.52
C HIS C 39 2.90 20.30 24.78
N ARG C 40 2.03 20.80 25.66
CA ARG C 40 2.45 21.49 26.87
C ARG C 40 3.22 20.54 27.81
N THR C 41 2.70 19.33 28.00
CA THR C 41 3.35 18.37 28.87
C THR C 41 4.73 17.94 28.35
N ARG C 42 4.89 17.77 27.03
CA ARG C 42 6.19 17.40 26.50
C ARG C 42 7.19 18.49 26.80
N GLN C 43 6.77 19.74 26.62
CA GLN C 43 7.65 20.85 26.90
C GLN C 43 8.06 20.84 28.36
N GLU C 44 7.06 20.67 29.23
CA GLU C 44 7.25 20.79 30.66
C GLU C 44 8.27 19.74 31.06
N ILE C 45 8.21 18.58 30.41
CA ILE C 45 9.13 17.50 30.73
C ILE C 45 10.53 17.79 30.20
N SER C 46 10.58 18.29 28.98
CA SER C 46 11.84 18.78 28.42
C SER C 46 12.56 19.68 29.44
N ASP C 47 11.84 20.65 29.99
CA ASP C 47 12.38 21.55 30.99
C ASP C 47 12.99 20.84 32.17
N LEU C 48 12.43 19.69 32.55
CA LEU C 48 12.92 18.94 33.70
C LEU C 48 14.18 18.23 33.35
N VAL C 49 14.19 17.68 32.14
CA VAL C 49 15.32 16.93 31.63
C VAL C 49 16.55 17.81 31.51
N HIS C 50 16.36 19.05 31.11
CA HIS C 50 17.48 19.94 30.89
C HIS C 50 17.71 20.93 32.03
N GLY C 51 17.10 20.65 33.18
CA GLY C 51 17.38 21.41 34.40
C GLY C 51 16.80 22.83 34.51
N ARG C 52 15.83 23.16 33.66
CA ARG C 52 15.22 24.49 33.70
C ARG C 52 14.07 24.58 34.70
N ASP C 53 13.65 23.46 35.27
CA ASP C 53 12.57 23.46 36.25
C ASP C 53 12.82 22.30 37.21
N LYS C 54 12.56 22.53 38.48
CA LYS C 54 12.96 21.60 39.54
C LYS C 54 11.79 20.77 40.07
N ARG C 55 10.63 20.89 39.44
CA ARG C 55 9.55 19.99 39.74
C ARG C 55 9.98 18.55 39.49
N LEU C 56 9.25 17.62 40.05
CA LEU C 56 9.62 16.23 39.94
C LEU C 56 8.62 15.52 39.04
N LEU C 57 9.06 15.01 37.91
CA LEU C 57 8.19 14.20 37.07
C LEU C 57 7.83 12.93 37.78
N VAL C 58 6.55 12.57 37.77
CA VAL C 58 6.14 11.32 38.33
C VAL C 58 5.30 10.50 37.36
N ILE C 59 5.88 9.41 36.89
CA ILE C 59 5.25 8.48 35.98
C ILE C 59 4.67 7.39 36.84
N ILE C 60 3.35 7.36 36.94
CA ILE C 60 2.68 6.55 37.96
C ILE C 60 1.37 5.98 37.45
N GLY C 61 1.12 4.72 37.77
CA GLY C 61 -0.02 4.02 37.19
C GLY C 61 0.27 2.55 37.11
N PRO C 62 -0.60 1.80 36.47
CA PRO C 62 -0.47 0.35 36.39
C PRO C 62 0.75 -0.15 35.64
N CYS C 63 1.17 -1.38 35.95
CA CYS C 63 2.27 -2.00 35.21
C CYS C 63 1.79 -2.11 33.76
N SER C 64 0.55 -2.57 33.58
CA SER C 64 -0.07 -2.67 32.26
C SER C 64 -1.53 -2.35 32.32
N ILE C 65 -2.06 -1.79 31.24
CA ILE C 65 -3.50 -1.57 31.12
C ILE C 65 -4.16 -2.80 30.56
N HIS C 66 -5.09 -3.40 31.30
CA HIS C 66 -5.91 -4.46 30.75
C HIS C 66 -7.40 -4.15 30.74
N ASP C 67 -7.82 -3.12 31.46
CA ASP C 67 -9.22 -2.72 31.47
C ASP C 67 -9.33 -1.20 31.34
N PRO C 68 -9.99 -0.71 30.30
CA PRO C 68 -10.10 0.75 30.16
C PRO C 68 -10.98 1.38 31.19
N LYS C 69 -12.02 0.67 31.62
CA LYS C 69 -12.95 1.22 32.64
C LYS C 69 -12.13 1.59 33.88
N ALA C 70 -11.36 0.63 34.36
CA ALA C 70 -10.57 0.82 35.56
C ALA C 70 -9.54 1.91 35.38
N ALA C 71 -9.00 1.99 34.18
CA ALA C 71 -7.95 2.94 33.92
C ALA C 71 -8.50 4.34 33.92
N LEU C 72 -9.68 4.50 33.32
CA LEU C 72 -10.39 5.78 33.44
C LEU C 72 -10.73 6.15 34.89
N GLU C 73 -11.09 5.15 35.71
CA GLU C 73 -11.39 5.42 37.10
C GLU C 73 -10.13 5.87 37.85
N TYR C 74 -9.03 5.14 37.61
CA TYR C 74 -7.74 5.44 38.22
C TYR C 74 -7.32 6.86 37.84
N ALA C 75 -7.43 7.17 36.56
CA ALA C 75 -7.11 8.50 36.08
C ALA C 75 -7.89 9.60 36.82
N GLU C 76 -9.20 9.37 37.00
CA GLU C 76 -10.10 10.31 37.73
C GLU C 76 -9.56 10.70 39.10
N ARG C 77 -9.18 9.69 39.87
CA ARG C 77 -8.58 9.92 41.17
C ARG C 77 -7.21 10.58 41.10
N LEU C 78 -6.36 10.13 40.18
CA LEU C 78 -5.00 10.66 40.06
C LEU C 78 -5.02 12.10 39.59
N LEU C 79 -5.98 12.41 38.75
CA LEU C 79 -6.13 13.76 38.27
C LEU C 79 -6.17 14.79 39.42
N LYS C 80 -6.86 14.47 40.50
CA LYS C 80 -6.98 15.42 41.60
C LYS C 80 -5.66 15.66 42.29
N LEU C 81 -4.86 14.62 42.38
CA LEU C 81 -3.54 14.77 42.96
C LEU C 81 -2.59 15.50 41.99
N ARG C 82 -2.74 15.26 40.70
CA ARG C 82 -1.94 15.98 39.70
C ARG C 82 -2.13 17.48 39.84
N LYS C 83 -3.39 17.88 40.06
CA LYS C 83 -3.73 19.29 40.23
C LYS C 83 -3.26 19.81 41.59
N GLN C 84 -3.54 19.04 42.64
CA GLN C 84 -3.18 19.45 43.99
C GLN C 84 -1.67 19.70 44.14
N TYR C 85 -0.85 18.84 43.51
CA TYR C 85 0.58 18.88 43.67
C TYR C 85 1.34 19.52 42.49
N GLU C 86 0.62 20.22 41.61
CA GLU C 86 1.18 20.73 40.37
C GLU C 86 2.36 21.70 40.52
N ASN C 87 2.57 22.28 41.69
CA ASN C 87 3.69 23.17 41.89
C ASN C 87 4.99 22.48 42.26
N GLU C 88 4.84 21.24 42.71
CA GLU C 88 5.95 20.40 43.16
C GLU C 88 6.18 19.19 42.27
N LEU C 89 5.10 18.58 41.78
CA LEU C 89 5.17 17.42 40.94
C LEU C 89 4.46 17.62 39.63
N LEU C 90 4.94 16.91 38.63
CA LEU C 90 4.32 16.87 37.31
C LEU C 90 3.92 15.44 37.14
N ILE C 91 2.64 15.18 37.40
CA ILE C 91 2.10 13.82 37.41
C ILE C 91 1.58 13.43 36.01
N VAL C 92 2.01 12.25 35.57
CA VAL C 92 1.67 11.67 34.28
C VAL C 92 1.36 10.20 34.49
N MET C 93 0.29 9.70 33.88
CA MET C 93 -0.13 8.34 34.12
C MET C 93 0.65 7.33 33.30
N ARG C 94 0.99 6.21 33.90
CA ARG C 94 1.45 5.04 33.16
C ARG C 94 0.27 4.43 32.45
N VAL C 95 0.32 4.41 31.13
CA VAL C 95 -0.69 3.77 30.31
C VAL C 95 0.02 2.83 29.36
N TYR C 96 0.55 1.76 29.90
CA TYR C 96 1.37 0.83 29.15
C TYR C 96 0.55 -0.22 28.37
N PHE C 97 0.72 -0.18 27.04
CA PHE C 97 -0.02 -1.04 26.14
C PHE C 97 0.78 -2.23 25.61
N GLU C 98 2.09 -2.20 25.78
CA GLU C 98 3.01 -3.24 25.21
C GLU C 98 3.98 -3.75 26.28
N LYS C 99 3.99 -5.06 26.51
CA LYS C 99 4.74 -5.67 27.63
C LYS C 99 5.78 -6.68 27.14
N PRO C 100 7.02 -6.50 27.57
CA PRO C 100 8.06 -7.44 27.21
C PRO C 100 8.14 -8.57 28.18
N ARG C 101 7.96 -9.79 27.68
CA ARG C 101 8.04 -10.98 28.51
C ARG C 101 9.44 -11.58 28.55
N THR C 102 9.65 -12.29 29.64
CA THR C 102 10.87 -13.00 29.90
C THR C 102 10.98 -14.12 28.89
N THR C 103 9.93 -14.90 28.71
CA THR C 103 9.87 -15.87 27.62
C THR C 103 8.64 -15.61 26.76
N VAL C 104 7.52 -16.19 27.16
CA VAL C 104 6.24 -15.96 26.51
C VAL C 104 5.24 -15.46 27.55
N GLY C 105 4.08 -15.04 27.06
CA GLY C 105 3.06 -14.42 27.89
C GLY C 105 2.24 -13.38 27.17
N TRP C 106 1.28 -12.84 27.89
CA TRP C 106 0.39 -11.80 27.37
C TRP C 106 1.22 -10.53 27.15
N LYS C 107 1.27 -10.04 25.90
CA LYS C 107 2.15 -8.90 25.54
C LYS C 107 1.48 -7.53 25.66
N GLY C 108 0.24 -7.51 26.15
CA GLY C 108 -0.46 -6.25 26.44
C GLY C 108 -1.73 -6.06 25.65
N LEU C 109 -2.39 -4.93 25.86
CA LEU C 109 -3.75 -4.74 25.40
C LEU C 109 -3.86 -4.68 23.89
N ILE C 110 -2.90 -4.00 23.27
CA ILE C 110 -2.84 -3.94 21.84
C ILE C 110 -2.73 -5.32 21.25
N ASN C 111 -1.74 -6.09 21.67
CA ASN C 111 -1.55 -7.43 21.11
C ASN C 111 -2.69 -8.40 21.37
N ASP C 112 -3.20 -8.43 22.60
CA ASP C 112 -4.31 -9.30 22.97
C ASP C 112 -5.38 -8.59 23.80
N PRO C 113 -6.23 -7.78 23.18
CA PRO C 113 -7.18 -6.96 23.97
C PRO C 113 -8.18 -7.79 24.79
N HIS C 114 -8.67 -8.88 24.22
CA HIS C 114 -9.67 -9.71 24.85
C HIS C 114 -9.12 -10.57 25.97
N LEU C 115 -7.81 -10.66 26.05
CA LEU C 115 -7.11 -11.46 27.09
C LEU C 115 -7.38 -12.97 26.97
N ASP C 116 -7.71 -13.42 25.75
CA ASP C 116 -8.07 -14.82 25.52
C ASP C 116 -7.26 -15.56 24.43
N GLY C 117 -6.15 -14.99 24.00
CA GLY C 117 -5.38 -15.52 22.85
C GLY C 117 -6.05 -15.43 21.48
N THR C 118 -6.83 -14.38 21.26
CA THR C 118 -7.46 -14.14 19.96
C THR C 118 -6.65 -13.11 19.15
N PHE C 119 -5.78 -12.38 19.82
CA PHE C 119 -4.85 -11.48 19.15
C PHE C 119 -5.56 -10.54 18.20
N ASP C 120 -6.62 -9.91 18.68
CA ASP C 120 -7.46 -9.01 17.87
C ASP C 120 -6.86 -7.62 17.87
N ILE C 121 -5.79 -7.47 17.10
CA ILE C 121 -4.92 -6.30 17.17
C ILE C 121 -5.60 -5.06 16.63
N ASN C 122 -6.47 -5.23 15.67
CA ASN C 122 -7.20 -4.07 15.16
C ASN C 122 -8.06 -3.43 16.27
N PHE C 123 -8.75 -4.27 17.06
CA PHE C 123 -9.55 -3.83 18.20
C PHE C 123 -8.65 -3.24 19.27
N GLY C 124 -7.55 -3.95 19.54
CA GLY C 124 -6.59 -3.47 20.53
C GLY C 124 -6.15 -2.06 20.28
N LEU C 125 -5.78 -1.77 19.02
CA LEU C 125 -5.21 -0.49 18.65
C LEU C 125 -6.27 0.59 18.70
N ARG C 126 -7.47 0.25 18.30
CA ARG C 126 -8.61 1.14 18.45
C ARG C 126 -8.85 1.48 19.95
N GLN C 127 -8.91 0.46 20.77
CA GLN C 127 -9.19 0.62 22.17
C GLN C 127 -8.10 1.47 22.84
N ALA C 128 -6.87 1.22 22.45
CA ALA C 128 -5.76 1.97 23.02
C ALA C 128 -5.85 3.44 22.66
N ARG C 129 -6.12 3.74 21.39
CA ARG C 129 -6.23 5.12 20.98
C ARG C 129 -7.39 5.81 21.74
N SER C 130 -8.52 5.12 21.84
CA SER C 130 -9.73 5.66 22.46
C SER C 130 -9.47 6.05 23.89
N LEU C 131 -8.86 5.12 24.61
CA LEU C 131 -8.52 5.37 25.99
C LEU C 131 -7.59 6.55 26.14
N LEU C 132 -6.59 6.61 25.30
CA LEU C 132 -5.63 7.69 25.37
C LEU C 132 -6.29 9.03 25.06
N LEU C 133 -7.19 9.03 24.09
CA LEU C 133 -7.86 10.26 23.75
C LEU C 133 -8.69 10.71 24.96
N SER C 134 -9.41 9.77 25.57
CA SER C 134 -10.27 10.08 26.72
C SER C 134 -9.43 10.61 27.90
N LEU C 135 -8.29 9.97 28.14
CA LEU C 135 -7.41 10.41 29.19
C LEU C 135 -6.91 11.85 28.99
N ASN C 136 -6.44 12.14 27.79
CA ASN C 136 -5.97 13.49 27.53
C ASN C 136 -7.12 14.47 27.60
N ASN C 137 -8.28 14.06 27.13
CA ASN C 137 -9.45 14.94 27.17
C ASN C 137 -9.87 15.33 28.59
N MET C 138 -9.64 14.47 29.56
CA MET C 138 -10.08 14.77 30.93
C MET C 138 -9.05 15.57 31.70
N GLY C 139 -7.85 15.72 31.12
CA GLY C 139 -6.75 16.46 31.72
C GLY C 139 -5.57 15.63 32.19
N MET C 140 -5.58 14.31 31.90
CA MET C 140 -4.50 13.40 32.33
C MET C 140 -3.56 13.00 31.18
N PRO C 141 -2.28 13.39 31.25
CA PRO C 141 -1.36 13.00 30.21
C PRO C 141 -0.90 11.57 30.37
N ALA C 142 -0.47 10.98 29.27
CA ALA C 142 -0.18 9.58 29.22
C ALA C 142 1.25 9.27 28.79
N SER C 143 1.76 8.17 29.32
CA SER C 143 3.07 7.69 29.04
C SER C 143 2.94 6.22 28.77
N THR C 144 3.85 5.68 27.98
CA THR C 144 3.84 4.24 27.70
C THR C 144 5.26 3.77 27.37
N GLU C 145 5.47 2.45 27.35
CA GLU C 145 6.73 1.91 26.86
C GLU C 145 6.54 1.67 25.37
N PHE C 146 7.49 2.13 24.56
CA PHE C 146 7.45 1.83 23.13
C PHE C 146 8.26 0.57 22.86
N LEU C 147 7.55 -0.53 22.59
CA LEU C 147 8.17 -1.80 22.37
C LEU C 147 8.16 -2.21 20.89
N ASP C 148 6.99 -2.20 20.23
N ASP C 148 7.00 -2.21 20.25
CA ASP C 148 6.84 -2.62 18.81
CA ASP C 148 6.87 -2.67 18.87
C ASP C 148 7.25 -1.46 17.93
C ASP C 148 7.22 -1.48 17.94
N MET C 149 7.68 -1.79 16.73
CA MET C 149 8.12 -0.76 15.77
C MET C 149 6.99 -0.07 15.00
N ILE C 150 5.88 -0.76 14.83
CA ILE C 150 4.86 -0.33 13.88
C ILE C 150 3.62 0.27 14.58
N THR C 151 3.36 -0.14 15.82
CA THR C 151 2.22 0.36 16.57
C THR C 151 2.27 1.84 16.91
N PRO C 152 3.44 2.40 17.23
CA PRO C 152 3.48 3.84 17.60
C PRO C 152 2.77 4.83 16.68
N GLN C 153 2.79 4.58 15.39
CA GLN C 153 2.09 5.47 14.46
C GLN C 153 0.59 5.60 14.80
N TYR C 154 0.02 4.56 15.40
CA TYR C 154 -1.38 4.59 15.83
C TYR C 154 -1.74 5.54 16.97
N TYR C 155 -0.91 5.61 18.00
CA TYR C 155 -1.24 6.36 19.21
C TYR C 155 -0.21 7.37 19.71
N ALA C 156 0.89 7.53 18.99
CA ALA C 156 2.04 8.28 19.50
C ALA C 156 1.73 9.75 19.78
N ASP C 157 0.82 10.30 19.00
CA ASP C 157 0.40 11.70 19.07
C ASP C 157 -0.31 12.00 20.42
N LEU C 158 -0.72 10.96 21.13
CA LEU C 158 -1.38 11.11 22.40
C LEU C 158 -0.45 10.81 23.57
N ILE C 159 0.86 10.69 23.34
CA ILE C 159 1.76 10.33 24.42
C ILE C 159 2.71 11.43 24.75
N SER C 160 2.91 11.68 26.04
CA SER C 160 3.66 12.83 26.51
C SER C 160 5.03 12.44 26.99
N TRP C 161 5.21 11.14 27.24
CA TRP C 161 6.52 10.61 27.60
C TRP C 161 6.57 9.14 27.31
N GLY C 162 7.76 8.66 26.91
CA GLY C 162 7.92 7.32 26.44
C GLY C 162 9.06 6.66 27.15
N ALA C 163 8.93 5.38 27.43
CA ALA C 163 10.06 4.60 27.92
C ALA C 163 10.49 3.60 26.87
N ILE C 164 11.80 3.38 26.86
CA ILE C 164 12.38 2.21 26.21
C ILE C 164 12.86 1.29 27.32
N GLY C 165 12.38 0.06 27.29
CA GLY C 165 12.60 -0.88 28.37
C GLY C 165 13.98 -1.40 28.56
N ALA C 166 14.21 -1.98 29.72
CA ALA C 166 15.52 -2.46 30.10
C ALA C 166 16.03 -3.48 29.08
N ARG C 167 15.10 -4.23 28.50
CA ARG C 167 15.41 -5.30 27.58
C ARG C 167 15.66 -4.87 26.13
N THR C 168 15.39 -3.61 25.84
CA THR C 168 15.51 -3.09 24.49
C THR C 168 16.36 -1.82 24.35
N THR C 169 16.89 -1.36 25.48
CA THR C 169 17.65 -0.11 25.50
C THR C 169 18.89 -0.24 24.62
N GLU C 170 19.50 -1.42 24.65
CA GLU C 170 20.70 -1.69 23.85
C GLU C 170 20.40 -1.88 22.36
N SER C 171 19.12 -2.08 22.01
CA SER C 171 18.72 -2.38 20.65
C SER C 171 18.74 -1.13 19.74
N GLN C 172 19.36 -1.28 18.57
CA GLN C 172 19.52 -0.17 17.67
C GLN C 172 18.21 0.26 17.02
N VAL C 173 17.30 -0.68 16.82
CA VAL C 173 16.04 -0.32 16.18
C VAL C 173 15.18 0.54 17.15
N HIS C 174 15.33 0.27 18.44
CA HIS C 174 14.61 1.05 19.48
C HIS C 174 15.24 2.41 19.63
N ARG C 175 16.55 2.48 19.53
CA ARG C 175 17.20 3.78 19.52
C ARG C 175 16.77 4.61 18.30
N GLU C 176 16.60 3.95 17.16
CA GLU C 176 16.17 4.58 15.94
C GLU C 176 14.78 5.16 16.14
N LEU C 177 13.87 4.31 16.58
CA LEU C 177 12.48 4.74 16.90
C LEU C 177 12.42 5.96 17.82
N ALA C 178 13.20 5.91 18.88
CA ALA C 178 13.29 6.99 19.81
C ALA C 178 13.73 8.24 19.14
N SER C 179 14.71 8.13 18.25
CA SER C 179 15.29 9.28 17.57
C SER C 179 14.28 10.07 16.77
N GLY C 180 13.14 9.44 16.48
CA GLY C 180 12.06 10.08 15.72
C GLY C 180 10.79 10.37 16.50
N LEU C 181 10.72 10.01 17.78
CA LEU C 181 9.56 10.41 18.61
C LEU C 181 9.61 11.87 18.99
N SER C 182 8.43 12.48 19.03
CA SER C 182 8.29 13.89 19.39
C SER C 182 8.17 14.12 20.89
N CYS C 183 8.17 13.04 21.69
CA CYS C 183 8.14 13.17 23.12
C CYS C 183 9.47 12.83 23.74
N PRO C 184 9.73 13.36 24.94
CA PRO C 184 10.86 12.91 25.71
C PRO C 184 10.83 11.42 25.97
N VAL C 185 11.99 10.84 26.17
CA VAL C 185 12.14 9.40 26.23
C VAL C 185 13.12 9.00 27.31
N GLY C 186 12.73 8.02 28.11
CA GLY C 186 13.60 7.52 29.16
C GLY C 186 14.16 6.17 28.75
N PHE C 187 15.48 6.01 28.86
CA PHE C 187 16.09 4.73 28.57
C PHE C 187 16.47 4.08 29.87
N LYS C 188 16.01 2.85 30.08
CA LYS C 188 16.28 2.13 31.31
C LYS C 188 17.55 1.41 31.27
N ASN C 189 18.25 1.32 32.39
CA ASN C 189 19.43 0.48 32.46
C ASN C 189 19.05 -0.97 32.23
N GLY C 190 20.04 -1.79 31.91
CA GLY C 190 19.79 -3.18 31.56
C GLY C 190 19.37 -4.05 32.73
N THR C 191 18.83 -5.23 32.44
CA THR C 191 18.21 -6.05 33.46
C THR C 191 19.21 -6.55 34.50
N ASP C 192 20.50 -6.55 34.18
CA ASP C 192 21.52 -6.86 35.20
C ASP C 192 22.23 -5.62 35.73
N GLY C 193 21.75 -4.44 35.40
CA GLY C 193 22.27 -3.21 36.02
C GLY C 193 23.23 -2.40 35.16
N ASN C 194 23.36 -2.76 33.90
CA ASN C 194 24.25 -2.01 33.05
C ASN C 194 23.67 -0.63 32.78
N LEU C 195 24.33 0.41 33.29
CA LEU C 195 23.93 1.78 32.98
C LEU C 195 24.51 2.34 31.67
N LYS C 196 25.70 1.92 31.28
CA LYS C 196 26.32 2.45 30.05
C LYS C 196 25.45 2.29 28.81
N ILE C 197 24.69 1.20 28.72
CA ILE C 197 23.84 1.04 27.56
C ILE C 197 22.78 2.13 27.43
N ALA C 198 22.32 2.67 28.54
CA ALA C 198 21.33 3.73 28.50
C ALA C 198 21.95 5.05 28.09
N ILE C 199 23.15 5.29 28.59
CA ILE C 199 23.92 6.48 28.22
C ILE C 199 24.25 6.44 26.73
N ASP C 200 24.73 5.29 26.27
CA ASP C 200 24.99 5.06 24.82
C ASP C 200 23.70 5.31 24.03
N ALA C 201 22.59 4.83 24.56
CA ALA C 201 21.32 5.04 23.92
C ALA C 201 20.90 6.51 23.76
N ILE C 202 21.20 7.37 24.73
CA ILE C 202 20.87 8.78 24.58
C ILE C 202 21.70 9.37 23.45
N GLY C 203 22.96 8.99 23.42
CA GLY C 203 23.88 9.42 22.37
C GLY C 203 23.27 9.06 21.05
N ALA C 204 22.91 7.79 20.90
CA ALA C 204 22.32 7.30 19.67
C ALA C 204 21.06 8.05 19.30
N ALA C 205 20.10 8.11 20.22
CA ALA C 205 18.77 8.65 19.90
C ALA C 205 18.80 10.14 19.69
N SER C 206 19.78 10.82 20.25
CA SER C 206 19.90 12.25 20.00
C SER C 206 20.35 12.60 18.57
N HIS C 207 20.91 11.63 17.84
CA HIS C 207 21.37 11.87 16.47
C HIS C 207 20.28 11.55 15.50
N SER C 208 20.42 12.08 14.30
CA SER C 208 19.57 11.77 13.19
C SER C 208 19.85 10.34 12.69
N HIS C 209 18.81 9.66 12.21
CA HIS C 209 18.96 8.31 11.71
C HIS C 209 18.17 8.13 10.41
N HIS C 210 18.57 7.14 9.64
CA HIS C 210 17.84 6.73 8.46
C HIS C 210 17.52 5.28 8.60
N PHE C 211 16.28 4.90 8.40
CA PHE C 211 15.91 3.50 8.55
C PHE C 211 14.55 3.26 7.98
N LEU C 212 14.15 2.00 7.98
CA LEU C 212 12.85 1.64 7.46
C LEU C 212 11.79 1.69 8.54
N SER C 213 10.61 2.19 8.18
CA SER C 213 9.47 2.33 9.08
C SER C 213 8.20 2.32 8.24
N VAL C 214 7.06 2.36 8.90
CA VAL C 214 5.78 2.33 8.18
C VAL C 214 5.04 3.65 8.34
N THR C 215 4.43 4.10 7.26
CA THR C 215 3.73 5.38 7.24
C THR C 215 2.33 5.30 7.90
N LYS C 216 1.70 6.48 8.03
CA LYS C 216 0.33 6.57 8.52
C LYS C 216 -0.61 5.78 7.60
N ALA C 217 -0.19 5.58 6.34
CA ALA C 217 -1.04 4.85 5.39
C ALA C 217 -0.80 3.34 5.37
N GLY C 218 0.10 2.86 6.21
CA GLY C 218 0.35 1.42 6.27
C GLY C 218 1.33 0.88 5.26
N HIS C 219 2.15 1.75 4.67
CA HIS C 219 3.12 1.33 3.67
C HIS C 219 4.55 1.59 4.14
N SER C 220 5.44 0.63 3.90
CA SER C 220 6.83 0.77 4.36
C SER C 220 7.49 1.89 3.61
N ALA C 221 8.45 2.51 4.30
CA ALA C 221 9.15 3.65 3.76
C ALA C 221 10.45 3.90 4.49
N ILE C 222 11.28 4.69 3.84
CA ILE C 222 12.54 5.13 4.42
C ILE C 222 12.20 6.41 5.18
N VAL C 223 12.58 6.49 6.44
CA VAL C 223 12.40 7.71 7.21
C VAL C 223 13.75 8.30 7.62
N HIS C 224 13.78 9.61 7.71
CA HIS C 224 14.95 10.33 8.09
C HIS C 224 14.58 11.14 9.34
N THR C 225 15.07 10.73 10.51
CA THR C 225 14.68 11.38 11.76
C THR C 225 15.64 12.51 12.07
N GLY C 226 15.18 13.48 12.83
CA GLY C 226 15.99 14.65 13.21
C GLY C 226 16.80 14.47 14.50
N GLY C 227 16.57 13.39 15.24
CA GLY C 227 17.19 13.20 16.55
C GLY C 227 16.26 13.67 17.66
N ASN C 228 16.32 13.00 18.81
CA ASN C 228 15.54 13.38 19.99
C ASN C 228 16.39 14.02 21.07
N PRO C 229 16.24 15.33 21.29
CA PRO C 229 17.14 16.03 22.23
C PRO C 229 16.76 15.87 23.70
N ASP C 230 15.64 15.22 23.97
CA ASP C 230 15.05 15.16 25.30
C ASP C 230 15.15 13.81 26.02
N CYS C 231 16.07 12.96 25.58
CA CYS C 231 16.30 11.68 26.23
C CYS C 231 17.03 11.76 27.57
N HIS C 232 16.79 10.79 28.43
CA HIS C 232 17.43 10.69 29.73
C HIS C 232 17.42 9.25 30.20
N VAL C 233 18.15 9.02 31.26
CA VAL C 233 18.34 7.70 31.79
C VAL C 233 17.36 7.38 32.93
N ILE C 234 17.07 6.10 33.12
CA ILE C 234 16.24 5.65 34.22
C ILE C 234 16.94 4.56 35.00
N LEU C 235 17.05 4.74 36.31
CA LEU C 235 17.66 3.73 37.17
C LEU C 235 16.57 2.80 37.66
N ARG C 236 16.59 1.56 37.20
CA ARG C 236 15.57 0.56 37.54
C ARG C 236 16.07 -0.67 38.31
N GLY C 237 17.31 -0.62 38.80
CA GLY C 237 17.91 -1.76 39.47
C GLY C 237 18.53 -2.80 38.53
N GLY C 238 19.36 -3.65 39.09
CA GLY C 238 19.90 -4.80 38.36
C GLY C 238 20.17 -5.94 39.33
N LYS C 239 21.42 -6.37 39.41
CA LYS C 239 21.83 -7.37 40.38
C LYS C 239 21.69 -6.79 41.77
N GLU C 240 22.05 -5.52 41.89
CA GLU C 240 21.86 -4.72 43.09
C GLU C 240 21.06 -3.48 42.71
N PRO C 241 20.26 -2.95 43.63
CA PRO C 241 19.48 -1.75 43.34
C PRO C 241 20.37 -0.56 43.08
N ASN C 242 19.94 0.36 42.23
CA ASN C 242 20.70 1.59 41.96
C ASN C 242 20.05 2.91 42.35
N TYR C 243 19.02 2.85 43.18
CA TYR C 243 18.28 4.04 43.65
C TYR C 243 18.97 5.06 44.58
N ASP C 244 19.85 4.61 45.45
CA ASP C 244 20.43 5.45 46.50
C ASP C 244 21.45 6.50 46.04
N ALA C 245 21.73 7.47 46.91
CA ALA C 245 22.57 8.63 46.61
C ALA C 245 23.91 8.30 45.95
N GLU C 246 24.62 7.30 46.48
CA GLU C 246 25.91 6.86 45.95
C GLU C 246 25.69 6.51 44.45
N HIS C 247 24.67 5.69 44.19
CA HIS C 247 24.36 5.26 42.82
C HIS C 247 23.93 6.38 41.87
N VAL C 248 23.24 7.37 42.40
CA VAL C 248 22.82 8.49 41.60
C VAL C 248 24.01 9.33 41.22
N SER C 249 24.85 9.60 42.21
CA SER C 249 26.05 10.41 42.02
C SER C 249 27.01 9.79 40.98
N GLU C 250 27.20 8.47 41.08
CA GLU C 250 28.05 7.70 40.17
C GLU C 250 27.46 7.84 38.76
N ALA C 251 26.15 7.71 38.66
CA ALA C 251 25.50 7.82 37.36
C ALA C 251 25.64 9.21 36.77
N ALA C 252 25.50 10.23 37.59
CA ALA C 252 25.57 11.62 37.09
C ALA C 252 26.95 11.93 36.55
N GLU C 253 27.96 11.38 37.22
CA GLU C 253 29.36 11.54 36.80
C GLU C 253 29.57 10.90 35.42
N GLN C 254 29.05 9.68 35.23
CA GLN C 254 29.10 9.01 33.92
C GLN C 254 28.33 9.76 32.83
N LEU C 255 27.19 10.33 33.18
CA LEU C 255 26.40 11.10 32.24
C LEU C 255 27.14 12.34 31.79
N ARG C 256 27.68 13.10 32.75
CA ARG C 256 28.49 14.28 32.44
C ARG C 256 29.69 13.93 31.56
N ALA C 257 30.37 12.84 31.89
CA ALA C 257 31.52 12.35 31.11
C ALA C 257 31.14 12.08 29.66
N ALA C 258 29.93 11.57 29.41
CA ALA C 258 29.48 11.36 28.05
C ALA C 258 28.86 12.60 27.36
N GLY C 259 28.85 13.75 28.04
CA GLY C 259 28.31 14.97 27.43
C GLY C 259 26.80 15.02 27.26
N VAL C 260 26.07 14.25 28.06
CA VAL C 260 24.62 14.24 28.02
C VAL C 260 24.08 14.66 29.37
N THR C 261 22.79 14.91 29.42
CA THR C 261 22.15 15.41 30.64
C THR C 261 22.35 14.50 31.86
N ASP C 262 22.70 15.13 32.98
CA ASP C 262 22.94 14.43 34.25
C ASP C 262 21.70 14.47 35.16
N LYS C 263 20.54 14.77 34.59
CA LYS C 263 19.26 14.70 35.31
C LYS C 263 18.63 13.40 34.93
N LEU C 264 18.29 12.61 35.93
CA LEU C 264 17.81 11.25 35.69
C LEU C 264 16.54 10.93 36.45
N MET C 265 15.98 9.77 36.15
CA MET C 265 14.78 9.33 36.76
C MET C 265 15.09 8.04 37.50
N ILE C 266 14.37 7.82 38.60
CA ILE C 266 14.54 6.60 39.38
C ILE C 266 13.23 5.83 39.40
N ASP C 267 13.28 4.57 39.00
CA ASP C 267 12.13 3.70 39.08
C ASP C 267 12.07 3.08 40.49
N CYS C 268 10.97 3.31 41.21
CA CYS C 268 10.75 2.70 42.51
C CYS C 268 10.41 1.23 42.43
N SER C 269 9.93 0.81 41.27
CA SER C 269 9.47 -0.55 41.00
C SER C 269 10.56 -1.45 40.42
N HIS C 270 10.16 -2.67 40.06
CA HIS C 270 11.03 -3.61 39.37
C HIS C 270 12.27 -3.99 40.18
N ALA C 271 13.45 -3.95 39.55
CA ALA C 271 14.64 -4.45 40.25
C ALA C 271 15.03 -3.56 41.44
N ASN C 272 14.50 -2.34 41.52
CA ASN C 272 14.78 -1.52 42.70
C ASN C 272 13.95 -1.89 43.94
N SER C 273 12.81 -2.54 43.72
CA SER C 273 11.96 -3.04 44.80
C SER C 273 12.08 -4.55 44.95
N ARG C 274 12.58 -5.25 43.92
CA ARG C 274 13.23 -6.55 44.13
C ARG C 274 12.18 -7.52 44.71
N LYS C 275 11.06 -7.65 44.01
CA LYS C 275 10.01 -8.63 44.41
C LYS C 275 9.28 -8.37 45.78
N ASP C 276 9.05 -7.10 46.06
CA ASP C 276 8.01 -6.65 47.00
C ASP C 276 7.41 -5.29 46.54
N TYR C 277 6.18 -5.27 46.05
CA TYR C 277 5.54 -4.02 45.60
C TYR C 277 5.55 -2.96 46.67
N THR C 278 5.48 -3.34 47.93
CA THR C 278 5.42 -2.34 49.00
C THR C 278 6.79 -1.70 49.28
N ARG C 279 7.85 -2.21 48.65
CA ARG C 279 9.16 -1.64 48.90
C ARG C 279 9.26 -0.37 48.11
N GLN C 280 8.32 -0.16 47.19
CA GLN C 280 8.34 1.06 46.42
C GLN C 280 8.31 2.26 47.36
N MET C 281 7.63 2.11 48.50
CA MET C 281 7.56 3.16 49.48
C MET C 281 8.91 3.43 50.14
N GLU C 282 9.63 2.40 50.54
CA GLU C 282 11.03 2.57 51.02
C GLU C 282 11.85 3.37 50.03
N VAL C 283 11.74 3.02 48.75
CA VAL C 283 12.54 3.64 47.74
C VAL C 283 12.14 5.10 47.65
N ALA C 284 10.84 5.35 47.67
CA ALA C 284 10.34 6.71 47.62
C ALA C 284 10.83 7.52 48.81
N GLN C 285 10.90 6.88 49.98
CA GLN C 285 11.40 7.55 51.19
C GLN C 285 12.87 7.91 51.06
N ASP C 286 13.63 7.00 50.47
CA ASP C 286 15.04 7.23 50.26
C ASP C 286 15.21 8.43 49.28
N ILE C 287 14.43 8.43 48.20
CA ILE C 287 14.42 9.52 47.23
C ILE C 287 14.01 10.83 47.90
N ALA C 288 12.97 10.80 48.74
CA ALA C 288 12.55 11.99 49.46
C ALA C 288 13.69 12.54 50.30
N ALA C 289 14.40 11.65 51.00
CA ALA C 289 15.54 12.06 51.81
C ALA C 289 16.63 12.75 50.95
N GLN C 290 16.89 12.22 49.74
CA GLN C 290 17.88 12.80 48.85
C GLN C 290 17.44 14.17 48.40
N LEU C 291 16.15 14.30 48.07
CA LEU C 291 15.62 15.59 47.68
C LEU C 291 15.77 16.61 48.79
N GLU C 292 15.58 16.19 50.03
CA GLU C 292 15.81 17.05 51.19
C GLU C 292 17.30 17.44 51.38
N GLN C 293 18.21 16.46 51.40
CA GLN C 293 19.66 16.76 51.55
C GLN C 293 20.25 17.54 50.35
N ASP C 294 19.99 17.05 49.15
CA ASP C 294 20.48 17.68 47.93
C ASP C 294 19.64 17.24 46.73
N GLY C 295 19.96 16.05 46.24
CA GLY C 295 19.20 15.39 45.18
C GLY C 295 19.12 16.16 43.86
N GLY C 296 20.12 17.00 43.58
CA GLY C 296 20.11 17.88 42.40
C GLY C 296 20.06 17.16 41.06
N ASN C 297 20.46 15.90 41.03
CA ASN C 297 20.47 15.16 39.78
C ASN C 297 19.18 14.43 39.47
N ILE C 298 18.19 14.51 40.34
CA ILE C 298 16.95 13.77 40.14
C ILE C 298 15.90 14.66 39.48
N MET C 299 15.31 14.17 38.38
CA MET C 299 14.25 14.91 37.72
C MET C 299 12.94 14.14 37.66
N GLY C 300 12.93 12.88 38.10
CA GLY C 300 11.72 12.10 37.99
C GLY C 300 11.75 10.80 38.74
N VAL C 301 10.56 10.25 38.97
CA VAL C 301 10.44 8.91 39.50
C VAL C 301 9.30 8.20 38.83
N MET C 302 9.31 6.89 39.02
CA MET C 302 8.40 5.97 38.36
C MET C 302 7.83 5.07 39.42
N VAL C 303 6.50 4.89 39.42
CA VAL C 303 5.81 4.13 40.45
C VAL C 303 4.72 3.26 39.86
N GLU C 304 4.71 2.00 40.24
CA GLU C 304 3.69 1.07 39.77
C GLU C 304 2.55 1.00 40.81
N SER C 305 1.41 1.54 40.42
CA SER C 305 0.31 1.86 41.29
C SER C 305 -1.00 1.50 40.60
N HIS C 306 -1.99 1.07 41.36
CA HIS C 306 -3.31 0.77 40.82
C HIS C 306 -4.37 1.01 41.92
N LEU C 307 -5.62 0.73 41.59
CA LEU C 307 -6.75 0.90 42.54
C LEU C 307 -6.58 -0.02 43.72
N VAL C 308 -6.25 -1.27 43.40
CA VAL C 308 -6.09 -2.32 44.37
C VAL C 308 -4.69 -2.88 44.26
N GLU C 309 -4.07 -3.18 45.41
CA GLU C 309 -2.68 -3.61 45.45
C GLU C 309 -2.48 -5.07 45.02
N GLY C 310 -1.23 -5.41 44.73
CA GLY C 310 -0.84 -6.78 44.38
C GLY C 310 -0.99 -7.13 42.91
N ARG C 311 -1.14 -8.42 42.63
CA ARG C 311 -1.27 -8.95 41.27
C ARG C 311 -2.11 -10.21 41.27
N GLN C 312 -2.45 -10.67 40.07
CA GLN C 312 -3.28 -11.86 39.91
C GLN C 312 -3.03 -12.43 38.52
N ASP C 313 -3.09 -13.76 38.40
CA ASP C 313 -2.82 -14.37 37.12
C ASP C 313 -3.98 -14.14 36.17
N LYS C 314 -5.22 -14.27 36.65
CA LYS C 314 -6.40 -14.10 35.81
C LYS C 314 -7.00 -12.77 36.21
N PRO C 315 -7.70 -12.08 35.28
CA PRO C 315 -8.32 -10.77 35.55
C PRO C 315 -9.66 -10.84 36.30
N GLU C 316 -9.66 -11.47 37.48
CA GLU C 316 -10.88 -11.73 38.26
C GLU C 316 -11.25 -10.49 39.09
N VAL C 317 -10.29 -9.87 39.78
CA VAL C 317 -10.53 -8.67 40.59
C VAL C 317 -10.32 -7.39 39.79
N TYR C 318 -11.33 -6.52 39.79
CA TYR C 318 -11.31 -5.17 39.18
C TYR C 318 -10.18 -4.30 39.70
N GLY C 319 -9.52 -3.55 38.80
CA GLY C 319 -8.43 -2.63 39.19
C GLY C 319 -7.20 -3.23 39.87
N LYS C 320 -6.93 -4.52 39.64
CA LYS C 320 -5.77 -5.22 40.19
C LYS C 320 -4.95 -5.72 39.02
N SER C 321 -3.64 -5.50 39.09
CA SER C 321 -2.72 -5.84 37.99
C SER C 321 -2.68 -7.33 37.63
N ILE C 322 -2.58 -7.62 36.34
CA ILE C 322 -2.34 -9.00 35.89
C ILE C 322 -0.89 -9.23 35.46
N THR C 323 -0.12 -8.15 35.47
CA THR C 323 1.33 -8.13 35.28
C THR C 323 1.99 -7.84 36.63
N ASP C 324 3.06 -7.03 36.64
CA ASP C 324 3.77 -6.80 37.91
C ASP C 324 2.82 -6.26 39.01
N ALA C 325 3.11 -6.63 40.25
CA ALA C 325 2.32 -6.23 41.40
C ALA C 325 2.44 -4.73 41.63
N CYS C 326 1.33 -4.06 41.96
CA CYS C 326 1.33 -2.62 42.20
C CYS C 326 0.91 -2.28 43.62
N ILE C 327 1.32 -1.11 44.11
CA ILE C 327 0.74 -0.58 45.32
C ILE C 327 -0.66 -0.10 45.02
N GLY C 328 -1.50 -0.04 46.07
CA GLY C 328 -2.91 0.34 45.95
C GLY C 328 -3.12 1.83 46.14
N TRP C 329 -4.39 2.24 46.18
CA TRP C 329 -4.68 3.66 46.13
C TRP C 329 -4.27 4.39 47.42
N GLY C 330 -4.48 3.75 48.56
CA GLY C 330 -4.10 4.36 49.84
C GLY C 330 -2.61 4.67 49.90
N ALA C 331 -1.81 3.64 49.65
CA ALA C 331 -0.35 3.80 49.56
C ALA C 331 0.06 4.85 48.51
N THR C 332 -0.69 4.92 47.41
CA THR C 332 -0.41 5.89 46.39
C THR C 332 -0.55 7.30 46.94
N GLU C 333 -1.62 7.57 47.67
CA GLU C 333 -1.76 8.88 48.29
C GLU C 333 -0.63 9.22 49.24
N GLU C 334 -0.21 8.24 50.06
CA GLU C 334 0.92 8.47 50.98
C GLU C 334 2.18 8.86 50.21
N LEU C 335 2.47 8.08 49.16
CA LEU C 335 3.70 8.24 48.39
C LEU C 335 3.76 9.60 47.70
N LEU C 336 2.67 10.02 47.07
CA LEU C 336 2.67 11.32 46.42
C LEU C 336 2.84 12.48 47.42
N ALA C 337 2.14 12.43 48.55
CA ALA C 337 2.33 13.44 49.58
C ALA C 337 3.78 13.50 50.06
N LEU C 338 4.38 12.33 50.25
CA LEU C 338 5.77 12.25 50.66
C LEU C 338 6.70 12.99 49.68
N LEU C 339 6.57 12.65 48.40
CA LEU C 339 7.41 13.25 47.37
C LEU C 339 7.12 14.72 47.17
N ALA C 340 5.86 15.08 47.20
CA ALA C 340 5.53 16.49 47.10
C ALA C 340 6.16 17.33 48.23
N GLY C 341 6.05 16.86 49.48
CA GLY C 341 6.56 17.61 50.61
C GLY C 341 8.05 17.78 50.50
N ALA C 342 8.72 16.68 50.15
CA ALA C 342 10.16 16.68 49.99
C ALA C 342 10.62 17.61 48.87
N ASN C 343 9.95 17.55 47.73
CA ASN C 343 10.41 18.36 46.62
C ASN C 343 10.12 19.85 46.78
N LYS C 344 9.10 20.18 47.55
CA LYS C 344 8.82 21.57 47.86
C LYS C 344 10.05 22.22 48.51
N LYS C 345 10.70 21.45 49.37
CA LYS C 345 11.92 21.91 50.05
C LYS C 345 13.08 22.08 49.12
N ARG C 346 13.28 21.11 48.23
CA ARG C 346 14.35 21.24 47.23
C ARG C 346 14.16 22.50 46.37
N MET C 347 12.93 22.75 45.94
CA MET C 347 12.61 23.94 45.13
C MET C 347 12.82 25.26 45.88
N ALA C 348 12.63 25.26 47.19
CA ALA C 348 12.84 26.46 48.02
C ALA C 348 14.30 26.91 48.12
N ARG C 349 15.23 25.95 48.14
CA ARG C 349 16.66 26.23 48.00
C ARG C 349 16.90 26.58 46.53
N GLU D 17 11.81 6.86 -2.00
CA GLU D 17 10.56 6.01 -1.99
C GLU D 17 10.96 4.55 -1.97
N LEU D 18 10.64 3.80 -0.94
CA LEU D 18 11.06 2.40 -0.83
C LEU D 18 10.38 1.43 -1.77
N LEU D 19 11.18 0.68 -2.53
CA LEU D 19 10.65 -0.40 -3.34
C LEU D 19 10.31 -1.59 -2.46
N PRO D 20 9.18 -2.24 -2.74
CA PRO D 20 8.81 -3.39 -1.95
C PRO D 20 9.62 -4.60 -2.29
N PRO D 21 9.71 -5.58 -1.38
CA PRO D 21 10.35 -6.82 -1.72
C PRO D 21 10.00 -7.39 -3.10
N ILE D 22 8.73 -7.43 -3.49
CA ILE D 22 8.41 -8.02 -4.81
C ILE D 22 9.14 -7.42 -6.00
N ALA D 23 9.59 -6.18 -5.88
CA ALA D 23 10.27 -5.55 -6.98
C ALA D 23 11.64 -6.26 -7.17
N HIS D 24 12.32 -6.51 -6.05
CA HIS D 24 13.59 -7.14 -6.04
C HIS D 24 13.47 -8.61 -6.35
N LEU D 25 12.40 -9.25 -5.90
CA LEU D 25 12.21 -10.68 -6.20
C LEU D 25 11.95 -10.90 -7.70
N TYR D 26 11.37 -9.90 -8.35
CA TYR D 26 11.06 -9.95 -9.77
C TYR D 26 12.34 -9.88 -10.60
N GLU D 27 13.27 -9.01 -10.19
CA GLU D 27 14.53 -8.87 -10.87
C GLU D 27 15.51 -10.00 -10.56
N LEU D 28 15.44 -10.50 -9.33
CA LEU D 28 16.37 -11.51 -8.90
C LEU D 28 15.61 -12.66 -8.26
N PRO D 29 14.84 -13.39 -9.05
CA PRO D 29 14.21 -14.56 -8.45
C PRO D 29 15.22 -15.59 -7.99
N ILE D 30 14.90 -16.31 -6.92
CA ILE D 30 15.76 -17.40 -6.49
C ILE D 30 15.79 -18.48 -7.58
N SER D 31 16.94 -19.09 -7.81
CA SER D 31 17.11 -20.15 -8.81
C SER D 31 16.84 -21.53 -8.21
N LYS D 32 16.55 -22.52 -9.05
CA LYS D 32 16.45 -23.91 -8.60
C LYS D 32 17.66 -24.28 -7.71
N GLU D 33 18.86 -23.89 -8.14
CA GLU D 33 20.09 -24.28 -7.46
C GLU D 33 20.23 -23.61 -6.10
N ALA D 34 20.02 -22.30 -6.05
CA ALA D 34 20.12 -21.59 -4.79
C ALA D 34 19.04 -22.07 -3.82
N SER D 35 17.86 -22.28 -4.33
CA SER D 35 16.76 -22.74 -3.53
C SER D 35 17.08 -24.08 -2.89
N GLY D 36 17.67 -24.98 -3.66
CA GLY D 36 18.02 -26.32 -3.18
C GLY D 36 19.14 -26.29 -2.15
N LEU D 37 20.13 -25.41 -2.37
CA LEU D 37 21.22 -25.27 -1.45
C LEU D 37 20.73 -24.76 -0.11
N VAL D 38 19.87 -23.76 -0.14
CA VAL D 38 19.34 -23.19 1.08
C VAL D 38 18.55 -24.24 1.84
N HIS D 39 17.62 -24.86 1.14
CA HIS D 39 16.79 -25.89 1.75
C HIS D 39 17.64 -26.97 2.43
N ARG D 40 18.58 -27.51 1.66
N ARG D 40 18.60 -27.50 1.67
CA ARG D 40 19.47 -28.57 2.13
CA ARG D 40 19.50 -28.56 2.11
C ARG D 40 20.32 -28.11 3.33
C ARG D 40 20.35 -28.12 3.32
N THR D 41 20.92 -26.92 3.24
CA THR D 41 21.80 -26.44 4.28
C THR D 41 21.04 -26.19 5.56
N ARG D 42 19.81 -25.69 5.45
CA ARG D 42 19.01 -25.47 6.66
C ARG D 42 18.78 -26.81 7.37
N GLN D 43 18.43 -27.84 6.60
CA GLN D 43 18.20 -29.17 7.16
C GLN D 43 19.44 -29.68 7.83
N GLU D 44 20.56 -29.54 7.15
CA GLU D 44 21.83 -30.07 7.63
C GLU D 44 22.15 -29.42 8.96
N ILE D 45 21.83 -28.13 9.06
CA ILE D 45 22.12 -27.39 10.30
C ILE D 45 21.17 -27.83 11.40
N SER D 46 19.89 -27.95 11.04
CA SER D 46 18.89 -28.51 11.95
C SER D 46 19.42 -29.80 12.60
N ASP D 47 19.93 -30.71 11.77
CA ASP D 47 20.53 -31.93 12.26
C ASP D 47 21.67 -31.74 13.29
N LEU D 48 22.44 -30.66 13.17
CA LEU D 48 23.52 -30.38 14.11
C LEU D 48 22.97 -29.87 15.41
N VAL D 49 21.95 -29.01 15.30
CA VAL D 49 21.32 -28.41 16.44
C VAL D 49 20.66 -29.45 17.34
N HIS D 50 20.08 -30.48 16.72
CA HIS D 50 19.36 -31.48 17.47
C HIS D 50 20.15 -32.75 17.73
N GLY D 51 21.46 -32.69 17.50
CA GLY D 51 22.35 -33.81 17.78
C GLY D 51 22.28 -35.04 16.87
N ARG D 52 21.66 -34.92 15.69
CA ARG D 52 21.56 -36.03 14.72
C ARG D 52 22.83 -36.16 13.82
N ASP D 53 23.75 -35.20 13.88
CA ASP D 53 24.97 -35.25 13.11
C ASP D 53 26.06 -34.52 13.88
N LYS D 54 27.27 -35.04 13.87
CA LYS D 54 28.32 -34.55 14.76
C LYS D 54 29.37 -33.70 13.96
N ARG D 55 29.08 -33.38 12.71
CA ARG D 55 29.87 -32.37 12.00
C ARG D 55 29.83 -31.06 12.77
N LEU D 56 30.79 -30.19 12.48
CA LEU D 56 30.87 -28.93 13.18
C LEU D 56 30.48 -27.78 12.26
N LEU D 57 29.38 -27.09 12.55
CA LEU D 57 29.01 -25.92 11.75
C LEU D 57 30.07 -24.87 11.93
N VAL D 58 30.50 -24.25 10.84
CA VAL D 58 31.42 -23.13 10.94
C VAL D 58 30.92 -21.91 10.17
N ILE D 59 30.53 -20.88 10.95
CA ILE D 59 30.07 -19.60 10.41
C ILE D 59 31.31 -18.71 10.36
N ILE D 60 31.79 -18.47 9.15
CA ILE D 60 33.08 -17.84 8.98
C ILE D 60 33.08 -16.87 7.78
N GLY D 61 33.71 -15.72 7.95
CA GLY D 61 33.68 -14.68 6.97
C GLY D 61 33.85 -13.33 7.63
N PRO D 62 33.66 -12.26 6.87
CA PRO D 62 33.89 -10.91 7.38
C PRO D 62 32.96 -10.49 8.52
N CYS D 63 33.41 -9.53 9.33
CA CYS D 63 32.55 -8.97 10.30
C CYS D 63 31.35 -8.38 9.56
N SER D 64 31.63 -7.63 8.50
CA SER D 64 30.60 -7.00 7.70
C SER D 64 31.01 -7.04 6.27
N ILE D 65 30.03 -7.14 5.38
CA ILE D 65 30.28 -6.97 3.93
C ILE D 65 30.21 -5.51 3.55
N HIS D 66 31.30 -4.96 3.04
CA HIS D 66 31.26 -3.63 2.47
C HIS D 66 31.61 -3.58 0.97
N ASP D 67 32.11 -4.69 0.44
CA ASP D 67 32.40 -4.80 -0.98
C ASP D 67 31.94 -6.16 -1.48
N PRO D 68 31.09 -6.18 -2.51
CA PRO D 68 30.72 -7.47 -3.07
C PRO D 68 31.80 -8.17 -3.88
N LYS D 69 32.65 -7.41 -4.59
CA LYS D 69 33.70 -8.03 -5.41
C LYS D 69 34.59 -8.88 -4.49
N ALA D 70 35.04 -8.28 -3.39
CA ALA D 70 35.90 -8.99 -2.45
C ALA D 70 35.19 -10.17 -1.80
N ALA D 71 33.89 -10.01 -1.57
CA ALA D 71 33.16 -11.06 -0.91
C ALA D 71 33.02 -12.25 -1.84
N LEU D 72 32.76 -11.98 -3.12
CA LEU D 72 32.74 -13.04 -4.08
C LEU D 72 34.09 -13.74 -4.21
N GLU D 73 35.17 -12.98 -4.12
CA GLU D 73 36.51 -13.60 -4.16
C GLU D 73 36.75 -14.48 -2.93
N TYR D 74 36.41 -13.95 -1.76
CA TYR D 74 36.53 -14.67 -0.49
C TYR D 74 35.75 -15.97 -0.61
N ALA D 75 34.51 -15.87 -1.07
CA ALA D 75 33.67 -17.04 -1.19
C ALA D 75 34.30 -18.12 -2.04
N GLU D 76 34.86 -17.69 -3.18
CA GLU D 76 35.54 -18.62 -4.10
C GLU D 76 36.60 -19.44 -3.35
N ARG D 77 37.44 -18.78 -2.56
CA ARG D 77 38.46 -19.49 -1.79
C ARG D 77 37.87 -20.38 -0.73
N LEU D 78 36.88 -19.86 -0.02
CA LEU D 78 36.27 -20.63 1.06
C LEU D 78 35.53 -21.85 0.53
N LEU D 79 34.93 -21.71 -0.65
CA LEU D 79 34.22 -22.81 -1.24
C LEU D 79 35.10 -24.08 -1.32
N LYS D 80 36.38 -23.94 -1.63
CA LYS D 80 37.28 -25.10 -1.77
C LYS D 80 37.50 -25.80 -0.43
N LEU D 81 37.56 -25.02 0.64
CA LEU D 81 37.68 -25.60 1.96
C LEU D 81 36.37 -26.20 2.44
N ARG D 82 35.25 -25.58 2.07
CA ARG D 82 33.94 -26.15 2.38
C ARG D 82 33.82 -27.56 1.80
N LYS D 83 34.28 -27.71 0.57
CA LYS D 83 34.24 -29.02 -0.11
C LYS D 83 35.26 -29.99 0.49
N GLN D 84 36.48 -29.51 0.74
CA GLN D 84 37.53 -30.39 1.25
C GLN D 84 37.19 -31.00 2.61
N TYR D 85 36.60 -30.21 3.49
CA TYR D 85 36.31 -30.65 4.85
C TYR D 85 34.87 -31.15 5.07
N GLU D 86 34.10 -31.25 4.00
CA GLU D 86 32.65 -31.47 4.11
C GLU D 86 32.25 -32.66 4.99
N ASN D 87 33.17 -33.58 5.24
CA ASN D 87 32.85 -34.72 6.10
C ASN D 87 33.00 -34.44 7.59
N GLU D 88 33.76 -33.40 7.91
CA GLU D 88 34.03 -32.97 9.27
C GLU D 88 33.36 -31.65 9.64
N LEU D 89 33.35 -30.70 8.69
CA LEU D 89 32.81 -29.36 8.91
C LEU D 89 31.70 -29.05 7.91
N LEU D 90 30.77 -28.21 8.36
CA LEU D 90 29.76 -27.63 7.48
C LEU D 90 30.04 -26.16 7.48
N ILE D 91 30.67 -25.71 6.41
CA ILE D 91 31.11 -24.34 6.27
C ILE D 91 30.08 -23.46 5.57
N VAL D 92 29.81 -22.32 6.20
CA VAL D 92 28.84 -21.35 5.75
C VAL D 92 29.46 -19.97 5.92
N MET D 93 29.28 -19.11 4.95
CA MET D 93 29.92 -17.81 4.98
C MET D 93 29.14 -16.78 5.81
N ARG D 94 29.86 -15.98 6.57
CA ARG D 94 29.30 -14.79 7.17
C ARG D 94 29.10 -13.78 6.08
N VAL D 95 27.86 -13.41 5.84
CA VAL D 95 27.57 -12.35 4.88
C VAL D 95 26.69 -11.34 5.60
N TYR D 96 27.29 -10.59 6.51
CA TYR D 96 26.55 -9.67 7.36
C TYR D 96 26.28 -8.32 6.71
N PHE D 97 24.98 -8.00 6.58
CA PHE D 97 24.53 -6.76 5.95
C PHE D 97 24.08 -5.67 6.90
N GLU D 98 23.87 -6.02 8.18
CA GLU D 98 23.29 -5.11 9.19
C GLU D 98 24.14 -5.15 10.47
N LYS D 99 24.64 -3.99 10.90
CA LYS D 99 25.60 -3.90 12.02
C LYS D 99 25.06 -3.04 13.16
N PRO D 100 25.06 -3.59 14.39
CA PRO D 100 24.62 -2.83 15.54
C PRO D 100 25.74 -2.06 16.15
N ARG D 101 25.58 -0.76 16.24
CA ARG D 101 26.59 0.10 16.80
C ARG D 101 26.39 0.35 18.28
N THR D 102 27.52 0.66 18.90
CA THR D 102 27.59 0.97 20.30
C THR D 102 26.86 2.29 20.53
N THR D 103 27.15 3.30 19.73
CA THR D 103 26.35 4.51 19.74
C THR D 103 25.79 4.80 18.35
N VAL D 104 26.63 5.41 17.52
CA VAL D 104 26.31 5.65 16.12
C VAL D 104 27.45 5.10 15.28
N GLY D 105 27.22 5.10 13.96
CA GLY D 105 28.17 4.55 13.00
C GLY D 105 27.51 3.96 11.77
N TRP D 106 28.34 3.47 10.86
CA TRP D 106 27.88 2.86 9.63
C TRP D 106 27.15 1.56 9.99
N LYS D 107 25.87 1.43 9.61
CA LYS D 107 25.07 0.28 10.02
C LYS D 107 25.10 -0.88 9.06
N GLY D 108 25.90 -0.76 8.00
CA GLY D 108 26.08 -1.86 7.06
C GLY D 108 25.70 -1.54 5.64
N LEU D 109 25.83 -2.51 4.77
CA LEU D 109 25.72 -2.27 3.33
C LEU D 109 24.32 -1.87 2.91
N ILE D 110 23.32 -2.54 3.48
CA ILE D 110 21.93 -2.21 3.16
C ILE D 110 21.62 -0.77 3.52
N ASN D 111 21.90 -0.38 4.76
CA ASN D 111 21.62 0.99 5.21
C ASN D 111 22.40 2.08 4.50
N ASP D 112 23.69 1.87 4.30
CA ASP D 112 24.54 2.83 3.59
C ASP D 112 25.45 2.17 2.56
N PRO D 113 24.91 1.79 1.40
CA PRO D 113 25.70 1.02 0.44
C PRO D 113 26.96 1.73 -0.06
N HIS D 114 26.87 3.04 -0.29
CA HIS D 114 27.96 3.80 -0.90
C HIS D 114 29.01 4.25 0.10
N LEU D 115 28.80 3.91 1.37
CA LEU D 115 29.73 4.21 2.45
C LEU D 115 30.01 5.70 2.62
N ASP D 116 29.09 6.55 2.18
CA ASP D 116 29.28 8.00 2.21
C ASP D 116 28.21 8.82 2.95
N GLY D 117 27.33 8.17 3.69
CA GLY D 117 26.19 8.85 4.31
C GLY D 117 25.09 9.31 3.37
N THR D 118 24.86 8.56 2.29
CA THR D 118 23.77 8.85 1.36
C THR D 118 22.56 7.95 1.62
N PHE D 119 22.78 6.88 2.35
CA PHE D 119 21.67 6.04 2.81
C PHE D 119 20.76 5.62 1.65
N ASP D 120 21.38 5.12 0.60
CA ASP D 120 20.67 4.69 -0.60
C ASP D 120 20.21 3.25 -0.42
N ILE D 121 19.17 3.11 0.40
CA ILE D 121 18.73 1.81 0.86
C ILE D 121 18.15 0.94 -0.26
N ASN D 122 17.53 1.55 -1.26
CA ASN D 122 17.02 0.76 -2.33
C ASN D 122 18.16 0.04 -3.05
N PHE D 123 19.27 0.76 -3.28
CA PHE D 123 20.44 0.19 -3.92
C PHE D 123 21.05 -0.86 -3.00
N GLY D 124 21.18 -0.53 -1.72
CA GLY D 124 21.73 -1.46 -0.75
C GLY D 124 21.05 -2.81 -0.79
N LEU D 125 19.72 -2.81 -0.80
CA LEU D 125 18.95 -4.02 -0.72
C LEU D 125 19.07 -4.81 -1.99
N ARG D 126 19.11 -4.10 -3.11
CA ARG D 126 19.35 -4.74 -4.39
C ARG D 126 20.72 -5.44 -4.39
N GLN D 127 21.74 -4.70 -3.97
CA GLN D 127 23.08 -5.21 -3.95
C GLN D 127 23.20 -6.43 -3.03
N ALA D 128 22.53 -6.37 -1.89
CA ALA D 128 22.56 -7.46 -0.94
C ALA D 128 21.94 -8.72 -1.52
N ARG D 129 20.79 -8.55 -2.16
CA ARG D 129 20.13 -9.70 -2.72
C ARG D 129 20.98 -10.32 -3.80
N SER D 130 21.53 -9.47 -4.67
CA SER D 130 22.31 -9.91 -5.82
C SER D 130 23.49 -10.72 -5.35
N LEU D 131 24.22 -10.18 -4.38
CA LEU D 131 25.35 -10.91 -3.82
C LEU D 131 24.94 -12.26 -3.26
N LEU D 132 23.86 -12.29 -2.53
CA LEU D 132 23.39 -13.52 -1.91
C LEU D 132 22.97 -14.54 -2.95
N LEU D 133 22.32 -14.07 -4.00
CA LEU D 133 21.94 -14.97 -5.04
C LEU D 133 23.20 -15.56 -5.68
N SER D 134 24.18 -14.71 -5.98
CA SER D 134 25.43 -15.16 -6.62
C SER D 134 26.13 -16.19 -5.73
N LEU D 135 26.18 -15.92 -4.44
CA LEU D 135 26.85 -16.82 -3.50
C LEU D 135 26.21 -18.20 -3.51
N ASN D 136 24.89 -18.21 -3.41
CA ASN D 136 24.21 -19.48 -3.40
C ASN D 136 24.38 -20.19 -4.73
N ASN D 137 24.34 -19.42 -5.81
CA ASN D 137 24.53 -20.00 -7.13
C ASN D 137 25.90 -20.66 -7.33
N MET D 138 26.93 -20.17 -6.65
CA MET D 138 28.24 -20.77 -6.81
C MET D 138 28.50 -21.96 -5.87
N GLY D 139 27.58 -22.18 -4.94
CA GLY D 139 27.67 -23.30 -3.99
C GLY D 139 27.96 -22.91 -2.56
N MET D 140 28.02 -21.61 -2.27
CA MET D 140 28.32 -21.10 -0.93
C MET D 140 27.07 -20.60 -0.19
N PRO D 141 26.69 -21.27 0.88
CA PRO D 141 25.56 -20.79 1.67
C PRO D 141 25.91 -19.58 2.52
N ALA D 142 24.87 -18.82 2.85
CA ALA D 142 25.09 -17.55 3.50
C ALA D 142 24.38 -17.47 4.83
N SER D 143 24.96 -16.67 5.71
CA SER D 143 24.40 -16.41 7.02
C SER D 143 24.53 -14.94 7.26
N THR D 144 23.65 -14.41 8.09
CA THR D 144 23.71 -12.98 8.44
C THR D 144 23.12 -12.73 9.82
N GLU D 145 23.34 -11.54 10.39
CA GLU D 145 22.62 -11.14 11.58
C GLU D 145 21.35 -10.47 11.13
N PHE D 146 20.23 -10.87 11.72
CA PHE D 146 18.95 -10.18 11.46
C PHE D 146 18.73 -9.10 12.50
N LEU D 147 18.92 -7.86 12.11
CA LEU D 147 18.82 -6.73 13.02
C LEU D 147 17.55 -5.94 12.77
N ASP D 148 17.29 -5.53 11.53
N ASP D 148 17.28 -5.56 11.54
CA ASP D 148 16.12 -4.67 11.18
CA ASP D 148 16.13 -4.72 11.28
C ASP D 148 14.90 -5.58 11.04
C ASP D 148 14.90 -5.57 11.00
N MET D 149 13.73 -5.01 11.27
CA MET D 149 12.47 -5.77 11.19
C MET D 149 11.93 -5.92 9.79
N ILE D 150 12.28 -5.03 8.88
CA ILE D 150 11.61 -4.93 7.60
C ILE D 150 12.45 -5.41 6.44
N THR D 151 13.77 -5.32 6.59
CA THR D 151 14.68 -5.77 5.55
C THR D 151 14.64 -7.28 5.25
N PRO D 152 14.45 -8.15 6.27
CA PRO D 152 14.47 -9.61 5.97
C PRO D 152 13.60 -10.10 4.79
N GLN D 153 12.45 -9.50 4.58
CA GLN D 153 11.58 -9.93 3.50
C GLN D 153 12.28 -9.83 2.14
N TYR D 154 13.24 -8.92 2.03
CA TYR D 154 14.04 -8.77 0.83
C TYR D 154 14.99 -9.92 0.47
N TYR D 155 15.69 -10.46 1.47
CA TYR D 155 16.74 -11.44 1.21
C TYR D 155 16.69 -12.76 1.99
N ALA D 156 15.68 -12.94 2.82
CA ALA D 156 15.66 -14.03 3.79
C ALA D 156 15.72 -15.41 3.14
N ASP D 157 15.07 -15.52 2.00
CA ASP D 157 14.96 -16.77 1.24
C ASP D 157 16.32 -17.27 0.79
N LEU D 158 17.32 -16.41 0.84
CA LEU D 158 18.66 -16.74 0.46
C LEU D 158 19.58 -16.97 1.68
N ILE D 159 19.03 -17.08 2.88
CA ILE D 159 19.86 -17.24 4.08
C ILE D 159 19.67 -18.62 4.71
N SER D 160 20.78 -19.27 5.05
CA SER D 160 20.76 -20.63 5.56
C SER D 160 20.88 -20.66 7.08
N TRP D 161 21.37 -19.58 7.68
CA TRP D 161 21.45 -19.47 9.11
C TRP D 161 21.51 -18.02 9.53
N GLY D 162 20.91 -17.72 10.67
CA GLY D 162 20.72 -16.36 11.10
C GLY D 162 21.22 -16.19 12.50
N ALA D 163 21.79 -15.04 12.79
CA ALA D 163 22.08 -14.70 14.16
C ALA D 163 21.19 -13.54 14.64
N ILE D 164 20.82 -13.61 15.90
CA ILE D 164 20.33 -12.46 16.64
C ILE D 164 21.45 -12.03 17.60
N GLY D 165 21.82 -10.77 17.51
CA GLY D 165 22.99 -10.24 18.19
C GLY D 165 22.87 -10.12 19.69
N ALA D 166 24.02 -9.93 20.33
CA ALA D 166 24.11 -9.88 21.78
C ALA D 166 23.26 -8.75 22.30
N ARG D 167 23.17 -7.68 21.51
CA ARG D 167 22.45 -6.47 21.88
C ARG D 167 20.94 -6.54 21.67
N THR D 168 20.48 -7.59 20.99
CA THR D 168 19.08 -7.73 20.65
C THR D 168 18.42 -9.05 21.05
N THR D 169 19.19 -9.92 21.69
CA THR D 169 18.69 -11.23 22.08
C THR D 169 17.53 -11.11 23.06
N GLU D 170 17.64 -10.15 23.97
CA GLU D 170 16.60 -9.94 25.02
C GLU D 170 15.36 -9.28 24.47
N SER D 171 15.45 -8.74 23.25
CA SER D 171 14.37 -7.97 22.66
C SER D 171 13.26 -8.87 22.13
N GLN D 172 12.04 -8.51 22.47
CA GLN D 172 10.90 -9.34 22.11
C GLN D 172 10.59 -9.28 20.64
N VAL D 173 10.86 -8.15 19.99
CA VAL D 173 10.55 -8.03 18.57
C VAL D 173 11.51 -8.91 17.72
N HIS D 174 12.74 -9.06 18.19
CA HIS D 174 13.71 -9.94 17.57
C HIS D 174 13.38 -11.39 17.83
N ARG D 175 12.89 -11.72 19.02
CA ARG D 175 12.42 -13.07 19.27
C ARG D 175 11.21 -13.40 18.39
N GLU D 176 10.37 -12.41 18.15
CA GLU D 176 9.19 -12.55 17.29
C GLU D 176 9.60 -12.84 15.85
N LEU D 177 10.50 -11.99 15.34
CA LEU D 177 11.10 -12.19 14.02
C LEU D 177 11.69 -13.60 13.84
N ALA D 178 12.48 -14.02 14.83
CA ALA D 178 13.13 -15.32 14.80
C ALA D 178 12.10 -16.42 14.71
N SER D 179 11.01 -16.25 15.44
CA SER D 179 9.94 -17.23 15.50
C SER D 179 9.34 -17.54 14.14
N GLY D 180 9.49 -16.63 13.20
CA GLY D 180 8.94 -16.77 11.86
C GLY D 180 9.98 -17.06 10.76
N LEU D 181 11.26 -17.04 11.08
CA LEU D 181 12.27 -17.37 10.06
C LEU D 181 12.30 -18.87 9.75
N SER D 182 12.52 -19.21 8.49
CA SER D 182 12.57 -20.60 8.06
C SER D 182 13.96 -21.21 8.24
N CYS D 183 14.93 -20.43 8.70
CA CYS D 183 16.25 -20.94 8.94
C CYS D 183 16.57 -21.06 10.41
N PRO D 184 17.52 -21.92 10.75
CA PRO D 184 17.97 -22.00 12.11
C PRO D 184 18.53 -20.67 12.54
N VAL D 185 18.51 -20.44 13.84
CA VAL D 185 18.85 -19.13 14.41
C VAL D 185 19.67 -19.29 15.68
N GLY D 186 20.74 -18.52 15.76
CA GLY D 186 21.60 -18.55 16.92
C GLY D 186 21.37 -17.28 17.73
N PHE D 187 21.10 -17.43 19.03
CA PHE D 187 20.94 -16.29 19.91
C PHE D 187 22.20 -16.13 20.73
N LYS D 188 22.78 -14.93 20.70
CA LYS D 188 24.00 -14.69 21.41
C LYS D 188 23.75 -14.28 22.81
N ASN D 189 24.64 -14.65 23.72
CA ASN D 189 24.56 -14.14 25.07
C ASN D 189 24.80 -12.64 25.08
N GLY D 190 24.37 -11.99 26.17
CA GLY D 190 24.38 -10.53 26.26
C GLY D 190 25.77 -9.98 26.34
N THR D 191 25.90 -8.67 26.12
CA THR D 191 27.24 -8.09 26.01
C THR D 191 28.04 -8.14 27.32
N ASP D 192 27.39 -8.30 28.46
CA ASP D 192 28.13 -8.52 29.71
C ASP D 192 28.21 -10.00 30.14
N GLY D 193 27.74 -10.91 29.30
CA GLY D 193 27.89 -12.34 29.57
C GLY D 193 26.63 -13.04 30.04
N ASN D 194 25.49 -12.37 30.01
CA ASN D 194 24.27 -13.03 30.44
C ASN D 194 23.86 -14.12 29.44
N LEU D 195 23.91 -15.37 29.87
CA LEU D 195 23.46 -16.48 29.06
C LEU D 195 21.96 -16.76 29.16
N LYS D 196 21.35 -16.54 30.31
CA LYS D 196 19.92 -16.83 30.46
C LYS D 196 19.03 -16.12 29.44
N ILE D 197 19.39 -14.91 29.04
CA ILE D 197 18.58 -14.23 28.01
C ILE D 197 18.53 -14.99 26.67
N ALA D 198 19.60 -15.71 26.34
CA ALA D 198 19.62 -16.48 25.10
C ALA D 198 18.80 -17.76 25.23
N ILE D 199 18.87 -18.39 26.39
CA ILE D 199 18.04 -19.55 26.68
C ILE D 199 16.56 -19.14 26.68
N ASP D 200 16.25 -18.04 27.36
CA ASP D 200 14.88 -17.50 27.31
C ASP D 200 14.48 -17.26 25.86
N ALA D 201 15.39 -16.72 25.06
CA ALA D 201 15.10 -16.41 23.68
C ALA D 201 14.76 -17.63 22.82
N ILE D 202 15.37 -18.78 23.07
CA ILE D 202 14.98 -19.98 22.37
C ILE D 202 13.55 -20.39 22.75
N GLY D 203 13.26 -20.32 24.04
CA GLY D 203 11.93 -20.61 24.53
C GLY D 203 10.94 -19.74 23.78
N ALA D 204 11.20 -18.44 23.78
CA ALA D 204 10.33 -17.52 23.08
C ALA D 204 10.17 -17.84 21.60
N ALA D 205 11.29 -17.95 20.90
CA ALA D 205 11.25 -18.08 19.46
C ALA D 205 10.72 -19.42 19.00
N SER D 206 10.81 -20.43 19.84
CA SER D 206 10.25 -21.73 19.49
C SER D 206 8.73 -21.74 19.53
N HIS D 207 8.11 -20.75 20.16
CA HIS D 207 6.64 -20.70 20.20
C HIS D 207 6.11 -19.88 19.03
N SER D 208 4.83 -20.08 18.74
CA SER D 208 4.08 -19.26 17.81
C SER D 208 3.84 -17.83 18.39
N HIS D 209 3.85 -16.83 17.52
CA HIS D 209 3.63 -15.44 17.93
C HIS D 209 2.70 -14.74 16.97
N HIS D 210 2.05 -13.70 17.45
CA HIS D 210 1.29 -12.80 16.62
C HIS D 210 1.86 -11.41 16.78
N PHE D 211 2.14 -10.74 15.67
CA PHE D 211 2.66 -9.39 15.75
C PHE D 211 2.55 -8.70 14.41
N LEU D 212 2.91 -7.42 14.39
CA LEU D 212 2.89 -6.67 13.18
C LEU D 212 4.22 -6.81 12.42
N SER D 213 4.10 -6.91 11.09
CA SER D 213 5.20 -7.09 10.13
C SER D 213 4.79 -6.57 8.74
N VAL D 214 5.73 -6.53 7.79
CA VAL D 214 5.42 -5.99 6.46
C VAL D 214 5.46 -7.08 5.42
N THR D 215 4.53 -7.05 4.48
CA THR D 215 4.43 -8.09 3.45
C THR D 215 5.44 -7.91 2.31
N LYS D 216 5.46 -8.89 1.41
CA LYS D 216 6.30 -8.83 0.23
C LYS D 216 5.88 -7.62 -0.63
N ALA D 217 4.64 -7.17 -0.48
CA ALA D 217 4.15 -6.02 -1.22
C ALA D 217 4.42 -4.65 -0.59
N GLY D 218 5.06 -4.62 0.56
CA GLY D 218 5.37 -3.37 1.24
C GLY D 218 4.28 -2.79 2.12
N HIS D 219 3.24 -3.56 2.44
CA HIS D 219 2.21 -3.07 3.35
C HIS D 219 2.34 -3.77 4.70
N SER D 220 1.95 -3.08 5.76
CA SER D 220 1.95 -3.65 7.12
C SER D 220 0.82 -4.63 7.26
N ALA D 221 1.05 -5.63 8.09
CA ALA D 221 0.09 -6.69 8.31
C ALA D 221 0.31 -7.38 9.64
N ILE D 222 -0.71 -8.11 10.07
CA ILE D 222 -0.60 -8.98 11.22
C ILE D 222 -0.07 -10.32 10.73
N VAL D 223 0.98 -10.84 11.34
CA VAL D 223 1.49 -12.18 10.99
C VAL D 223 1.37 -13.14 12.16
N HIS D 224 1.14 -14.42 11.86
CA HIS D 224 1.00 -15.47 12.87
C HIS D 224 2.10 -16.47 12.55
N THR D 225 3.14 -16.51 13.38
CA THR D 225 4.26 -17.38 13.12
C THR D 225 4.04 -18.75 13.76
N GLY D 226 4.65 -19.76 13.16
CA GLY D 226 4.53 -21.14 13.64
C GLY D 226 5.56 -21.55 14.68
N GLY D 227 6.55 -20.71 14.96
CA GLY D 227 7.61 -21.04 15.90
C GLY D 227 8.81 -21.60 15.16
N ASN D 228 10.00 -21.30 15.67
CA ASN D 228 11.23 -21.81 15.09
C ASN D 228 11.86 -22.90 15.97
N PRO D 229 11.74 -24.15 15.54
CA PRO D 229 12.23 -25.32 16.27
C PRO D 229 13.75 -25.37 16.44
N ASP D 230 14.48 -24.73 15.54
CA ASP D 230 15.90 -24.94 15.34
C ASP D 230 16.82 -23.87 15.94
N CYS D 231 16.39 -23.23 17.02
CA CYS D 231 17.19 -22.19 17.64
C CYS D 231 18.20 -22.80 18.61
N HIS D 232 19.28 -22.06 18.83
CA HIS D 232 20.31 -22.48 19.75
C HIS D 232 21.06 -21.27 20.27
N VAL D 233 21.92 -21.52 21.24
CA VAL D 233 22.64 -20.49 21.90
C VAL D 233 24.04 -20.31 21.31
N ILE D 234 24.58 -19.11 21.45
CA ILE D 234 25.94 -18.82 21.05
C ILE D 234 26.70 -18.17 22.22
N LEU D 235 27.86 -18.74 22.56
CA LEU D 235 28.70 -18.15 23.57
C LEU D 235 29.66 -17.18 22.90
N ARG D 236 29.50 -15.89 23.16
CA ARG D 236 30.35 -14.85 22.56
C ARG D 236 31.22 -14.03 23.53
N GLY D 237 31.30 -14.44 24.78
CA GLY D 237 32.00 -13.70 25.82
C GLY D 237 31.16 -12.63 26.47
N GLY D 238 31.63 -12.18 27.63
CA GLY D 238 31.07 -11.02 28.24
C GLY D 238 32.16 -10.24 28.94
N LYS D 239 32.01 -10.05 30.24
CA LYS D 239 33.05 -9.37 30.98
C LYS D 239 34.30 -10.22 30.90
N GLU D 240 34.07 -11.53 30.95
CA GLU D 240 35.10 -12.54 30.79
C GLU D 240 34.67 -13.52 29.70
N PRO D 241 35.61 -14.18 29.04
CA PRO D 241 35.26 -15.11 27.98
C PRO D 241 34.49 -16.31 28.50
N ASN D 242 33.55 -16.83 27.71
CA ASN D 242 32.80 -18.03 28.08
C ASN D 242 33.02 -19.29 27.24
N TYR D 243 34.06 -19.30 26.43
CA TYR D 243 34.35 -20.45 25.54
C TYR D 243 34.73 -21.81 26.16
N ASP D 244 35.47 -21.79 27.27
CA ASP D 244 36.16 -22.98 27.77
C ASP D 244 35.22 -24.08 28.25
N ALA D 245 35.78 -25.23 28.56
CA ALA D 245 35.00 -26.43 28.90
C ALA D 245 34.09 -26.22 30.09
N GLU D 246 34.60 -25.58 31.15
CA GLU D 246 33.80 -25.30 32.36
C GLU D 246 32.56 -24.53 31.92
N HIS D 247 32.78 -23.47 31.15
CA HIS D 247 31.69 -22.63 30.64
C HIS D 247 30.69 -23.33 29.73
N VAL D 248 31.17 -24.25 28.93
CA VAL D 248 30.32 -25.00 28.01
C VAL D 248 29.44 -25.94 28.79
N SER D 249 30.07 -26.64 29.71
CA SER D 249 29.39 -27.60 30.58
C SER D 249 28.28 -26.94 31.41
N GLU D 250 28.61 -25.79 31.99
CA GLU D 250 27.69 -24.97 32.78
C GLU D 250 26.50 -24.58 31.90
N ALA D 251 26.79 -24.12 30.69
CA ALA D 251 25.75 -23.73 29.77
C ALA D 251 24.85 -24.89 29.41
N ALA D 252 25.44 -26.06 29.19
CA ALA D 252 24.65 -27.22 28.74
C ALA D 252 23.69 -27.66 29.83
N GLU D 253 24.15 -27.59 31.07
CA GLU D 253 23.29 -27.96 32.21
C GLU D 253 22.09 -26.97 32.25
N GLN D 254 22.34 -25.67 32.07
CA GLN D 254 21.25 -24.67 32.05
C GLN D 254 20.28 -24.89 30.90
N LEU D 255 20.82 -25.28 29.75
CA LEU D 255 20.00 -25.55 28.59
C LEU D 255 19.08 -26.74 28.83
N ARG D 256 19.64 -27.84 29.34
CA ARG D 256 18.85 -29.03 29.64
C ARG D 256 17.77 -28.71 30.68
N ALA D 257 18.15 -27.95 31.71
CA ALA D 257 17.20 -27.51 32.74
C ALA D 257 16.01 -26.73 32.14
N ALA D 258 16.24 -25.92 31.12
CA ALA D 258 15.14 -25.22 30.46
C ALA D 258 14.39 -26.07 29.40
N GLY D 259 14.76 -27.33 29.22
CA GLY D 259 14.08 -28.19 28.24
C GLY D 259 14.35 -27.87 26.79
N VAL D 260 15.49 -27.26 26.50
CA VAL D 260 15.87 -26.91 25.12
C VAL D 260 17.18 -27.57 24.76
N THR D 261 17.55 -27.53 23.48
CA THR D 261 18.77 -28.17 23.04
C THR D 261 20.04 -27.71 23.77
N ASP D 262 20.85 -28.71 24.17
CA ASP D 262 22.14 -28.48 24.83
C ASP D 262 23.32 -28.50 23.88
N LYS D 263 23.04 -28.35 22.59
CA LYS D 263 24.09 -28.21 21.60
C LYS D 263 24.21 -26.73 21.33
N LEU D 264 25.42 -26.20 21.46
CA LEU D 264 25.63 -24.77 21.31
C LEU D 264 26.77 -24.43 20.35
N MET D 265 26.90 -23.15 20.08
CA MET D 265 27.90 -22.62 19.21
C MET D 265 28.79 -21.70 20.02
N ILE D 266 30.07 -21.64 19.66
CA ILE D 266 31.04 -20.77 20.34
C ILE D 266 31.61 -19.79 19.34
N ASP D 267 31.54 -18.51 19.66
CA ASP D 267 32.12 -17.47 18.83
C ASP D 267 33.57 -17.28 19.27
N CYS D 268 34.51 -17.47 18.33
CA CYS D 268 35.93 -17.22 18.56
C CYS D 268 36.27 -15.74 18.66
N SER D 269 35.42 -14.91 18.07
CA SER D 269 35.64 -13.48 18.00
C SER D 269 34.96 -12.70 19.13
N HIS D 270 35.00 -11.38 19.02
CA HIS D 270 34.30 -10.48 19.93
C HIS D 270 34.75 -10.61 21.38
N ALA D 271 33.82 -10.74 22.32
CA ALA D 271 34.24 -10.72 23.71
C ALA D 271 35.04 -11.97 24.10
N ASN D 272 35.01 -13.02 23.28
CA ASN D 272 35.83 -14.19 23.58
C ASN D 272 37.29 -14.01 23.16
N SER D 273 37.55 -13.08 22.25
CA SER D 273 38.90 -12.74 21.84
C SER D 273 39.36 -11.42 22.51
N ARG D 274 38.47 -10.83 23.29
CA ARG D 274 38.70 -9.52 23.93
C ARG D 274 38.99 -8.49 22.81
N LYS D 275 38.19 -8.58 21.75
CA LYS D 275 38.23 -7.65 20.60
C LYS D 275 39.67 -7.60 19.94
N ASP D 276 40.41 -8.72 20.00
CA ASP D 276 41.80 -8.85 19.51
C ASP D 276 41.79 -9.99 18.50
N TYR D 277 41.82 -9.63 17.23
CA TYR D 277 41.68 -10.63 16.19
C TYR D 277 42.72 -11.76 16.27
N THR D 278 43.92 -11.50 16.81
CA THR D 278 44.96 -12.54 16.91
C THR D 278 44.67 -13.62 17.96
N ARG D 279 43.58 -13.47 18.71
CA ARG D 279 43.23 -14.46 19.73
C ARG D 279 42.20 -15.48 19.29
N GLN D 280 41.59 -15.25 18.14
CA GLN D 280 40.60 -16.21 17.66
C GLN D 280 41.23 -17.60 17.55
N MET D 281 42.51 -17.64 17.20
CA MET D 281 43.18 -18.90 17.02
C MET D 281 43.31 -19.61 18.38
N GLU D 282 43.72 -18.88 19.41
CA GLU D 282 43.75 -19.47 20.77
C GLU D 282 42.43 -20.13 21.11
N VAL D 283 41.34 -19.42 20.82
CA VAL D 283 40.01 -19.91 21.16
C VAL D 283 39.69 -21.16 20.36
N ALA D 284 40.05 -21.12 19.08
CA ALA D 284 39.89 -22.29 18.23
C ALA D 284 40.68 -23.49 18.73
N GLN D 285 41.88 -23.24 19.23
CA GLN D 285 42.72 -24.30 19.75
C GLN D 285 42.08 -24.91 21.00
N ASP D 286 41.51 -24.06 21.85
CA ASP D 286 40.85 -24.54 23.05
C ASP D 286 39.63 -25.39 22.66
N ILE D 287 38.87 -24.93 21.69
CA ILE D 287 37.75 -25.69 21.17
C ILE D 287 38.20 -27.04 20.58
N ALA D 288 39.29 -27.00 19.81
CA ALA D 288 39.83 -28.22 19.24
C ALA D 288 40.16 -29.22 20.34
N ALA D 289 40.78 -28.74 21.41
CA ALA D 289 41.12 -29.61 22.52
C ALA D 289 39.87 -30.25 23.16
N GLN D 290 38.79 -29.47 23.27
CA GLN D 290 37.55 -29.98 23.83
C GLN D 290 36.95 -31.05 22.92
N LEU D 291 36.99 -30.81 21.61
CA LEU D 291 36.49 -31.78 20.66
C LEU D 291 37.26 -33.08 20.75
N GLU D 292 38.56 -32.98 20.99
CA GLU D 292 39.42 -34.16 21.22
C GLU D 292 39.07 -34.92 22.53
N GLN D 293 39.03 -34.22 23.66
CA GLN D 293 38.70 -34.87 24.95
C GLN D 293 37.23 -35.39 25.00
N ASP D 294 36.28 -34.54 24.66
CA ASP D 294 34.87 -34.91 24.63
C ASP D 294 34.08 -33.96 23.73
N GLY D 295 33.79 -32.77 24.27
CA GLY D 295 33.17 -31.69 23.50
C GLY D 295 31.83 -32.05 22.88
N GLY D 296 31.11 -32.97 23.51
CA GLY D 296 29.81 -33.44 23.01
C GLY D 296 28.71 -32.37 22.89
N ASN D 297 28.84 -31.27 23.64
CA ASN D 297 27.84 -30.20 23.57
C ASN D 297 28.08 -29.14 22.49
N ILE D 298 29.16 -29.27 21.74
CA ILE D 298 29.51 -28.25 20.73
C ILE D 298 29.01 -28.66 19.34
N MET D 299 28.27 -27.77 18.69
CA MET D 299 27.77 -28.05 17.35
C MET D 299 28.24 -27.03 16.35
N GLY D 300 28.91 -25.96 16.79
CA GLY D 300 29.33 -24.94 15.86
C GLY D 300 30.30 -23.95 16.42
N VAL D 301 30.99 -23.25 15.52
CA VAL D 301 31.81 -22.12 15.89
C VAL D 301 31.67 -21.01 14.89
N MET D 302 32.13 -19.84 15.31
CA MET D 302 31.99 -18.61 14.56
C MET D 302 33.34 -17.93 14.52
N VAL D 303 33.73 -17.46 13.34
CA VAL D 303 35.06 -16.90 13.15
C VAL D 303 34.99 -15.69 12.24
N GLU D 304 35.65 -14.61 12.64
CA GLU D 304 35.71 -13.41 11.83
C GLU D 304 36.99 -13.43 11.01
N SER D 305 36.81 -13.60 9.70
CA SER D 305 37.89 -13.88 8.76
C SER D 305 37.68 -13.07 7.49
N HIS D 306 38.77 -12.68 6.85
CA HIS D 306 38.73 -11.96 5.56
C HIS D 306 39.99 -12.30 4.74
N LEU D 307 40.11 -11.69 3.56
CA LEU D 307 41.23 -11.91 2.69
C LEU D 307 42.49 -11.42 3.41
N VAL D 308 42.38 -10.25 3.99
CA VAL D 308 43.49 -9.57 4.60
C VAL D 308 43.10 -9.32 6.04
N GLU D 309 44.06 -9.48 6.95
CA GLU D 309 43.82 -9.35 8.36
C GLU D 309 43.71 -7.88 8.83
N GLY D 310 43.16 -7.73 10.04
CA GLY D 310 43.03 -6.44 10.72
C GLY D 310 41.78 -5.67 10.35
N ARG D 311 41.86 -4.36 10.51
CA ARG D 311 40.75 -3.45 10.27
C ARG D 311 41.26 -2.08 9.84
N GLN D 312 40.38 -1.26 9.28
CA GLN D 312 40.73 0.08 8.79
C GLN D 312 39.48 0.95 8.85
N ASP D 313 39.67 2.24 9.11
CA ASP D 313 38.53 3.14 9.27
C ASP D 313 37.94 3.46 7.90
N LYS D 314 38.78 3.72 6.90
CA LYS D 314 38.30 4.05 5.56
C LYS D 314 38.56 2.78 4.69
N PRO D 315 37.71 2.54 3.67
CA PRO D 315 37.82 1.34 2.83
C PRO D 315 38.91 1.42 1.72
N GLU D 316 40.16 1.67 2.15
CA GLU D 316 41.28 1.93 1.23
C GLU D 316 41.89 0.60 0.72
N VAL D 317 42.16 -0.34 1.61
CA VAL D 317 42.71 -1.64 1.25
C VAL D 317 41.60 -2.66 0.94
N TYR D 318 41.70 -3.27 -0.23
CA TYR D 318 40.82 -4.34 -0.71
C TYR D 318 40.78 -5.52 0.23
N GLY D 319 39.60 -6.11 0.42
CA GLY D 319 39.44 -7.29 1.28
C GLY D 319 39.88 -7.18 2.73
N LYS D 320 39.87 -5.95 3.28
CA LYS D 320 40.19 -5.68 4.68
C LYS D 320 38.97 -5.03 5.35
N SER D 321 38.61 -5.53 6.54
CA SER D 321 37.41 -5.09 7.28
C SER D 321 37.41 -3.61 7.68
N ILE D 322 36.23 -2.99 7.58
CA ILE D 322 36.07 -1.63 8.06
C ILE D 322 35.27 -1.57 9.39
N THR D 323 34.78 -2.75 9.81
CA THR D 323 34.21 -3.02 11.13
C THR D 323 35.22 -3.78 12.02
N ASP D 324 34.79 -4.84 12.71
CA ASP D 324 35.72 -5.56 13.61
C ASP D 324 36.88 -6.19 12.83
N ALA D 325 38.05 -6.24 13.46
CA ALA D 325 39.24 -6.75 12.84
C ALA D 325 39.08 -8.25 12.60
N CYS D 326 39.54 -8.75 11.45
CA CYS D 326 39.45 -10.16 11.12
C CYS D 326 40.81 -10.79 10.98
N ILE D 327 40.89 -12.11 11.14
CA ILE D 327 42.08 -12.84 10.70
C ILE D 327 42.08 -12.89 9.19
N GLY D 328 43.27 -13.06 8.61
CA GLY D 328 43.46 -13.11 7.17
C GLY D 328 43.31 -14.51 6.60
N TRP D 329 43.59 -14.63 5.30
CA TRP D 329 43.35 -15.88 4.63
C TRP D 329 44.27 -17.01 5.11
N GLY D 330 45.55 -16.69 5.33
CA GLY D 330 46.52 -17.71 5.81
C GLY D 330 46.10 -18.33 7.12
N ALA D 331 45.86 -17.46 8.11
CA ALA D 331 45.36 -17.89 9.41
C ALA D 331 44.03 -18.67 9.27
N THR D 332 43.22 -18.27 8.31
CA THR D 332 41.96 -18.93 8.11
C THR D 332 42.20 -20.38 7.72
N GLU D 333 43.12 -20.61 6.80
CA GLU D 333 43.46 -21.98 6.42
C GLU D 333 43.95 -22.81 7.61
N GLU D 334 44.79 -22.23 8.46
CA GLU D 334 45.30 -22.93 9.62
C GLU D 334 44.14 -23.36 10.49
N LEU D 335 43.25 -22.40 10.76
CA LEU D 335 42.20 -22.59 11.72
C LEU D 335 41.28 -23.68 11.25
N LEU D 336 40.89 -23.65 9.99
CA LEU D 336 39.97 -24.67 9.51
C LEU D 336 40.61 -26.08 9.55
N ALA D 337 41.88 -26.18 9.18
CA ALA D 337 42.57 -27.49 9.26
C ALA D 337 42.63 -27.99 10.70
N LEU D 338 42.89 -27.08 11.63
CA LEU D 338 42.85 -27.39 13.07
C LEU D 338 41.51 -27.99 13.51
N LEU D 339 40.43 -27.28 13.21
CA LEU D 339 39.11 -27.74 13.59
C LEU D 339 38.71 -29.03 12.86
N ALA D 340 39.03 -29.14 11.58
CA ALA D 340 38.67 -30.33 10.84
C ALA D 340 39.35 -31.56 11.43
N GLY D 341 40.64 -31.44 11.74
CA GLY D 341 41.39 -32.56 12.29
C GLY D 341 40.82 -33.00 13.62
N ALA D 342 40.56 -32.01 14.47
CA ALA D 342 40.01 -32.28 15.80
C ALA D 342 38.63 -32.91 15.71
N ASN D 343 37.77 -32.41 14.84
CA ASN D 343 36.42 -32.97 14.78
C ASN D 343 36.34 -34.35 14.14
N LYS D 344 37.28 -34.66 13.27
CA LYS D 344 37.36 -35.98 12.69
C LYS D 344 37.48 -37.03 13.78
N LYS D 345 38.26 -36.70 14.80
CA LYS D 345 38.44 -37.57 15.97
C LYS D 345 37.19 -37.72 16.80
N ARG D 346 36.52 -36.62 17.07
CA ARG D 346 35.26 -36.69 17.79
C ARG D 346 34.25 -37.60 17.06
N MET D 347 34.14 -37.45 15.74
CA MET D 347 33.21 -38.26 14.94
C MET D 347 33.58 -39.76 14.91
N ALA D 348 34.87 -40.08 15.03
CA ALA D 348 35.34 -41.47 15.06
C ALA D 348 34.88 -42.29 16.28
N ARG D 349 34.67 -41.64 17.41
CA ARG D 349 34.03 -42.32 18.56
C ARG D 349 32.61 -42.88 18.23
#